data_3SIO
#
_entry.id   3SIO
#
_cell.length_a   143.218
_cell.length_b   142.366
_cell.length_c   144.477
_cell.angle_alpha   90.00
_cell.angle_beta   90.02
_cell.angle_gamma   90.00
#
_symmetry.space_group_name_H-M   'C 1 2 1'
#
loop_
_entity.id
_entity.type
_entity.pdbx_description
1 polymer 'Soluble acetylcholine receptor'
2 branched 2-acetamido-2-deoxy-beta-D-glucopyranose-(1-4)-2-acetamido-2-deoxy-beta-D-glucopyranose
3 branched alpha-D-mannopyranose-(1-3)-[alpha-D-mannopyranose-(1-6)]alpha-D-mannopyranose-(1-6)-[alpha-D-mannopyranose-(1-3)]beta-D-mannopyranose-(1-4)-2-acetamido-2-deoxy-beta-D-glucopyranose-(1-4)-2-acetamido-2-deoxy-beta-D-glucopyranose
4 branched alpha-D-mannopyranose-(1-3)-alpha-D-mannopyranose-(1-6)-[alpha-D-mannopyranose-(1-3)]beta-D-mannopyranose-(1-4)-2-acetamido-2-deoxy-beta-D-glucopyranose-(1-4)-2-acetamido-2-deoxy-beta-D-glucopyranose
5 non-polymer 2-acetamido-2-deoxy-beta-D-glucopyranose
6 non-polymer METHYLLYCACONITINE
7 non-polymer (4R)-2-METHYLPENTANE-2,4-DIOL
8 non-polymer (4S)-2-METHYL-2,4-PENTANEDIOL
9 water water
#
_entity_poly.entity_id   1
_entity_poly.type   'polypeptide(L)'
_entity_poly.pdbx_seq_one_letter_code
;DYKDDDDKLHSQANLMRLKSDLFNRSPMYPGPTKDDPLTVYLSFSLLDIVKADSSTNEVDLVYWEQQSWKLNSLMWDPNE
YGNITDFRTSAADIWTPDITAYSSTRPVQVLSPQNALVNSSGHVQYLPAQRLSFMCDPTGVDSEEGATCAVKFGSWSYGG
WEIDLKTDTDQVDLSSYYASSKYEILSATQTRQVQHYSCCPEPYIDVNLVVKFRERRAGNGFFRNLFDSR
;
_entity_poly.pdbx_strand_id   A,B,C,D,E,F,G,H,I,J
#
loop_
_chem_comp.id
_chem_comp.type
_chem_comp.name
_chem_comp.formula
BMA D-saccharide, beta linking beta-D-mannopyranose 'C6 H12 O6'
MAN D-saccharide, alpha linking alpha-D-mannopyranose 'C6 H12 O6'
MLK non-polymer METHYLLYCACONITINE 'C37 H50 N2 O10'
MPD non-polymer (4S)-2-METHYL-2,4-PENTANEDIOL 'C6 H14 O2'
MRD non-polymer (4R)-2-METHYLPENTANE-2,4-DIOL 'C6 H14 O2'
NAG D-saccharide, beta linking 2-acetamido-2-deoxy-beta-D-glucopyranose 'C8 H15 N O6'
#
# COMPACT_ATOMS: atom_id res chain seq x y z
N LYS A 3 -0.93 28.00 -25.08
CA LYS A 3 0.30 28.72 -25.42
C LYS A 3 0.88 29.44 -24.21
N ASP A 4 0.17 30.45 -23.73
CA ASP A 4 0.54 31.15 -22.52
C ASP A 4 0.13 30.28 -21.34
N ASP A 5 -0.97 29.54 -21.53
CA ASP A 5 -1.45 28.57 -20.55
C ASP A 5 -0.46 27.40 -20.42
N ASP A 6 0.36 27.20 -21.44
CA ASP A 6 1.39 26.16 -21.40
C ASP A 6 2.53 26.50 -20.46
N ASP A 7 3.00 27.74 -20.51
CA ASP A 7 4.09 28.18 -19.64
C ASP A 7 3.64 28.13 -18.18
N LYS A 8 2.45 28.66 -17.92
CA LYS A 8 1.88 28.60 -16.58
C LYS A 8 1.80 27.15 -16.10
N LEU A 9 1.31 26.26 -16.96
CA LEU A 9 1.27 24.84 -16.67
C LEU A 9 2.66 24.31 -16.33
N HIS A 10 3.68 24.78 -17.05
CA HIS A 10 5.05 24.32 -16.82
C HIS A 10 5.61 24.77 -15.48
N SER A 11 5.25 25.99 -15.06
CA SER A 11 5.77 26.51 -13.80
C SER A 11 5.10 25.81 -12.61
N GLN A 12 3.88 25.33 -12.81
CA GLN A 12 3.20 24.54 -11.80
C GLN A 12 3.94 23.22 -11.63
N ALA A 13 4.18 22.54 -12.75
CA ALA A 13 4.94 21.30 -12.75
C ALA A 13 6.29 21.49 -12.06
N ASN A 14 6.92 22.63 -12.31
CA ASN A 14 8.20 22.91 -11.69
C ASN A 14 8.09 22.96 -10.17
N LEU A 15 7.14 23.74 -9.67
CA LEU A 15 6.90 23.86 -8.25
C LEU A 15 6.60 22.51 -7.62
N MET A 16 5.73 21.74 -8.25
CA MET A 16 5.36 20.42 -7.76
C MET A 16 6.56 19.50 -7.72
N ARG A 17 7.41 19.59 -8.75
CA ARG A 17 8.62 18.78 -8.81
C ARG A 17 9.57 19.12 -7.66
N LEU A 18 9.71 20.42 -7.38
CA LEU A 18 10.57 20.87 -6.29
C LEU A 18 10.05 20.36 -4.92
N LYS A 19 8.75 20.51 -4.68
CA LYS A 19 8.17 20.04 -3.42
C LYS A 19 8.36 18.54 -3.26
N SER A 20 8.04 17.78 -4.31
CA SER A 20 8.23 16.34 -4.28
C SER A 20 9.68 15.98 -3.92
N ASP A 21 10.63 16.65 -4.57
CA ASP A 21 12.06 16.36 -4.33
C ASP A 21 12.47 16.71 -2.90
N LEU A 22 11.98 17.80 -2.39
CA LEU A 22 12.27 18.20 -1.04
C LEU A 22 11.61 17.37 0.03
N PHE A 23 10.35 17.04 -0.16
CA PHE A 23 9.58 16.36 0.85
C PHE A 23 9.37 14.89 0.69
N ASN A 24 8.85 14.48 -0.44
CA ASN A 24 8.67 13.07 -0.75
C ASN A 24 9.96 12.30 -0.92
N ARG A 25 10.99 12.95 -1.46
CA ARG A 25 12.22 12.28 -1.77
C ARG A 25 13.17 12.26 -0.63
N SER A 26 12.75 12.70 0.54
CA SER A 26 13.56 12.44 1.73
C SER A 26 12.87 12.41 3.09
N PRO A 27 13.48 11.77 4.05
CA PRO A 27 12.90 11.66 5.38
C PRO A 27 12.95 12.99 6.03
N MET A 28 11.94 13.35 6.80
CA MET A 28 11.94 14.70 7.36
C MET A 28 13.11 14.94 8.31
N TYR A 29 13.57 16.19 8.36
CA TYR A 29 14.63 16.60 9.26
C TYR A 29 14.26 16.18 10.67
N PRO A 30 15.12 15.39 11.33
CA PRO A 30 14.94 14.81 12.65
C PRO A 30 14.95 15.85 13.76
N GLY A 31 15.32 17.09 13.45
CA GLY A 31 15.43 18.13 14.44
C GLY A 31 16.90 18.36 14.74
N PRO A 32 17.23 19.45 15.45
CA PRO A 32 18.64 19.71 15.73
C PRO A 32 19.23 18.77 16.79
N THR A 33 20.55 18.69 16.80
CA THR A 33 21.29 17.96 17.83
C THR A 33 22.53 18.74 18.22
N LYS A 34 23.16 18.27 19.28
CA LYS A 34 24.45 18.76 19.79
C LYS A 34 25.52 18.86 18.68
N ASP A 35 25.53 17.91 17.76
CA ASP A 35 26.48 17.89 16.65
C ASP A 35 25.98 18.66 15.44
N ASP A 36 24.72 19.06 15.47
CA ASP A 36 24.12 19.80 14.37
C ASP A 36 23.13 20.84 14.90
N PRO A 37 23.64 21.88 15.56
CA PRO A 37 22.74 22.80 16.24
C PRO A 37 22.03 23.75 15.26
N LEU A 38 20.97 24.37 15.74
CA LEU A 38 20.15 25.22 14.92
C LEU A 38 19.95 26.57 15.62
N THR A 39 20.09 27.65 14.87
CA THR A 39 19.76 28.96 15.40
C THR A 39 18.37 29.39 14.94
N VAL A 40 17.52 29.77 15.87
CA VAL A 40 16.18 30.26 15.54
C VAL A 40 16.03 31.74 15.87
N TYR A 41 15.74 32.56 14.87
CA TYR A 41 15.48 33.98 15.11
C TYR A 41 14.02 34.26 15.51
N LEU A 42 13.84 35.02 16.58
CA LEU A 42 12.52 35.36 17.11
C LEU A 42 12.28 36.86 17.12
N SER A 43 11.09 37.27 16.69
CA SER A 43 10.69 38.66 16.83
CA SER A 43 10.69 38.66 16.80
C SER A 43 9.19 38.76 17.04
N PHE A 44 8.77 39.75 17.81
CA PHE A 44 7.36 39.88 18.16
C PHE A 44 6.77 41.19 17.66
N SER A 45 5.57 41.12 17.09
CA SER A 45 4.77 42.32 16.85
C SER A 45 3.53 42.23 17.75
N LEU A 46 3.29 43.23 18.58
CA LEU A 46 2.12 43.22 19.45
CA LEU A 46 2.11 43.21 19.45
C LEU A 46 0.92 43.86 18.77
N LEU A 47 -0.14 43.06 18.56
CA LEU A 47 -1.39 43.60 18.02
C LEU A 47 -2.37 44.26 19.01
N ASP A 48 -2.70 43.55 20.09
CA ASP A 48 -3.68 44.05 21.02
C ASP A 48 -3.49 43.44 22.40
N ILE A 49 -3.67 44.22 23.47
CA ILE A 49 -3.89 43.60 24.75
C ILE A 49 -5.40 43.54 24.91
N VAL A 50 -5.98 42.35 24.89
CA VAL A 50 -7.42 42.22 24.82
C VAL A 50 -8.06 42.39 26.19
N LYS A 51 -7.45 41.75 27.18
CA LYS A 51 -8.08 41.68 28.48
C LYS A 51 -7.02 41.62 29.56
N ALA A 52 -7.28 42.27 30.69
CA ALA A 52 -6.42 42.18 31.85
C ALA A 52 -7.30 41.81 33.02
N ASP A 53 -7.13 40.62 33.55
CA ASP A 53 -8.07 40.11 34.55
C ASP A 53 -7.39 40.12 35.92
N SER A 54 -7.83 41.02 36.78
CA SER A 54 -7.18 41.23 38.06
C SER A 54 -7.71 40.25 39.11
N SER A 55 -8.77 39.55 38.77
CA SER A 55 -9.29 38.55 39.69
C SER A 55 -8.52 37.23 39.62
N THR A 56 -8.05 36.85 38.43
CA THR A 56 -7.13 35.72 38.26
C THR A 56 -5.64 35.98 38.03
N ASN A 57 -5.26 37.24 37.87
CA ASN A 57 -3.90 37.58 37.40
C ASN A 57 -3.44 36.89 36.09
N GLU A 58 -4.28 37.06 35.07
CA GLU A 58 -4.03 36.60 33.70
C GLU A 58 -4.27 37.77 32.77
N VAL A 59 -3.44 37.88 31.74
CA VAL A 59 -3.61 38.88 30.70
C VAL A 59 -3.66 38.16 29.37
N ASP A 60 -4.43 38.72 28.43
CA ASP A 60 -4.63 38.13 27.11
C ASP A 60 -4.07 39.05 26.05
N LEU A 61 -3.09 38.54 25.30
CA LEU A 61 -2.43 39.27 24.23
C LEU A 61 -2.69 38.64 22.87
N VAL A 62 -2.89 39.49 21.87
CA VAL A 62 -2.87 39.03 20.49
C VAL A 62 -1.59 39.59 19.89
N TYR A 63 -0.78 38.73 19.29
CA TYR A 63 0.50 39.13 18.72
C TYR A 63 0.82 38.22 17.55
N TRP A 64 1.78 38.62 16.72
CA TRP A 64 2.35 37.67 15.77
C TRP A 64 3.78 37.44 16.18
N GLU A 65 4.21 36.19 16.07
CA GLU A 65 5.55 35.83 16.45
C GLU A 65 6.30 35.40 15.19
N GLN A 66 7.32 36.15 14.81
CA GLN A 66 8.12 35.75 13.65
C GLN A 66 9.24 34.77 14.03
N GLN A 67 9.28 33.65 13.35
CA GLN A 67 10.32 32.67 13.58
C GLN A 67 10.99 32.38 12.26
N SER A 68 12.32 32.33 12.27
CA SER A 68 13.04 31.92 11.08
C SER A 68 14.29 31.11 11.41
N TRP A 69 14.61 30.19 10.53
CA TRP A 69 15.77 29.33 10.69
C TRP A 69 16.19 28.86 9.32
N LYS A 70 17.28 28.12 9.26
CA LYS A 70 17.84 27.69 7.98
C LYS A 70 18.22 26.21 8.07
N LEU A 71 17.78 25.42 7.09
CA LEU A 71 18.15 24.01 7.01
C LEU A 71 18.86 23.75 5.69
N ASN A 72 19.96 23.02 5.72
CA ASN A 72 20.69 22.72 4.50
C ASN A 72 19.85 21.80 3.63
N SER A 73 19.01 21.01 4.28
CA SER A 73 18.14 20.06 3.59
C SER A 73 16.95 20.73 2.88
N LEU A 74 16.76 22.03 3.10
CA LEU A 74 15.76 22.80 2.35
C LEU A 74 16.32 23.60 1.17
N MET A 75 17.61 23.44 0.89
CA MET A 75 18.26 24.19 -0.19
C MET A 75 17.98 23.59 -1.54
N TRP A 76 17.99 24.43 -2.55
CA TRP A 76 17.95 23.93 -3.92
C TRP A 76 18.54 24.95 -4.87
N ASP A 77 18.94 24.47 -6.04
CA ASP A 77 19.41 25.35 -7.10
C ASP A 77 18.23 25.81 -7.94
N PRO A 78 17.89 27.10 -7.87
CA PRO A 78 16.78 27.63 -8.66
C PRO A 78 16.84 27.29 -10.15
N ASN A 79 18.04 27.09 -10.68
CA ASN A 79 18.24 26.83 -12.10
C ASN A 79 17.67 25.50 -12.60
N GLU A 80 17.61 24.52 -11.70
CA GLU A 80 17.03 23.23 -12.04
C GLU A 80 15.51 23.20 -11.84
N TYR A 81 15.02 24.24 -11.18
CA TYR A 81 13.61 24.49 -10.88
C TYR A 81 12.93 25.72 -11.52
N GLY A 82 13.23 26.02 -12.75
CA GLY A 82 12.42 26.96 -13.53
C GLY A 82 12.55 28.32 -12.88
N ASN A 83 13.65 28.48 -12.16
CA ASN A 83 13.97 29.71 -11.44
C ASN A 83 13.05 30.08 -10.28
N ILE A 84 12.43 29.07 -9.67
CA ILE A 84 11.70 29.31 -8.43
C ILE A 84 12.72 29.61 -7.32
N THR A 85 12.64 30.80 -6.73
CA THR A 85 13.50 31.12 -5.60
C THR A 85 12.85 30.93 -4.21
N ASP A 86 11.53 30.76 -4.19
CA ASP A 86 10.84 30.50 -2.94
C ASP A 86 9.45 29.89 -3.15
N PHE A 87 8.89 29.31 -2.11
CA PHE A 87 7.51 28.90 -2.18
C PHE A 87 6.81 28.97 -0.81
N ARG A 88 5.48 28.98 -0.85
CA ARG A 88 4.66 28.91 0.35
C ARG A 88 4.25 27.47 0.55
N THR A 89 4.24 27.02 1.79
CA THR A 89 3.87 25.66 2.09
C THR A 89 3.15 25.55 3.43
N SER A 90 2.31 24.54 3.55
CA SER A 90 1.70 24.18 4.81
C SER A 90 2.79 23.92 5.86
N ALA A 91 2.60 24.43 7.07
CA ALA A 91 3.55 24.20 8.14
C ALA A 91 3.66 22.73 8.56
N ALA A 92 2.64 21.93 8.27
CA ALA A 92 2.70 20.50 8.61
C ALA A 92 3.73 19.76 7.75
N ASP A 93 4.07 20.32 6.60
CA ASP A 93 5.00 19.66 5.68
C ASP A 93 6.47 19.76 6.12
N ILE A 94 6.78 20.71 7.00
CA ILE A 94 8.16 20.89 7.40
C ILE A 94 8.32 20.85 8.90
N TRP A 95 9.53 20.57 9.35
CA TRP A 95 9.83 20.66 10.76
C TRP A 95 9.68 22.11 11.20
N THR A 96 9.10 22.31 12.38
CA THR A 96 9.04 23.62 12.97
C THR A 96 9.51 23.48 14.42
N PRO A 97 10.11 24.54 14.96
CA PRO A 97 10.63 24.45 16.33
C PRO A 97 9.53 24.53 17.39
N ASP A 98 9.86 24.02 18.56
CA ASP A 98 8.96 23.78 19.69
C ASP A 98 8.81 25.00 20.62
N ILE A 99 9.16 26.17 20.11
CA ILE A 99 9.08 27.41 20.88
C ILE A 99 7.73 27.58 21.57
N THR A 100 7.74 28.02 22.82
CA THR A 100 6.55 28.03 23.66
C THR A 100 6.64 29.17 24.65
N ALA A 101 5.48 29.68 25.06
CA ALA A 101 5.42 30.65 26.14
C ALA A 101 5.44 29.87 27.47
N TYR A 102 6.42 30.16 28.33
CA TYR A 102 6.61 29.36 29.54
C TYR A 102 5.57 29.59 30.64
N SER A 103 5.00 30.79 30.67
CA SER A 103 3.97 31.21 31.63
C SER A 103 2.54 31.36 31.08
N SER A 104 2.22 30.64 30.01
CA SER A 104 0.83 30.50 29.58
C SER A 104 -0.08 29.79 30.58
N THR A 105 -1.29 30.32 30.76
CA THR A 105 -2.33 29.65 31.56
C THR A 105 -3.44 28.89 30.81
N ARG A 106 -3.40 28.90 29.48
CA ARG A 106 -4.39 28.20 28.67
CA ARG A 106 -4.38 28.27 28.63
C ARG A 106 -3.70 27.87 27.36
N PRO A 107 -4.18 26.87 26.61
CA PRO A 107 -3.56 26.56 25.33
C PRO A 107 -3.60 27.80 24.43
N VAL A 108 -2.51 28.08 23.74
CA VAL A 108 -2.47 29.18 22.79
C VAL A 108 -3.47 28.93 21.69
N GLN A 109 -4.14 29.99 21.25
CA GLN A 109 -5.06 29.89 20.12
C GLN A 109 -4.42 30.48 18.85
N VAL A 110 -4.50 29.73 17.76
CA VAL A 110 -3.89 30.13 16.50
C VAL A 110 -4.90 30.92 15.69
N LEU A 111 -4.54 32.17 15.37
CA LEU A 111 -5.44 33.07 14.65
C LEU A 111 -5.18 33.17 13.15
N SER A 112 -4.15 32.52 12.65
CA SER A 112 -3.79 32.65 11.24
C SER A 112 -3.57 31.28 10.61
N PRO A 113 -3.76 31.18 9.29
CA PRO A 113 -3.55 29.91 8.57
C PRO A 113 -2.14 29.44 8.85
N GLN A 114 -1.90 28.14 8.99
CA GLN A 114 -0.55 27.79 9.38
C GLN A 114 0.23 27.34 8.15
N ASN A 115 0.98 28.29 7.61
CA ASN A 115 1.81 28.01 6.46
CA ASN A 115 1.78 28.08 6.41
C ASN A 115 3.08 28.83 6.57
N ALA A 116 4.14 28.34 5.93
CA ALA A 116 5.44 28.99 6.05
C ALA A 116 5.97 29.33 4.68
N LEU A 117 6.94 30.24 4.65
CA LEU A 117 7.65 30.62 3.44
C LEU A 117 9.05 30.03 3.46
N VAL A 118 9.42 29.34 2.39
CA VAL A 118 10.73 28.68 2.30
C VAL A 118 11.49 29.25 1.11
N ASN A 119 12.76 29.62 1.27
CA ASN A 119 13.50 30.03 0.09
C ASN A 119 14.65 29.10 -0.28
N SER A 120 15.28 29.39 -1.41
CA SER A 120 16.23 28.46 -2.07
C SER A 120 17.52 28.24 -1.28
N SER A 121 17.87 29.20 -0.44
CA SER A 121 19.02 29.08 0.43
C SER A 121 18.69 28.31 1.71
N GLY A 122 17.47 27.81 1.82
CA GLY A 122 17.12 26.92 2.92
C GLY A 122 16.48 27.62 4.10
N HIS A 123 16.23 28.92 3.96
CA HIS A 123 15.61 29.67 5.03
CA HIS A 123 15.61 29.72 5.00
C HIS A 123 14.10 29.47 5.08
N VAL A 124 13.60 29.33 6.30
CA VAL A 124 12.18 29.20 6.56
C VAL A 124 11.72 30.42 7.32
N GLN A 125 10.56 30.91 6.97
CA GLN A 125 9.95 32.02 7.69
C GLN A 125 8.53 31.63 8.05
N TYR A 126 8.22 31.67 9.33
CA TYR A 126 6.96 31.20 9.85
C TYR A 126 6.42 32.25 10.82
N LEU A 127 5.19 32.67 10.59
CA LEU A 127 4.68 33.82 11.31
C LEU A 127 3.28 33.56 11.92
N PRO A 128 3.20 32.70 12.95
CA PRO A 128 1.89 32.47 13.53
C PRO A 128 1.33 33.67 14.27
N ALA A 129 0.09 34.03 13.99
CA ALA A 129 -0.61 34.99 14.84
C ALA A 129 -1.31 34.23 15.97
N GLN A 130 -1.16 34.72 17.20
CA GLN A 130 -1.63 33.98 18.36
C GLN A 130 -2.40 34.86 19.35
N ARG A 131 -3.39 34.25 20.01
CA ARG A 131 -3.91 34.83 21.24
C ARG A 131 -3.44 33.99 22.43
N LEU A 132 -2.83 34.67 23.39
CA LEU A 132 -2.18 34.03 24.54
C LEU A 132 -2.68 34.59 25.87
N SER A 133 -3.07 33.70 26.79
CA SER A 133 -3.32 34.11 28.18
C SER A 133 -2.10 33.72 29.01
N PHE A 134 -1.54 34.66 29.74
CA PHE A 134 -0.36 34.34 30.53
C PHE A 134 -0.44 34.94 31.93
N MET A 135 0.44 34.48 32.81
CA MET A 135 0.41 34.93 34.20
C MET A 135 0.93 36.35 34.25
N CYS A 136 0.08 37.24 34.73
CA CYS A 136 0.46 38.62 34.90
C CYS A 136 -0.38 39.32 35.96
N ASP A 137 0.26 40.15 36.77
CA ASP A 137 -0.47 40.95 37.74
C ASP A 137 -0.61 42.35 37.19
N PRO A 138 -1.81 42.75 36.87
CA PRO A 138 -2.11 43.99 36.22
C PRO A 138 -2.17 45.20 37.13
N THR A 139 -1.92 44.99 38.40
CA THR A 139 -1.93 46.10 39.37
C THR A 139 -1.12 47.27 38.86
N GLY A 140 -1.70 48.46 38.91
CA GLY A 140 -1.05 49.66 38.42
C GLY A 140 -1.56 50.06 37.05
N VAL A 141 -2.31 49.16 36.42
CA VAL A 141 -2.80 49.39 35.07
C VAL A 141 -3.69 50.65 35.04
N ASP A 142 -4.27 50.97 36.18
CA ASP A 142 -5.15 52.13 36.34
C ASP A 142 -4.42 53.42 36.74
N SER A 143 -3.09 53.38 36.83
CA SER A 143 -2.35 54.59 37.17
C SER A 143 -1.54 55.05 35.97
N GLU A 144 -0.86 56.18 36.10
CA GLU A 144 -0.10 56.71 34.99
C GLU A 144 1.21 55.95 34.83
N GLU A 145 1.70 55.38 35.91
CA GLU A 145 2.93 54.59 35.85
CA GLU A 145 2.93 54.58 35.88
C GLU A 145 2.70 53.30 35.06
N GLY A 146 1.50 52.73 35.21
CA GLY A 146 1.13 51.53 34.48
C GLY A 146 1.49 50.23 35.17
N ALA A 147 1.18 49.11 34.52
CA ALA A 147 1.56 47.79 35.03
C ALA A 147 2.62 47.20 34.11
N THR A 148 3.46 46.34 34.67
CA THR A 148 4.51 45.71 33.88
C THR A 148 4.28 44.22 33.88
N CYS A 149 4.63 43.58 32.77
CA CYS A 149 4.49 42.13 32.67
C CYS A 149 5.52 41.52 31.76
N ALA A 150 5.92 40.30 32.09
CA ALA A 150 6.95 39.62 31.35
C ALA A 150 6.51 38.21 31.15
N VAL A 151 6.82 37.66 29.98
CA VAL A 151 6.62 36.26 29.73
C VAL A 151 7.83 35.77 28.93
N LYS A 152 8.38 34.63 29.32
CA LYS A 152 9.52 34.06 28.58
C LYS A 152 9.10 33.04 27.52
N PHE A 153 9.79 33.09 26.38
CA PHE A 153 9.57 32.20 25.24
C PHE A 153 10.86 31.43 24.95
N GLY A 154 10.73 30.15 24.65
CA GLY A 154 11.87 29.33 24.29
C GLY A 154 11.41 27.93 23.95
N SER A 155 12.36 27.10 23.53
CA SER A 155 12.12 25.71 23.25
C SER A 155 11.67 24.97 24.52
N TRP A 156 10.73 24.04 24.38
CA TRP A 156 10.32 23.28 25.54
C TRP A 156 11.27 22.13 25.83
N SER A 157 11.66 21.41 24.78
CA SER A 157 12.55 20.25 24.87
C SER A 157 14.03 20.33 24.50
N TYR A 158 14.50 21.46 24.00
CA TYR A 158 15.89 21.54 23.53
C TYR A 158 16.67 22.60 24.30
N GLY A 159 17.86 22.23 24.77
CA GLY A 159 18.72 23.19 25.44
C GLY A 159 19.48 24.03 24.43
N GLY A 160 20.31 24.92 24.97
CA GLY A 160 21.15 25.81 24.19
C GLY A 160 22.18 25.16 23.28
N TRP A 161 22.56 23.91 23.55
CA TRP A 161 23.51 23.23 22.68
C TRP A 161 22.85 22.73 21.41
N GLU A 162 21.52 22.65 21.41
CA GLU A 162 20.74 22.19 20.25
C GLU A 162 20.07 23.35 19.50
N ILE A 163 19.23 24.10 20.21
CA ILE A 163 18.66 25.31 19.65
C ILE A 163 19.19 26.58 20.31
N ASP A 164 19.73 27.48 19.53
CA ASP A 164 20.13 28.79 20.04
C ASP A 164 19.12 29.84 19.52
N LEU A 165 18.58 30.66 20.42
CA LEU A 165 17.69 31.75 20.04
C LEU A 165 18.43 33.07 19.89
N LYS A 166 18.00 33.88 18.91
CA LYS A 166 18.50 35.23 18.71
C LYS A 166 17.35 36.15 18.37
N THR A 167 17.52 37.44 18.65
CA THR A 167 16.56 38.45 18.21
C THR A 167 17.24 39.42 17.26
N ASP A 168 16.46 39.93 16.30
CA ASP A 168 16.96 40.93 15.34
C ASP A 168 17.19 42.26 16.04
N THR A 169 16.34 42.57 17.01
CA THR A 169 16.39 43.83 17.74
C THR A 169 15.71 43.60 19.06
N ASP A 170 15.95 44.48 20.03
CA ASP A 170 15.37 44.33 21.36
C ASP A 170 14.06 45.10 21.52
N GLN A 171 13.68 45.81 20.47
CA GLN A 171 12.41 46.53 20.43
C GLN A 171 11.33 45.67 19.78
N VAL A 172 10.27 45.40 20.54
CA VAL A 172 9.08 44.73 20.01
C VAL A 172 8.42 45.64 18.97
N ASP A 173 7.91 45.06 17.89
CA ASP A 173 7.30 45.87 16.86
C ASP A 173 5.88 46.28 17.31
N LEU A 174 5.68 47.59 17.45
CA LEU A 174 4.39 48.16 17.82
C LEU A 174 3.58 48.77 16.67
N SER A 175 4.13 48.78 15.46
CA SER A 175 3.55 49.58 14.40
C SER A 175 2.14 49.12 14.05
N SER A 176 1.84 47.85 14.32
CA SER A 176 0.50 47.32 14.05
C SER A 176 -0.42 47.30 15.27
N TYR A 177 0.05 47.81 16.41
CA TYR A 177 -0.77 47.76 17.61
C TYR A 177 -2.11 48.49 17.39
N TYR A 178 -3.20 47.91 17.88
CA TYR A 178 -4.52 48.48 17.64
C TYR A 178 -4.67 49.80 18.40
N ALA A 179 -4.98 50.85 17.65
CA ALA A 179 -4.96 52.21 18.20
C ALA A 179 -6.07 52.42 19.19
N SER A 180 -7.17 51.69 19.00
CA SER A 180 -8.35 51.80 19.87
C SER A 180 -8.43 50.77 21.01
N SER A 181 -7.37 50.01 21.22
CA SER A 181 -7.33 49.02 22.29
C SER A 181 -7.67 49.61 23.67
N LYS A 182 -8.26 48.82 24.56
CA LYS A 182 -8.50 49.30 25.93
C LYS A 182 -7.19 49.68 26.63
N TYR A 183 -6.08 49.15 26.15
CA TYR A 183 -4.80 49.37 26.80
C TYR A 183 -3.78 49.97 25.84
N GLU A 184 -3.03 50.92 26.39
CA GLU A 184 -2.00 51.69 25.71
C GLU A 184 -0.65 51.07 26.06
N ILE A 185 0.26 50.95 25.09
CA ILE A 185 1.60 50.41 25.37
C ILE A 185 2.66 51.50 25.66
N LEU A 186 3.22 51.50 26.88
CA LEU A 186 4.31 52.41 27.24
C LEU A 186 5.66 51.94 26.67
N SER A 187 5.95 50.65 26.81
CA SER A 187 7.07 50.05 26.09
C SER A 187 6.94 48.53 26.00
N ALA A 188 7.62 47.96 25.01
CA ALA A 188 7.74 46.53 24.90
C ALA A 188 9.14 46.17 24.44
N THR A 189 9.80 45.29 25.18
CA THR A 189 11.14 44.86 24.82
C THR A 189 11.17 43.35 24.72
N GLN A 190 12.04 42.83 23.86
CA GLN A 190 12.23 41.41 23.67
C GLN A 190 13.72 41.17 23.79
N THR A 191 14.12 40.44 24.83
CA THR A 191 15.55 40.32 25.18
C THR A 191 15.99 38.86 25.33
N ARG A 192 16.99 38.47 24.56
CA ARG A 192 17.63 37.18 24.71
C ARG A 192 18.27 37.03 26.10
N GLN A 193 18.09 35.86 26.73
CA GLN A 193 18.64 35.59 28.06
C GLN A 193 19.27 34.21 28.13
N VAL A 194 20.37 34.10 28.86
CA VAL A 194 20.96 32.79 29.13
C VAL A 194 20.71 32.34 30.56
N GLN A 195 20.05 31.19 30.67
CA GLN A 195 19.66 30.64 31.95
C GLN A 195 20.55 29.46 32.31
N HIS A 196 20.91 29.37 33.58
CA HIS A 196 21.68 28.23 34.09
C HIS A 196 20.97 27.54 35.25
N TYR A 197 21.04 26.22 35.27
CA TYR A 197 20.55 25.44 36.39
C TYR A 197 21.70 24.65 37.00
N SER A 198 21.63 24.44 38.31
CA SER A 198 22.66 23.73 39.07
C SER A 198 22.87 22.29 38.61
N CYS A 199 21.80 21.66 38.15
CA CYS A 199 21.82 20.25 37.77
C CYS A 199 22.55 20.01 36.46
N CYS A 200 22.74 21.06 35.65
CA CYS A 200 23.16 20.82 34.27
C CYS A 200 24.23 21.74 33.74
N PRO A 201 25.17 21.17 33.01
CA PRO A 201 26.20 21.88 32.25
C PRO A 201 25.61 22.70 31.09
N GLU A 202 24.58 22.19 30.43
CA GLU A 202 24.00 22.85 29.25
C GLU A 202 23.26 24.14 29.61
N PRO A 203 23.59 25.25 28.93
CA PRO A 203 22.83 26.48 29.11
C PRO A 203 21.46 26.41 28.40
N TYR A 204 20.49 27.19 28.89
CA TYR A 204 19.15 27.22 28.32
C TYR A 204 18.79 28.64 27.88
N ILE A 205 18.34 28.78 26.64
CA ILE A 205 18.14 30.11 26.11
C ILE A 205 16.67 30.48 26.08
N ASP A 206 16.37 31.74 26.37
CA ASP A 206 14.98 32.23 26.21
C ASP A 206 14.95 33.68 25.73
N VAL A 207 13.80 34.10 25.24
CA VAL A 207 13.58 35.50 24.94
C VAL A 207 12.53 36.07 25.87
N ASN A 208 12.91 37.11 26.59
CA ASN A 208 12.02 37.66 27.59
C ASN A 208 11.24 38.84 27.02
N LEU A 209 9.92 38.72 27.00
CA LEU A 209 9.06 39.75 26.44
C LEU A 209 8.47 40.54 27.59
N VAL A 210 8.88 41.81 27.69
CA VAL A 210 8.45 42.66 28.79
C VAL A 210 7.61 43.79 28.24
N VAL A 211 6.42 43.97 28.81
CA VAL A 211 5.48 44.94 28.29
C VAL A 211 4.96 45.79 29.43
N LYS A 212 5.06 47.12 29.26
CA LYS A 212 4.48 48.07 30.21
C LYS A 212 3.30 48.68 29.51
N PHE A 213 2.18 48.73 30.22
CA PHE A 213 0.92 49.12 29.59
C PHE A 213 -0.01 49.68 30.65
N ARG A 214 -0.98 50.47 30.21
CA ARG A 214 -1.95 51.05 31.13
C ARG A 214 -3.25 51.30 30.41
N GLU A 215 -4.32 51.46 31.17
CA GLU A 215 -5.63 51.77 30.60
C GLU A 215 -5.54 53.02 29.73
N ARG A 216 -6.19 52.97 28.56
CA ARG A 216 -6.19 54.10 27.65
CA ARG A 216 -6.19 54.10 27.64
C ARG A 216 -7.28 55.10 28.01
N ASP B 1 -39.44 4.33 -12.56
CA ASP B 1 -39.15 3.68 -13.83
C ASP B 1 -37.80 2.93 -13.76
N TYR B 2 -37.78 1.74 -14.34
CA TYR B 2 -36.61 0.85 -14.27
C TYR B 2 -35.45 1.25 -15.19
N LYS B 3 -35.76 1.67 -16.41
CA LYS B 3 -34.74 2.16 -17.33
C LYS B 3 -34.35 3.58 -16.94
N ASP B 4 -35.28 4.28 -16.31
CA ASP B 4 -35.00 5.60 -15.77
C ASP B 4 -33.98 5.50 -14.64
N ASP B 5 -33.99 4.35 -13.96
CA ASP B 5 -33.02 4.09 -12.89
C ASP B 5 -31.64 3.74 -13.44
N ASP B 6 -31.60 3.19 -14.65
CA ASP B 6 -30.34 2.93 -15.33
C ASP B 6 -29.67 4.25 -15.70
N ASP B 7 -30.49 5.23 -16.10
CA ASP B 7 -29.96 6.53 -16.48
C ASP B 7 -29.38 7.27 -15.29
N LYS B 8 -30.03 7.16 -14.15
CA LYS B 8 -29.54 7.81 -12.94
C LYS B 8 -28.22 7.19 -12.49
N LEU B 9 -28.15 5.87 -12.55
CA LEU B 9 -26.93 5.13 -12.29
C LEU B 9 -25.79 5.63 -13.18
N HIS B 10 -26.08 5.76 -14.48
CA HIS B 10 -25.10 6.23 -15.44
C HIS B 10 -24.61 7.65 -15.14
N SER B 11 -25.52 8.53 -14.72
CA SER B 11 -25.16 9.91 -14.41
C SER B 11 -24.30 9.98 -13.14
N GLN B 12 -24.62 9.15 -12.15
CA GLN B 12 -23.76 9.04 -10.98
C GLN B 12 -22.34 8.61 -11.39
N ALA B 13 -22.25 7.67 -12.32
CA ALA B 13 -20.94 7.17 -12.74
C ALA B 13 -20.16 8.28 -13.43
N ASN B 14 -20.84 9.07 -14.26
CA ASN B 14 -20.20 10.19 -14.93
C ASN B 14 -19.55 11.18 -13.96
N LEU B 15 -20.30 11.60 -12.95
CA LEU B 15 -19.79 12.50 -11.93
C LEU B 15 -18.63 11.88 -11.15
N MET B 16 -18.79 10.65 -10.68
CA MET B 16 -17.71 9.94 -9.99
C MET B 16 -16.47 9.88 -10.87
N ARG B 17 -16.68 9.60 -12.15
CA ARG B 17 -15.59 9.56 -13.09
C ARG B 17 -14.93 10.94 -13.20
N LEU B 18 -15.74 12.00 -13.31
CA LEU B 18 -15.23 13.36 -13.40
C LEU B 18 -14.34 13.68 -12.20
N LYS B 19 -14.88 13.49 -11.00
CA LYS B 19 -14.15 13.83 -9.78
C LYS B 19 -12.85 13.03 -9.64
N SER B 20 -12.93 11.75 -9.96
CA SER B 20 -11.75 10.92 -9.96
C SER B 20 -10.67 11.49 -10.89
N ASP B 21 -11.06 11.99 -12.06
CA ASP B 21 -10.09 12.53 -13.01
C ASP B 21 -9.47 13.86 -12.59
N LEU B 22 -10.26 14.71 -11.98
CA LEU B 22 -9.76 15.94 -11.46
C LEU B 22 -8.90 15.79 -10.23
N PHE B 23 -9.31 14.94 -9.32
CA PHE B 23 -8.66 14.82 -8.03
C PHE B 23 -7.65 13.75 -7.77
N ASN B 24 -7.95 12.51 -8.15
CA ASN B 24 -7.06 11.39 -7.95
C ASN B 24 -6.10 11.23 -9.09
N ARG B 25 -6.34 11.92 -10.19
CA ARG B 25 -5.44 11.81 -11.35
C ARG B 25 -4.32 12.86 -11.44
N SER B 26 -4.24 13.76 -10.47
CA SER B 26 -3.12 14.70 -10.31
C SER B 26 -2.70 15.02 -8.87
N PRO B 27 -1.48 15.52 -8.72
CA PRO B 27 -0.92 15.90 -7.44
C PRO B 27 -1.67 17.15 -7.12
N MET B 28 -1.77 17.57 -5.89
CA MET B 28 -2.54 18.77 -5.58
C MET B 28 -1.95 19.99 -6.25
N TYR B 29 -2.78 21.00 -6.46
CA TYR B 29 -2.35 22.27 -7.02
C TYR B 29 -1.47 22.79 -5.94
N PRO B 30 -0.35 23.38 -6.26
CA PRO B 30 0.59 23.85 -5.26
C PRO B 30 0.34 25.24 -4.80
N GLY B 31 -0.73 25.84 -5.27
CA GLY B 31 -1.05 27.20 -4.98
C GLY B 31 -0.47 28.06 -6.04
N PRO B 32 -0.76 29.33 -6.00
CA PRO B 32 -0.28 30.29 -6.99
C PRO B 32 1.18 30.73 -6.89
N THR B 33 1.71 31.19 -8.01
CA THR B 33 3.05 31.69 -8.07
C THR B 33 3.05 32.97 -8.87
N LYS B 34 4.15 33.66 -8.88
CA LYS B 34 4.29 34.89 -9.67
C LYS B 34 4.17 34.59 -11.17
N ASP B 35 4.51 33.38 -11.58
CA ASP B 35 4.34 32.98 -12.98
C ASP B 35 2.95 32.40 -13.27
N ASP B 36 2.20 32.12 -12.21
CA ASP B 36 0.84 31.62 -12.36
C ASP B 36 -0.04 32.32 -11.33
N PRO B 37 -0.16 33.65 -11.43
CA PRO B 37 -0.90 34.45 -10.47
C PRO B 37 -2.37 34.09 -10.44
N LEU B 38 -3.07 34.45 -9.37
CA LEU B 38 -4.46 34.06 -9.21
C LEU B 38 -5.28 35.23 -8.70
N THR B 39 -6.47 35.40 -9.24
CA THR B 39 -7.35 36.43 -8.75
C THR B 39 -8.46 35.83 -7.91
N VAL B 40 -8.60 36.32 -6.69
CA VAL B 40 -9.70 35.93 -5.82
C VAL B 40 -10.73 37.06 -5.63
N TYR B 41 -11.99 36.78 -5.91
CA TYR B 41 -13.07 37.75 -5.69
C TYR B 41 -13.71 37.54 -4.33
N LEU B 42 -13.80 38.60 -3.56
CA LEU B 42 -14.38 38.54 -2.22
C LEU B 42 -15.64 39.37 -2.17
N SER B 43 -16.66 38.83 -1.53
CA SER B 43 -17.83 39.64 -1.23
C SER B 43 -18.42 39.23 0.12
N PHE B 44 -18.96 40.19 0.86
CA PHE B 44 -19.49 39.88 2.18
C PHE B 44 -21.00 40.08 2.27
N SER B 45 -21.66 39.21 3.01
CA SER B 45 -23.06 39.42 3.35
CA SER B 45 -23.06 39.40 3.36
C SER B 45 -23.17 39.46 4.86
N LEU B 46 -23.56 40.61 5.39
CA LEU B 46 -23.64 40.75 6.84
CA LEU B 46 -23.64 40.78 6.83
C LEU B 46 -24.93 40.19 7.39
N LEU B 47 -24.80 39.31 8.37
CA LEU B 47 -25.91 38.59 9.02
C LEU B 47 -26.40 39.20 10.32
N ASP B 48 -25.48 39.28 11.28
CA ASP B 48 -25.80 39.81 12.59
C ASP B 48 -24.57 40.45 13.24
N ILE B 49 -24.75 41.54 13.98
CA ILE B 49 -23.78 41.89 14.97
C ILE B 49 -24.33 41.31 16.27
N VAL B 50 -23.67 40.29 16.78
CA VAL B 50 -24.20 39.57 17.92
C VAL B 50 -23.94 40.31 19.21
N LYS B 51 -22.71 40.78 19.36
CA LYS B 51 -22.32 41.41 20.59
C LYS B 51 -21.23 42.46 20.38
N ALA B 52 -21.31 43.56 21.10
CA ALA B 52 -20.23 44.54 21.10
C ALA B 52 -19.74 44.63 22.55
N ASP B 53 -18.50 44.24 22.79
CA ASP B 53 -18.02 44.21 24.17
C ASP B 53 -17.14 45.41 24.48
N SER B 54 -17.63 46.32 25.31
CA SER B 54 -16.92 47.57 25.55
C SER B 54 -15.86 47.42 26.64
N SER B 55 -15.89 46.30 27.37
CA SER B 55 -14.84 46.04 28.35
C SER B 55 -13.55 45.51 27.70
N THR B 56 -13.68 44.69 26.68
CA THR B 56 -12.54 44.28 25.87
C THR B 56 -12.28 44.98 24.52
N ASN B 57 -13.20 45.85 24.09
CA ASN B 57 -13.16 46.33 22.70
C ASN B 57 -13.04 45.19 21.68
N GLU B 58 -13.94 44.23 21.79
CA GLU B 58 -14.13 43.17 20.82
C GLU B 58 -15.56 43.22 20.32
N VAL B 59 -15.74 43.02 19.03
CA VAL B 59 -17.10 42.92 18.50
C VAL B 59 -17.25 41.58 17.81
N ASP B 60 -18.42 40.99 17.94
CA ASP B 60 -18.70 39.69 17.34
C ASP B 60 -19.69 39.78 16.20
N LEU B 61 -19.22 39.38 15.03
CA LEU B 61 -19.95 39.51 13.78
C LEU B 61 -20.26 38.13 13.19
N VAL B 62 -21.48 37.95 12.67
CA VAL B 62 -21.84 36.78 11.86
C VAL B 62 -22.07 37.21 10.40
N TYR B 63 -21.36 36.58 9.48
CA TYR B 63 -21.45 36.95 8.07
C TYR B 63 -21.21 35.76 7.15
N TRP B 64 -21.57 35.93 5.88
CA TRP B 64 -21.15 35.00 4.83
C TRP B 64 -20.06 35.66 4.02
N GLU B 65 -19.05 34.89 3.67
CA GLU B 65 -17.95 35.41 2.89
C GLU B 65 -17.88 34.64 1.59
N GLN B 66 -18.14 35.31 0.48
CA GLN B 66 -18.10 34.64 -0.81
C GLN B 66 -16.74 34.77 -1.42
N GLN B 67 -16.13 33.64 -1.74
CA GLN B 67 -14.84 33.61 -2.39
C GLN B 67 -15.03 32.91 -3.71
N SER B 68 -14.42 33.46 -4.75
CA SER B 68 -14.46 32.87 -6.09
C SER B 68 -13.09 33.00 -6.74
N TRP B 69 -12.68 31.95 -7.46
CA TRP B 69 -11.46 32.01 -8.24
C TRP B 69 -11.54 30.99 -9.36
N LYS B 70 -10.50 30.94 -10.18
CA LYS B 70 -10.49 30.08 -11.34
C LYS B 70 -9.13 29.37 -11.46
N LEU B 71 -9.17 28.04 -11.54
CA LEU B 71 -7.95 27.27 -11.79
C LEU B 71 -8.08 26.56 -13.13
N ASN B 72 -7.04 26.66 -13.95
CA ASN B 72 -7.02 25.90 -15.20
C ASN B 72 -7.12 24.39 -14.99
N SER B 73 -6.56 23.91 -13.88
CA SER B 73 -6.52 22.47 -13.60
C SER B 73 -7.86 21.94 -13.15
N LEU B 74 -8.83 22.84 -12.94
CA LEU B 74 -10.20 22.41 -12.66
C LEU B 74 -11.15 22.39 -13.86
N MET B 75 -10.64 22.69 -15.06
CA MET B 75 -11.50 22.74 -16.23
C MET B 75 -11.78 21.35 -16.77
N TRP B 76 -12.94 21.18 -17.37
CA TRP B 76 -13.17 19.97 -18.16
C TRP B 76 -14.13 20.26 -19.29
N ASP B 77 -14.11 19.39 -20.29
CA ASP B 77 -15.08 19.42 -21.38
C ASP B 77 -16.31 18.61 -20.99
N PRO B 78 -17.44 19.30 -20.77
CA PRO B 78 -18.67 18.61 -20.36
C PRO B 78 -19.10 17.48 -21.31
N ASN B 79 -18.69 17.56 -22.56
CA ASN B 79 -19.06 16.56 -23.55
CA ASN B 79 -19.04 16.57 -23.57
C ASN B 79 -18.48 15.19 -23.22
N GLU B 80 -17.31 15.17 -22.59
CA GLU B 80 -16.67 13.91 -22.20
C GLU B 80 -17.23 13.37 -20.90
N TYR B 81 -18.08 14.14 -20.23
CA TYR B 81 -18.59 13.76 -18.92
C TYR B 81 -20.07 13.78 -18.78
N GLY B 82 -20.77 13.41 -19.83
CA GLY B 82 -22.22 13.33 -19.82
C GLY B 82 -22.92 14.62 -19.62
N ASN B 83 -22.29 15.69 -20.07
CA ASN B 83 -22.87 17.01 -20.00
C ASN B 83 -23.04 17.58 -18.58
N ILE B 84 -22.18 17.15 -17.65
CA ILE B 84 -22.12 17.78 -16.34
C ILE B 84 -21.38 19.12 -16.50
N THR B 85 -22.04 20.24 -16.19
CA THR B 85 -21.32 21.51 -16.18
C THR B 85 -20.85 22.08 -14.82
N ASP B 86 -21.26 21.45 -13.74
CA ASP B 86 -20.84 21.86 -12.39
C ASP B 86 -21.06 20.72 -11.41
N PHE B 87 -20.41 20.76 -10.25
CA PHE B 87 -20.72 19.83 -9.16
C PHE B 87 -20.36 20.46 -7.82
N ARG B 88 -20.98 19.95 -6.76
CA ARG B 88 -20.65 20.36 -5.40
C ARG B 88 -19.65 19.37 -4.87
N THR B 89 -18.70 19.83 -4.06
CA THR B 89 -17.74 18.93 -3.47
C THR B 89 -17.23 19.48 -2.15
N SER B 90 -16.68 18.60 -1.34
CA SER B 90 -16.14 19.00 -0.05
C SER B 90 -15.00 19.99 -0.26
N ALA B 91 -14.99 21.07 0.51
CA ALA B 91 -13.90 22.03 0.42
C ALA B 91 -12.54 21.36 0.65
N ALA B 92 -12.51 20.25 1.39
CA ALA B 92 -11.23 19.57 1.66
C ALA B 92 -10.61 18.99 0.39
N ASP B 93 -11.43 18.83 -0.63
CA ASP B 93 -10.96 18.18 -1.85
C ASP B 93 -10.24 19.12 -2.79
N ILE B 94 -10.26 20.40 -2.49
CA ILE B 94 -9.66 21.38 -3.38
C ILE B 94 -8.75 22.33 -2.62
N TRP B 95 -7.85 22.98 -3.36
CA TRP B 95 -7.08 24.05 -2.79
C TRP B 95 -8.07 25.18 -2.47
N THR B 96 -7.82 25.89 -1.38
CA THR B 96 -8.60 27.06 -1.05
C THR B 96 -7.67 28.17 -0.62
N PRO B 97 -8.03 29.43 -0.88
CA PRO B 97 -7.09 30.50 -0.52
C PRO B 97 -7.02 30.73 0.99
N ASP B 98 -5.92 31.31 1.40
CA ASP B 98 -5.52 31.51 2.79
C ASP B 98 -6.10 32.81 3.41
N ILE B 99 -7.11 33.36 2.77
CA ILE B 99 -7.74 34.61 3.23
C ILE B 99 -8.09 34.59 4.71
N THR B 100 -7.69 35.65 5.43
CA THR B 100 -7.87 35.68 6.85
C THR B 100 -8.20 37.09 7.31
N ALA B 101 -8.82 37.21 8.49
CA ALA B 101 -9.11 38.52 9.06
C ALA B 101 -7.93 38.91 9.92
N TYR B 102 -7.33 40.04 9.60
CA TYR B 102 -6.06 40.41 10.21
C TYR B 102 -6.20 40.89 11.65
N SER B 103 -7.35 41.41 12.00
CA SER B 103 -7.67 41.85 13.37
C SER B 103 -8.71 41.00 14.15
N SER B 104 -8.76 39.68 13.90
CA SER B 104 -9.50 38.76 14.79
C SER B 104 -8.80 38.62 16.14
N THR B 105 -9.59 38.55 17.20
CA THR B 105 -9.08 38.24 18.54
C THR B 105 -9.28 36.79 18.99
N ARG B 106 -9.98 35.99 18.19
CA ARG B 106 -10.27 34.59 18.49
CA ARG B 106 -10.26 34.59 18.49
C ARG B 106 -10.31 33.82 17.20
N PRO B 107 -10.05 32.51 17.26
CA PRO B 107 -10.17 31.72 16.03
C PRO B 107 -11.59 31.85 15.48
N VAL B 108 -11.67 32.09 14.18
CA VAL B 108 -12.94 32.14 13.48
C VAL B 108 -13.71 30.83 13.66
N GLN B 109 -15.02 30.94 13.81
CA GLN B 109 -15.89 29.77 13.91
C GLN B 109 -16.74 29.56 12.65
N VAL B 110 -16.74 28.34 12.15
CA VAL B 110 -17.43 28.00 10.91
C VAL B 110 -18.85 27.54 11.22
N LEU B 111 -19.82 28.25 10.66
CA LEU B 111 -21.24 27.98 10.92
C LEU B 111 -21.92 27.16 9.82
N SER B 112 -21.21 26.88 8.75
CA SER B 112 -21.85 26.19 7.64
C SER B 112 -20.96 25.04 7.14
N PRO B 113 -21.58 24.01 6.55
CA PRO B 113 -20.87 22.85 6.01
C PRO B 113 -19.84 23.34 5.00
N GLN B 114 -18.66 22.73 4.93
CA GLN B 114 -17.68 23.33 4.04
C GLN B 114 -17.63 22.50 2.78
N ASN B 115 -18.25 23.07 1.76
CA ASN B 115 -18.38 22.43 0.47
C ASN B 115 -18.28 23.59 -0.50
N ALA B 116 -18.02 23.28 -1.76
CA ALA B 116 -17.78 24.32 -2.73
C ALA B 116 -18.40 23.87 -4.04
N LEU B 117 -18.69 24.85 -4.88
CA LEU B 117 -19.21 24.58 -6.22
C LEU B 117 -18.08 24.81 -7.22
N VAL B 118 -17.90 23.87 -8.14
CA VAL B 118 -16.88 23.96 -9.16
C VAL B 118 -17.55 23.87 -10.51
N ASN B 119 -17.20 24.72 -11.48
CA ASN B 119 -17.77 24.48 -12.80
C ASN B 119 -16.75 24.22 -13.87
N SER B 120 -17.22 23.92 -15.07
CA SER B 120 -16.39 23.33 -16.12
C SER B 120 -15.32 24.26 -16.68
N SER B 121 -15.49 25.55 -16.48
CA SER B 121 -14.50 26.53 -16.94
C SER B 121 -13.44 26.75 -15.86
N GLY B 122 -13.51 25.97 -14.79
CA GLY B 122 -12.51 26.02 -13.75
C GLY B 122 -12.79 26.98 -12.61
N HIS B 123 -14.01 27.51 -12.57
CA HIS B 123 -14.43 28.43 -11.52
C HIS B 123 -14.94 27.72 -10.27
N VAL B 124 -14.45 28.20 -9.13
CA VAL B 124 -14.87 27.72 -7.83
C VAL B 124 -15.61 28.82 -7.11
N GLN B 125 -16.62 28.43 -6.38
CA GLN B 125 -17.37 29.34 -5.54
C GLN B 125 -17.47 28.71 -4.16
N TYR B 126 -16.88 29.37 -3.18
CA TYR B 126 -16.86 28.87 -1.81
C TYR B 126 -17.48 29.96 -0.94
N LEU B 127 -18.45 29.59 -0.11
CA LEU B 127 -19.18 30.55 0.70
C LEU B 127 -19.27 30.15 2.18
N PRO B 128 -18.16 30.25 2.93
CA PRO B 128 -18.27 29.93 4.36
C PRO B 128 -19.08 30.95 5.15
N ALA B 129 -20.03 30.49 5.97
CA ALA B 129 -20.64 31.36 6.97
C ALA B 129 -19.78 31.30 8.24
N GLN B 130 -19.51 32.46 8.83
CA GLN B 130 -18.57 32.52 9.94
C GLN B 130 -19.04 33.41 11.08
N ARG B 131 -18.55 33.13 12.28
CA ARG B 131 -18.61 34.08 13.38
C ARG B 131 -17.18 34.49 13.74
N LEU B 132 -16.96 35.80 13.81
CA LEU B 132 -15.65 36.38 13.99
C LEU B 132 -15.68 37.40 15.14
N SER B 133 -14.74 37.28 16.08
CA SER B 133 -14.48 38.33 17.07
C SER B 133 -13.31 39.12 16.57
N PHE B 134 -13.44 40.44 16.50
CA PHE B 134 -12.33 41.27 16.04
C PHE B 134 -12.20 42.54 16.86
N MET B 135 -11.08 43.23 16.72
CA MET B 135 -10.81 44.41 17.54
C MET B 135 -11.66 45.56 17.06
N CYS B 136 -12.49 46.08 17.95
CA CYS B 136 -13.36 47.19 17.64
C CYS B 136 -13.70 47.96 18.92
N ASP B 137 -13.76 49.28 18.85
CA ASP B 137 -14.11 50.06 20.03
C ASP B 137 -15.53 50.56 19.82
N PRO B 138 -16.46 49.95 20.53
CA PRO B 138 -17.87 50.31 20.35
C PRO B 138 -18.37 51.62 20.90
N THR B 139 -17.51 52.63 20.92
CA THR B 139 -17.89 53.85 21.62
C THR B 139 -18.82 54.60 20.67
N GLY B 140 -19.95 55.09 21.18
CA GLY B 140 -20.90 55.82 20.35
C GLY B 140 -22.01 54.96 19.77
N VAL B 141 -21.99 53.67 20.09
CA VAL B 141 -22.99 52.75 19.58
C VAL B 141 -24.38 53.09 20.16
N ASP B 142 -24.35 53.75 21.33
CA ASP B 142 -25.57 54.19 22.02
C ASP B 142 -25.96 55.62 21.66
N SER B 143 -25.26 56.21 20.71
CA SER B 143 -25.60 57.55 20.24
C SER B 143 -26.15 57.49 18.81
N GLU B 144 -26.51 58.64 18.27
CA GLU B 144 -27.20 58.71 16.99
C GLU B 144 -26.25 58.44 15.83
N GLU B 145 -25.02 58.89 15.98
CA GLU B 145 -24.01 58.72 14.93
CA GLU B 145 -24.00 58.71 14.95
CA GLU B 145 -24.02 58.71 14.93
C GLU B 145 -23.50 57.27 14.88
N GLY B 146 -23.75 56.54 15.97
CA GLY B 146 -23.31 55.17 16.08
C GLY B 146 -21.81 55.00 16.21
N ALA B 147 -21.36 53.76 16.07
CA ALA B 147 -19.97 53.38 16.24
C ALA B 147 -19.45 52.92 14.89
N THR B 148 -18.15 53.04 14.69
CA THR B 148 -17.58 52.61 13.41
C THR B 148 -16.42 51.65 13.63
N CYS B 149 -16.50 50.50 12.97
CA CYS B 149 -15.42 49.52 13.01
C CYS B 149 -14.99 49.05 11.64
N ALA B 150 -13.75 48.56 11.56
CA ALA B 150 -13.18 48.08 10.31
C ALA B 150 -12.28 46.89 10.58
N VAL B 151 -12.37 45.91 9.69
CA VAL B 151 -11.47 44.76 9.73
C VAL B 151 -10.98 44.44 8.31
N LYS B 152 -9.68 44.20 8.16
CA LYS B 152 -9.11 43.87 6.85
C LYS B 152 -8.94 42.38 6.64
N PHE B 153 -9.31 41.93 5.46
CA PHE B 153 -9.18 40.55 5.04
C PHE B 153 -8.16 40.48 3.91
N GLY B 154 -7.40 39.39 3.85
CA GLY B 154 -6.46 39.18 2.76
C GLY B 154 -5.64 37.93 3.03
N SER B 155 -4.83 37.54 2.05
CA SER B 155 -3.94 36.39 2.18
C SER B 155 -2.99 36.58 3.35
N TRP B 156 -2.77 35.53 4.12
CA TRP B 156 -1.77 35.64 5.18
C TRP B 156 -0.33 35.53 4.65
N SER B 157 -0.09 34.56 3.78
CA SER B 157 1.23 34.29 3.20
C SER B 157 1.62 34.67 1.75
N TYR B 158 0.68 35.17 0.97
CA TYR B 158 0.91 35.46 -0.45
C TYR B 158 0.83 36.97 -0.65
N GLY B 159 1.68 37.49 -1.50
CA GLY B 159 1.63 38.91 -1.80
C GLY B 159 0.85 39.10 -3.08
N GLY B 160 0.78 40.36 -3.52
CA GLY B 160 -0.01 40.75 -4.68
C GLY B 160 0.39 40.15 -6.01
N TRP B 161 1.64 39.73 -6.15
CA TRP B 161 2.09 39.11 -7.40
C TRP B 161 1.61 37.67 -7.54
N GLU B 162 1.13 37.09 -6.45
CA GLU B 162 0.61 35.72 -6.42
C GLU B 162 -0.94 35.60 -6.31
N ILE B 163 -1.50 36.30 -5.32
CA ILE B 163 -2.94 36.39 -5.15
C ILE B 163 -3.38 37.87 -5.25
N ASP B 164 -4.19 38.18 -6.26
CA ASP B 164 -4.80 39.50 -6.40
C ASP B 164 -6.23 39.40 -5.85
N LEU B 165 -6.68 40.37 -5.08
CA LEU B 165 -8.05 40.36 -4.61
C LEU B 165 -8.86 41.45 -5.24
N LYS B 166 -10.10 41.13 -5.61
CA LYS B 166 -11.09 42.11 -6.07
C LYS B 166 -12.41 41.97 -5.30
N THR B 167 -13.21 43.02 -5.36
CA THR B 167 -14.61 42.97 -4.98
C THR B 167 -15.44 43.26 -6.24
N ASP B 168 -16.64 42.68 -6.34
CA ASP B 168 -17.56 42.97 -7.44
CA ASP B 168 -17.54 42.98 -7.45
C ASP B 168 -18.28 44.30 -7.21
N THR B 169 -18.47 44.65 -5.95
CA THR B 169 -19.15 45.87 -5.54
C THR B 169 -18.45 46.41 -4.30
N ASP B 170 -18.59 47.70 -4.02
CA ASP B 170 -18.06 48.27 -2.79
CA ASP B 170 -18.03 48.20 -2.78
C ASP B 170 -19.11 48.19 -1.69
N GLN B 171 -20.30 47.72 -2.06
CA GLN B 171 -21.42 47.63 -1.13
C GLN B 171 -21.58 46.21 -0.58
N VAL B 172 -21.41 46.10 0.73
CA VAL B 172 -21.69 44.88 1.45
C VAL B 172 -23.19 44.58 1.33
N ASP B 173 -23.53 43.31 1.16
CA ASP B 173 -24.93 42.94 1.01
C ASP B 173 -25.58 42.91 2.39
N LEU B 174 -26.55 43.78 2.60
CA LEU B 174 -27.35 43.78 3.84
C LEU B 174 -28.72 43.10 3.75
N SER B 175 -29.07 42.56 2.59
CA SER B 175 -30.45 42.08 2.42
C SER B 175 -30.80 40.94 3.36
N SER B 176 -29.78 40.22 3.83
CA SER B 176 -29.98 39.14 4.79
C SER B 176 -29.76 39.50 6.28
N TYR B 177 -29.49 40.75 6.59
CA TYR B 177 -29.19 41.16 7.97
C TYR B 177 -30.40 41.01 8.90
N TYR B 178 -30.19 40.48 10.10
CA TYR B 178 -31.30 40.11 10.98
C TYR B 178 -32.04 41.36 11.48
N ALA B 179 -33.34 41.41 11.23
CA ALA B 179 -34.09 42.67 11.39
C ALA B 179 -34.23 43.00 12.86
N SER B 180 -34.16 41.97 13.69
CA SER B 180 -34.31 42.09 15.13
C SER B 180 -33.01 42.16 15.95
N SER B 181 -31.88 42.26 15.27
CA SER B 181 -30.59 42.32 15.94
C SER B 181 -30.57 43.45 16.96
N LYS B 182 -29.82 43.26 18.05
CA LYS B 182 -29.55 44.33 19.00
C LYS B 182 -29.04 45.58 18.30
N TYR B 183 -28.39 45.39 17.15
CA TYR B 183 -27.73 46.50 16.48
C TYR B 183 -28.23 46.66 15.05
N GLU B 184 -28.43 47.90 14.64
CA GLU B 184 -28.82 48.20 13.27
C GLU B 184 -27.61 48.74 12.54
N ILE B 185 -27.53 48.44 11.25
CA ILE B 185 -26.44 48.89 10.40
C ILE B 185 -26.77 50.22 9.70
N LEU B 186 -25.95 51.24 9.94
CA LEU B 186 -26.02 52.51 9.23
C LEU B 186 -25.35 52.42 7.85
N SER B 187 -24.27 51.65 7.78
CA SER B 187 -23.70 51.26 6.49
C SER B 187 -22.52 50.30 6.61
N ALA B 188 -22.25 49.62 5.52
CA ALA B 188 -21.18 48.64 5.44
C ALA B 188 -20.59 48.72 4.05
N THR B 189 -19.26 48.82 3.96
CA THR B 189 -18.62 48.89 2.66
C THR B 189 -17.48 47.89 2.64
N GLN B 190 -17.09 47.47 1.44
CA GLN B 190 -15.97 46.56 1.28
C GLN B 190 -15.10 47.11 0.17
N THR B 191 -13.87 47.50 0.50
CA THR B 191 -12.99 48.18 -0.43
C THR B 191 -11.63 47.50 -0.59
N ARG B 192 -11.27 47.17 -1.83
CA ARG B 192 -9.93 46.68 -2.10
C ARG B 192 -8.89 47.77 -1.82
N GLN B 193 -7.83 47.40 -1.12
CA GLN B 193 -6.73 48.30 -0.84
C GLN B 193 -5.41 47.66 -1.24
N VAL B 194 -4.44 48.49 -1.58
CA VAL B 194 -3.12 48.02 -1.94
C VAL B 194 -2.13 48.54 -0.91
N GLN B 195 -1.52 47.64 -0.14
CA GLN B 195 -0.58 48.03 0.90
C GLN B 195 0.83 47.98 0.37
N HIS B 196 1.62 49.02 0.67
CA HIS B 196 3.02 49.02 0.30
C HIS B 196 3.88 49.06 1.56
N TYR B 197 4.99 48.33 1.56
CA TYR B 197 5.94 48.38 2.67
C TYR B 197 7.33 48.79 2.15
N SER B 198 8.01 49.69 2.87
CA SER B 198 9.35 50.18 2.49
C SER B 198 10.31 49.03 2.21
N CYS B 199 10.26 48.02 3.07
CA CYS B 199 11.15 46.88 3.02
C CYS B 199 11.04 46.06 1.74
N CYS B 200 9.90 46.11 1.06
CA CYS B 200 9.61 45.14 0.00
C CYS B 200 9.08 45.77 -1.30
N PRO B 201 9.51 45.24 -2.44
CA PRO B 201 8.96 45.67 -3.73
C PRO B 201 7.51 45.23 -3.95
N GLU B 202 7.15 44.03 -3.48
CA GLU B 202 5.86 43.42 -3.81
C GLU B 202 4.71 44.09 -3.07
N PRO B 203 3.62 44.42 -3.77
CA PRO B 203 2.43 44.99 -3.11
C PRO B 203 1.59 43.90 -2.43
N TYR B 204 0.86 44.29 -1.38
CA TYR B 204 0.00 43.36 -0.65
C TYR B 204 -1.43 43.86 -0.65
N ILE B 205 -2.35 43.01 -1.08
CA ILE B 205 -3.71 43.46 -1.26
C ILE B 205 -4.59 43.01 -0.10
N ASP B 206 -5.53 43.87 0.27
CA ASP B 206 -6.55 43.49 1.27
C ASP B 206 -7.91 44.06 0.90
N VAL B 207 -8.94 43.53 1.53
CA VAL B 207 -10.27 44.10 1.38
C VAL B 207 -10.71 44.59 2.73
N ASN B 208 -10.97 45.89 2.82
CA ASN B 208 -11.33 46.51 4.08
C ASN B 208 -12.84 46.57 4.23
N LEU B 209 -13.34 45.91 5.28
CA LEU B 209 -14.76 45.84 5.58
C LEU B 209 -15.05 46.86 6.67
N VAL B 210 -15.83 47.88 6.35
CA VAL B 210 -16.09 48.98 7.28
C VAL B 210 -17.56 49.00 7.64
N VAL B 211 -17.86 48.88 8.93
CA VAL B 211 -19.24 48.78 9.36
C VAL B 211 -19.58 49.87 10.37
N LYS B 212 -20.64 50.61 10.07
CA LYS B 212 -21.11 51.66 10.94
C LYS B 212 -22.45 51.19 11.48
N PHE B 213 -22.59 51.16 12.79
CA PHE B 213 -23.74 50.51 13.40
C PHE B 213 -24.10 51.15 14.73
N ARG B 214 -25.36 50.95 15.16
CA ARG B 214 -25.79 51.47 16.46
C ARG B 214 -26.88 50.61 17.12
N GLU B 215 -27.05 50.77 18.44
CA GLU B 215 -28.08 50.05 19.18
C GLU B 215 -29.45 50.31 18.60
N ARG B 216 -30.24 49.25 18.45
CA ARG B 216 -31.58 49.38 17.88
CA ARG B 216 -31.58 49.35 17.89
C ARG B 216 -32.58 49.78 18.95
N ASP C 5 -25.55 -22.19 18.05
CA ASP C 5 -24.84 -20.95 18.34
C ASP C 5 -23.94 -20.54 17.18
N ASP C 6 -23.84 -21.41 16.18
CA ASP C 6 -23.12 -21.12 14.95
C ASP C 6 -24.04 -20.33 14.03
N ASP C 7 -25.29 -20.19 14.46
CA ASP C 7 -26.25 -19.33 13.77
C ASP C 7 -25.89 -17.87 14.01
N LYS C 8 -25.32 -17.59 15.18
CA LYS C 8 -25.02 -16.21 15.59
C LYS C 8 -23.81 -15.62 14.86
N LEU C 9 -22.74 -16.38 14.77
CA LEU C 9 -21.58 -15.97 13.98
C LEU C 9 -21.97 -15.82 12.50
N HIS C 10 -22.98 -16.60 12.09
CA HIS C 10 -23.50 -16.60 10.73
C HIS C 10 -24.16 -15.27 10.33
N SER C 11 -25.09 -14.80 11.15
CA SER C 11 -25.74 -13.53 10.91
C SER C 11 -24.79 -12.33 11.05
N GLN C 12 -23.80 -12.45 11.93
CA GLN C 12 -22.74 -11.44 12.04
C GLN C 12 -21.97 -11.37 10.74
N ALA C 13 -21.68 -12.53 10.17
CA ALA C 13 -20.94 -12.59 8.93
C ALA C 13 -21.78 -12.05 7.79
N ASN C 14 -23.08 -12.29 7.84
CA ASN C 14 -23.96 -11.74 6.83
C ASN C 14 -23.94 -10.21 6.87
N LEU C 15 -24.04 -9.64 8.06
CA LEU C 15 -24.02 -8.20 8.20
C LEU C 15 -22.67 -7.62 7.70
N MET C 16 -21.57 -8.21 8.15
CA MET C 16 -20.23 -7.79 7.74
C MET C 16 -20.07 -7.80 6.22
N ARG C 17 -20.60 -8.85 5.61
CA ARG C 17 -20.56 -9.01 4.16
C ARG C 17 -21.43 -7.97 3.45
N LEU C 18 -22.60 -7.66 4.02
CA LEU C 18 -23.51 -6.65 3.46
C LEU C 18 -22.86 -5.26 3.43
N LYS C 19 -22.27 -4.88 4.56
CA LYS C 19 -21.62 -3.58 4.69
C LYS C 19 -20.39 -3.47 3.82
N SER C 20 -19.61 -4.55 3.76
CA SER C 20 -18.48 -4.57 2.84
C SER C 20 -18.96 -4.39 1.39
N ASP C 21 -20.02 -5.09 1.00
CA ASP C 21 -20.54 -4.98 -0.36
C ASP C 21 -21.05 -3.59 -0.69
N LEU C 22 -21.76 -2.99 0.27
CA LEU C 22 -22.29 -1.64 0.09
C LEU C 22 -21.22 -0.56 0.12
N PHE C 23 -20.44 -0.54 1.19
CA PHE C 23 -19.41 0.49 1.46
C PHE C 23 -18.01 0.35 0.84
N ASN C 24 -17.44 -0.84 0.93
CA ASN C 24 -16.03 -1.05 0.54
C ASN C 24 -15.87 -1.23 -0.96
N ARG C 25 -16.88 -1.83 -1.57
CA ARG C 25 -16.84 -2.24 -2.96
C ARG C 25 -17.51 -1.28 -3.95
N SER C 26 -18.01 -0.16 -3.47
CA SER C 26 -18.59 0.87 -4.34
C SER C 26 -18.06 2.24 -3.93
N PRO C 27 -17.88 3.16 -4.90
CA PRO C 27 -17.44 4.50 -4.48
C PRO C 27 -18.62 5.21 -3.83
N MET C 28 -18.37 6.05 -2.84
CA MET C 28 -19.47 6.71 -2.17
C MET C 28 -20.31 7.51 -3.18
N TYR C 29 -21.59 7.60 -2.89
CA TYR C 29 -22.56 8.29 -3.68
C TYR C 29 -22.05 9.70 -3.73
N PRO C 30 -22.11 10.35 -4.87
CA PRO C 30 -21.54 11.67 -5.01
C PRO C 30 -22.51 12.77 -4.69
N GLY C 31 -23.65 12.43 -4.15
CA GLY C 31 -24.64 13.42 -3.85
C GLY C 31 -25.55 13.57 -5.03
N PRO C 32 -26.64 14.25 -4.81
CA PRO C 32 -27.63 14.45 -5.84
C PRO C 32 -27.22 15.41 -6.92
N THR C 33 -27.85 15.27 -8.06
CA THR C 33 -27.62 16.20 -9.16
C THR C 33 -28.94 16.53 -9.79
N LYS C 34 -28.95 17.54 -10.65
CA LYS C 34 -30.17 17.91 -11.36
C LYS C 34 -30.72 16.74 -12.19
N ASP C 35 -29.85 15.79 -12.57
CA ASP C 35 -30.29 14.56 -13.23
C ASP C 35 -30.63 13.42 -12.28
N ASP C 36 -30.25 13.56 -11.01
CA ASP C 36 -30.49 12.51 -10.02
C ASP C 36 -30.93 13.17 -8.73
N PRO C 37 -32.08 13.86 -8.75
CA PRO C 37 -32.52 14.62 -7.58
C PRO C 37 -32.93 13.74 -6.39
N LEU C 38 -32.98 14.38 -5.24
CA LEU C 38 -33.26 13.71 -3.99
C LEU C 38 -34.33 14.50 -3.23
N THR C 39 -35.18 13.80 -2.49
CA THR C 39 -36.05 14.47 -1.54
C THR C 39 -35.64 14.09 -0.11
N VAL C 40 -35.39 15.11 0.71
CA VAL C 40 -35.12 14.88 2.12
C VAL C 40 -36.33 15.27 2.99
N TYR C 41 -36.81 14.33 3.80
CA TYR C 41 -37.86 14.63 4.75
C TYR C 41 -37.30 15.10 6.08
N LEU C 42 -37.82 16.21 6.55
CA LEU C 42 -37.39 16.80 7.81
C LEU C 42 -38.54 16.80 8.80
N SER C 43 -38.23 16.55 10.06
CA SER C 43 -39.19 16.75 11.14
CA SER C 43 -39.18 16.78 11.14
C SER C 43 -38.45 17.07 12.44
N PHE C 44 -39.06 17.89 13.29
CA PHE C 44 -38.41 18.33 14.51
C PHE C 44 -39.19 17.91 15.74
N SER C 45 -38.46 17.57 16.79
CA SER C 45 -39.01 17.44 18.12
C SER C 45 -38.24 18.42 18.97
N LEU C 46 -38.94 19.35 19.58
CA LEU C 46 -38.32 20.30 20.48
CA LEU C 46 -38.33 20.31 20.50
C LEU C 46 -38.16 19.67 21.87
N LEU C 47 -36.97 19.76 22.43
CA LEU C 47 -36.62 19.20 23.71
C LEU C 47 -36.62 20.23 24.82
N ASP C 48 -35.81 21.26 24.66
CA ASP C 48 -35.73 22.29 25.68
C ASP C 48 -35.34 23.61 25.04
N ILE C 49 -35.93 24.72 25.49
CA ILE C 49 -35.32 26.02 25.24
C ILE C 49 -34.49 26.24 26.50
N VAL C 50 -33.17 26.23 26.35
CA VAL C 50 -32.28 26.30 27.49
C VAL C 50 -32.05 27.70 28.02
N LYS C 51 -31.83 28.63 27.10
CA LYS C 51 -31.42 29.98 27.45
C LYS C 51 -31.92 30.99 26.43
N ALA C 52 -32.31 32.16 26.93
CA ALA C 52 -32.68 33.27 26.05
C ALA C 52 -31.86 34.46 26.53
N ASP C 53 -31.11 35.06 25.63
CA ASP C 53 -30.18 36.10 26.02
C ASP C 53 -30.64 37.39 25.38
N SER C 54 -31.17 38.30 26.19
CA SER C 54 -31.70 39.55 25.65
C SER C 54 -30.62 40.60 25.46
N SER C 55 -29.42 40.31 25.96
CA SER C 55 -28.32 41.25 25.70
C SER C 55 -27.68 41.06 24.31
N THR C 56 -27.63 39.82 23.83
CA THR C 56 -27.21 39.53 22.45
C THR C 56 -28.28 39.18 21.41
N ASN C 57 -29.53 39.05 21.85
CA ASN C 57 -30.57 38.49 21.01
C ASN C 57 -30.25 37.12 20.39
N GLU C 58 -29.84 36.18 21.26
CA GLU C 58 -29.61 34.79 20.90
C GLU C 58 -30.42 33.90 21.79
N VAL C 59 -30.95 32.83 21.22
CA VAL C 59 -31.66 31.81 21.99
C VAL C 59 -30.98 30.45 21.76
N ASP C 60 -30.99 29.60 22.77
CA ASP C 60 -30.38 28.26 22.66
C ASP C 60 -31.45 27.20 22.79
N LEU C 61 -31.57 26.36 21.76
CA LEU C 61 -32.55 25.28 21.72
CA LEU C 61 -32.55 25.30 21.70
C LEU C 61 -31.85 23.94 21.72
N VAL C 62 -32.45 22.95 22.38
CA VAL C 62 -32.03 21.56 22.20
C VAL C 62 -33.17 20.85 21.48
N TYR C 63 -32.87 20.17 20.36
CA TYR C 63 -33.92 19.48 19.59
C TYR C 63 -33.37 18.21 18.93
N TRP C 64 -34.29 17.36 18.49
CA TRP C 64 -33.96 16.21 17.63
C TRP C 64 -34.42 16.57 16.24
N GLU C 65 -33.58 16.33 15.25
CA GLU C 65 -33.95 16.65 13.88
C GLU C 65 -33.95 15.38 13.07
N GLN C 66 -35.12 14.93 12.67
CA GLN C 66 -35.18 13.69 11.91
C GLN C 66 -34.99 13.98 10.43
N GLN C 67 -34.02 13.31 9.83
CA GLN C 67 -33.78 13.42 8.41
C GLN C 67 -33.92 12.04 7.78
N SER C 68 -34.72 11.93 6.72
CA SER C 68 -34.68 10.69 5.93
C SER C 68 -34.73 10.90 4.42
N TRP C 69 -34.14 9.95 3.71
CA TRP C 69 -34.06 9.97 2.27
C TRP C 69 -33.84 8.57 1.76
N LYS C 70 -33.79 8.42 0.44
CA LYS C 70 -33.61 7.12 -0.18
C LYS C 70 -32.59 7.17 -1.32
N LEU C 71 -31.72 6.17 -1.35
CA LEU C 71 -30.74 6.03 -2.42
C LEU C 71 -30.89 4.63 -3.02
N ASN C 72 -30.87 4.55 -4.34
CA ASN C 72 -30.90 3.26 -5.01
C ASN C 72 -29.62 2.49 -4.69
N SER C 73 -28.51 3.22 -4.56
CA SER C 73 -27.24 2.58 -4.29
C SER C 73 -27.20 1.93 -2.91
N LEU C 74 -28.18 2.20 -2.06
CA LEU C 74 -28.23 1.56 -0.74
C LEU C 74 -29.17 0.35 -0.62
N MET C 75 -29.78 -0.03 -1.74
CA MET C 75 -30.73 -1.15 -1.74
C MET C 75 -30.04 -2.52 -1.76
N TRP C 76 -30.67 -3.53 -1.19
CA TRP C 76 -30.17 -4.87 -1.41
C TRP C 76 -31.31 -5.86 -1.30
N ASP C 77 -30.99 -7.13 -1.52
CA ASP C 77 -31.99 -8.18 -1.43
C ASP C 77 -31.82 -8.91 -0.12
N PRO C 78 -32.77 -8.72 0.81
CA PRO C 78 -32.63 -9.35 2.12
C PRO C 78 -32.36 -10.86 2.04
N ASN C 79 -32.73 -11.51 0.94
CA ASN C 79 -32.64 -12.96 0.86
CA ASN C 79 -32.65 -12.96 0.83
C ASN C 79 -31.22 -13.47 0.62
N GLU C 80 -30.39 -12.65 -0.01
CA GLU C 80 -28.99 -13.01 -0.19
C GLU C 80 -28.16 -12.71 1.05
N TYR C 81 -28.69 -11.84 1.90
CA TYR C 81 -28.07 -11.43 3.15
C TYR C 81 -28.55 -12.13 4.43
N GLY C 82 -29.33 -13.18 4.26
CA GLY C 82 -29.78 -13.96 5.40
C GLY C 82 -30.91 -13.22 6.07
N ASN C 83 -31.73 -12.56 5.26
CA ASN C 83 -32.89 -11.79 5.70
C ASN C 83 -32.61 -10.58 6.57
N ILE C 84 -31.47 -9.93 6.38
CA ILE C 84 -31.24 -8.68 7.08
C ILE C 84 -32.00 -7.63 6.31
N THR C 85 -32.99 -7.02 6.96
CA THR C 85 -33.74 -5.95 6.31
C THR C 85 -33.27 -4.52 6.64
N ASP C 86 -32.46 -4.41 7.68
CA ASP C 86 -31.90 -3.11 8.08
C ASP C 86 -30.68 -3.25 8.95
N PHE C 87 -29.95 -2.16 9.10
CA PHE C 87 -28.80 -2.17 9.98
C PHE C 87 -28.46 -0.74 10.40
N ARG C 88 -27.75 -0.63 11.51
CA ARG C 88 -27.23 0.63 12.01
C ARG C 88 -25.82 0.80 11.50
N THR C 89 -25.46 2.03 11.18
CA THR C 89 -24.10 2.27 10.74
C THR C 89 -23.66 3.66 11.16
N SER C 90 -22.35 3.86 11.19
CA SER C 90 -21.83 5.18 11.47
C SER C 90 -22.21 6.10 10.32
N ALA C 91 -22.67 7.30 10.65
CA ALA C 91 -23.07 8.26 9.63
C ALA C 91 -21.92 8.61 8.68
N ALA C 92 -20.70 8.42 9.15
CA ALA C 92 -19.54 8.71 8.32
C ALA C 92 -19.39 7.72 7.17
N ASP C 93 -20.07 6.58 7.26
CA ASP C 93 -20.01 5.58 6.18
C ASP C 93 -20.93 5.89 5.00
N ILE C 94 -21.84 6.85 5.17
CA ILE C 94 -22.81 7.16 4.12
C ILE C 94 -22.80 8.64 3.78
N TRP C 95 -23.30 8.97 2.60
CA TRP C 95 -23.50 10.36 2.26
C TRP C 95 -24.63 10.85 3.16
N THR C 96 -24.52 12.09 3.65
CA THR C 96 -25.63 12.71 4.35
C THR C 96 -25.85 14.11 3.81
N PRO C 97 -27.10 14.60 3.90
CA PRO C 97 -27.37 15.94 3.37
C PRO C 97 -26.75 17.06 4.20
N ASP C 98 -26.52 18.17 3.53
CA ASP C 98 -25.87 19.37 4.06
C ASP C 98 -26.83 20.37 4.72
N ILE C 99 -28.01 19.90 5.11
CA ILE C 99 -28.99 20.70 5.83
C ILE C 99 -28.41 21.47 7.01
N THR C 100 -28.75 22.75 7.10
CA THR C 100 -28.19 23.58 8.14
C THR C 100 -29.14 24.69 8.57
N ALA C 101 -28.97 25.17 9.80
CA ALA C 101 -29.77 26.27 10.29
C ALA C 101 -29.15 27.54 9.73
N TYR C 102 -29.93 28.32 8.96
CA TYR C 102 -29.42 29.51 8.26
C TYR C 102 -29.02 30.65 9.17
N SER C 103 -29.72 30.76 10.30
CA SER C 103 -29.51 31.78 11.33
C SER C 103 -28.80 31.36 12.65
N SER C 104 -28.03 30.28 12.64
CA SER C 104 -27.12 29.98 13.76
C SER C 104 -26.09 31.07 14.04
N THR C 105 -25.85 31.36 15.31
CA THR C 105 -24.76 32.26 15.75
C THR C 105 -23.49 31.58 16.29
N ARG C 106 -23.55 30.25 16.41
CA ARG C 106 -22.41 29.46 16.87
CA ARG C 106 -22.44 29.44 16.90
C ARG C 106 -22.47 28.09 16.19
N PRO C 107 -21.32 27.42 16.10
CA PRO C 107 -21.37 26.11 15.44
C PRO C 107 -22.34 25.23 16.21
N VAL C 108 -23.23 24.56 15.48
CA VAL C 108 -24.15 23.62 16.09
C VAL C 108 -23.39 22.51 16.79
N GLN C 109 -23.86 22.13 17.99
CA GLN C 109 -23.24 21.05 18.76
C GLN C 109 -24.06 19.74 18.72
N VAL C 110 -23.40 18.62 18.46
CA VAL C 110 -24.11 17.36 18.36
C VAL C 110 -24.13 16.68 19.72
N LEU C 111 -25.34 16.37 20.19
CA LEU C 111 -25.52 15.75 21.50
C LEU C 111 -25.63 14.23 21.45
N SER C 112 -25.79 13.65 20.27
CA SER C 112 -26.08 12.22 20.21
C SER C 112 -25.01 11.50 19.39
N PRO C 113 -24.89 10.19 19.59
CA PRO C 113 -23.94 9.40 18.80
C PRO C 113 -24.31 9.51 17.34
N GLN C 114 -23.35 9.62 16.43
CA GLN C 114 -23.78 9.86 15.06
C GLN C 114 -23.78 8.58 14.25
N ASN C 115 -24.97 8.04 14.10
CA ASN C 115 -25.19 6.75 13.47
C ASN C 115 -26.52 6.90 12.78
N ALA C 116 -26.74 6.08 11.75
CA ALA C 116 -27.98 6.12 11.01
C ALA C 116 -28.51 4.71 10.81
N LEU C 117 -29.77 4.64 10.42
CA LEU C 117 -30.44 3.40 10.11
C LEU C 117 -30.70 3.32 8.59
N VAL C 118 -30.34 2.20 7.99
CA VAL C 118 -30.51 2.01 6.56
C VAL C 118 -31.36 0.76 6.40
N ASN C 119 -32.36 0.77 5.53
CA ASN C 119 -33.00 -0.51 5.25
C ASN C 119 -32.89 -0.95 3.82
N SER C 120 -33.40 -2.14 3.54
CA SER C 120 -33.12 -2.83 2.27
C SER C 120 -33.66 -2.07 1.06
N SER C 121 -34.70 -1.29 1.26
CA SER C 121 -35.27 -0.54 0.14
C SER C 121 -34.48 0.75 -0.14
N GLY C 122 -33.45 1.00 0.67
CA GLY C 122 -32.53 2.10 0.41
C GLY C 122 -32.81 3.34 1.21
N HIS C 123 -33.74 3.25 2.15
CA HIS C 123 -34.11 4.37 3.01
C HIS C 123 -33.15 4.53 4.15
N VAL C 124 -32.79 5.77 4.41
CA VAL C 124 -31.91 6.15 5.49
C VAL C 124 -32.70 7.01 6.47
N GLN C 125 -32.61 6.70 7.75
CA GLN C 125 -33.12 7.57 8.80
C GLN C 125 -31.96 8.06 9.68
N TYR C 126 -31.78 9.37 9.75
CA TYR C 126 -30.69 9.96 10.52
C TYR C 126 -31.30 10.94 11.50
N LEU C 127 -31.03 10.76 12.79
CA LEU C 127 -31.71 11.54 13.83
C LEU C 127 -30.77 12.19 14.85
N PRO C 128 -29.98 13.20 14.42
CA PRO C 128 -29.07 13.86 15.37
C PRO C 128 -29.79 14.73 16.38
N ALA C 129 -29.46 14.58 17.67
CA ALA C 129 -29.91 15.53 18.69
C ALA C 129 -28.91 16.69 18.66
N GLN C 130 -29.38 17.91 18.82
CA GLN C 130 -28.48 19.07 18.63
C GLN C 130 -28.75 20.20 19.60
N ARG C 131 -27.71 20.94 19.95
CA ARG C 131 -27.88 22.23 20.64
C ARG C 131 -27.55 23.41 19.71
N LEU C 132 -28.49 24.33 19.56
CA LEU C 132 -28.36 25.41 18.59
C LEU C 132 -28.51 26.77 19.23
N SER C 133 -27.57 27.66 18.95
CA SER C 133 -27.75 29.09 19.24
C SER C 133 -28.08 29.77 17.93
N PHE C 134 -29.16 30.56 17.95
CA PHE C 134 -29.65 31.21 16.73
C PHE C 134 -30.21 32.61 17.05
N MET C 135 -30.41 33.42 16.00
CA MET C 135 -30.73 34.83 16.21
C MET C 135 -32.18 34.92 16.59
N CYS C 136 -32.45 35.45 17.78
CA CYS C 136 -33.82 35.64 18.21
C CYS C 136 -33.97 36.77 19.24
N ASP C 137 -35.00 37.59 19.11
CA ASP C 137 -35.24 38.67 20.08
C ASP C 137 -36.29 38.14 21.02
N PRO C 138 -35.91 37.93 22.24
CA PRO C 138 -36.74 37.33 23.25
C PRO C 138 -37.75 38.26 23.86
N THR C 139 -37.71 39.48 23.43
CA THR C 139 -38.54 40.52 24.01
C THR C 139 -39.98 40.05 24.15
N GLY C 140 -40.52 40.17 25.36
CA GLY C 140 -41.88 39.74 25.63
C GLY C 140 -41.99 38.33 26.18
N VAL C 141 -40.84 37.68 26.40
CA VAL C 141 -40.84 36.32 26.94
C VAL C 141 -41.32 36.35 28.40
N ASP C 142 -41.19 37.52 29.03
CA ASP C 142 -41.55 37.69 30.43
C ASP C 142 -43.03 38.08 30.58
N SER C 143 -43.76 38.04 29.47
CA SER C 143 -45.18 38.32 29.50
C SER C 143 -45.98 37.05 29.21
N GLU C 144 -47.30 37.15 29.23
CA GLU C 144 -48.16 35.98 29.03
CA GLU C 144 -48.18 36.01 29.05
C GLU C 144 -48.34 35.63 27.56
N GLU C 145 -48.22 36.62 26.69
CA GLU C 145 -48.33 36.41 25.25
CA GLU C 145 -48.32 36.41 25.25
C GLU C 145 -47.01 35.83 24.70
N GLY C 146 -45.95 35.96 25.48
CA GLY C 146 -44.65 35.43 25.14
C GLY C 146 -43.91 36.12 24.00
N ALA C 147 -42.82 35.48 23.58
CA ALA C 147 -41.97 35.95 22.48
C ALA C 147 -42.05 34.94 21.36
N THR C 148 -41.78 35.41 20.15
CA THR C 148 -41.86 34.54 18.98
C THR C 148 -40.56 34.53 18.22
N CYS C 149 -40.11 33.35 17.84
CA CYS C 149 -38.87 33.26 17.06
C CYS C 149 -38.93 32.24 15.93
N ALA C 150 -38.06 32.41 14.95
CA ALA C 150 -38.07 31.55 13.79
C ALA C 150 -36.65 31.28 13.30
N VAL C 151 -36.41 30.06 12.84
CA VAL C 151 -35.15 29.74 12.21
C VAL C 151 -35.42 28.81 11.04
N LYS C 152 -34.73 29.06 9.93
CA LYS C 152 -34.92 28.29 8.71
C LYS C 152 -33.79 27.28 8.51
N PHE C 153 -34.15 26.09 8.04
CA PHE C 153 -33.21 25.00 7.81
C PHE C 153 -33.26 24.66 6.32
N GLY C 154 -32.13 24.28 5.75
CA GLY C 154 -32.11 23.86 4.36
C GLY C 154 -30.71 23.51 3.94
N SER C 155 -30.56 23.05 2.71
CA SER C 155 -29.25 22.74 2.15
C SER C 155 -28.43 24.02 2.07
N TRP C 156 -27.15 23.94 2.39
CA TRP C 156 -26.30 25.11 2.21
C TRP C 156 -25.91 25.28 0.75
N SER C 157 -25.49 24.18 0.14
CA SER C 157 -24.98 24.20 -1.24
C SER C 157 -25.85 23.72 -2.39
N TYR C 158 -27.05 23.19 -2.13
CA TYR C 158 -27.88 22.61 -3.19
C TYR C 158 -29.21 23.34 -3.33
N GLY C 159 -29.62 23.60 -4.56
CA GLY C 159 -30.92 24.17 -4.80
C GLY C 159 -31.99 23.11 -4.90
N GLY C 160 -33.23 23.54 -5.13
CA GLY C 160 -34.40 22.68 -5.14
C GLY C 160 -34.47 21.67 -6.27
N TRP C 161 -33.66 21.85 -7.32
CA TRP C 161 -33.65 20.89 -8.42
C TRP C 161 -32.72 19.71 -8.16
N GLU C 162 -31.95 19.81 -7.07
CA GLU C 162 -31.06 18.73 -6.61
C GLU C 162 -31.61 18.08 -5.35
N ILE C 163 -31.81 18.88 -4.31
CA ILE C 163 -32.48 18.46 -3.09
C ILE C 163 -33.81 19.17 -2.82
N ASP C 164 -34.89 18.41 -2.79
CA ASP C 164 -36.16 18.96 -2.37
C ASP C 164 -36.34 18.67 -0.88
N LEU C 165 -36.97 19.56 -0.14
CA LEU C 165 -37.36 19.27 1.24
C LEU C 165 -38.86 19.07 1.37
N LYS C 166 -39.25 18.14 2.24
CA LYS C 166 -40.64 17.97 2.64
C LYS C 166 -40.75 17.68 4.13
N THR C 167 -41.90 18.01 4.71
CA THR C 167 -42.20 17.65 6.09
C THR C 167 -43.43 16.73 6.09
N ASP C 168 -43.54 15.85 7.09
CA ASP C 168 -44.69 14.97 7.20
CA ASP C 168 -44.70 14.97 7.21
C ASP C 168 -45.92 15.70 7.78
N THR C 169 -45.64 16.69 8.61
CA THR C 169 -46.67 17.44 9.28
C THR C 169 -46.13 18.84 9.54
N ASP C 170 -47.01 19.79 9.85
CA ASP C 170 -46.55 21.13 10.19
C ASP C 170 -46.48 21.34 11.69
N GLN C 171 -46.86 20.30 12.42
CA GLN C 171 -46.74 20.31 13.86
C GLN C 171 -45.35 19.78 14.24
N VAL C 172 -44.55 20.64 14.87
CA VAL C 172 -43.33 20.20 15.53
C VAL C 172 -43.73 19.33 16.71
N ASP C 173 -42.98 18.25 16.96
CA ASP C 173 -43.33 17.38 18.06
C ASP C 173 -42.88 17.98 19.39
N LEU C 174 -43.85 18.24 20.24
CA LEU C 174 -43.66 18.71 21.61
C LEU C 174 -43.79 17.64 22.68
N SER C 175 -44.07 16.41 22.29
CA SER C 175 -44.37 15.38 23.29
C SER C 175 -43.19 15.04 24.22
N SER C 176 -41.97 15.30 23.77
CA SER C 176 -40.77 15.14 24.60
C SER C 176 -40.24 16.41 25.25
N TYR C 177 -40.93 17.53 25.08
CA TYR C 177 -40.40 18.80 25.61
C TYR C 177 -40.22 18.74 27.13
N TYR C 178 -39.12 19.29 27.65
CA TYR C 178 -38.84 19.16 29.08
C TYR C 178 -39.85 19.97 29.90
N ALA C 179 -40.59 19.30 30.77
CA ALA C 179 -41.72 19.94 31.47
C ALA C 179 -41.29 21.01 32.48
N SER C 180 -40.08 20.85 33.02
CA SER C 180 -39.50 21.80 33.98
C SER C 180 -38.57 22.89 33.41
N SER C 181 -38.52 23.01 32.10
CA SER C 181 -37.71 24.03 31.43
C SER C 181 -38.04 25.41 31.99
N LYS C 182 -37.06 26.32 31.97
CA LYS C 182 -37.33 27.71 32.32
C LYS C 182 -38.38 28.32 31.40
N TYR C 183 -38.58 27.71 30.23
CA TYR C 183 -39.50 28.29 29.25
C TYR C 183 -40.56 27.29 28.84
N GLU C 184 -41.83 27.71 28.80
CA GLU C 184 -42.88 26.84 28.26
C GLU C 184 -43.20 27.16 26.81
N ILE C 185 -43.52 26.13 26.05
CA ILE C 185 -43.87 26.30 24.64
C ILE C 185 -45.35 26.61 24.47
N LEU C 186 -45.65 27.75 23.86
CA LEU C 186 -47.01 28.05 23.44
C LEU C 186 -47.37 27.41 22.08
N SER C 187 -46.47 27.48 21.09
CA SER C 187 -46.64 26.70 19.87
C SER C 187 -45.35 26.49 19.09
N ALA C 188 -45.33 25.44 18.27
CA ALA C 188 -44.19 25.19 17.39
C ALA C 188 -44.66 24.62 16.07
N THR C 189 -44.27 25.24 14.96
CA THR C 189 -44.66 24.75 13.65
C THR C 189 -43.43 24.59 12.76
N GLN C 190 -43.56 23.74 11.74
CA GLN C 190 -42.47 23.52 10.80
C GLN C 190 -43.07 23.56 9.40
N THR C 191 -42.63 24.51 8.58
CA THR C 191 -43.29 24.77 7.32
C THR C 191 -42.35 24.87 6.11
N ARG C 192 -42.60 24.05 5.10
CA ARG C 192 -41.85 24.12 3.85
C ARG C 192 -42.14 25.44 3.17
N GLN C 193 -41.09 26.12 2.71
CA GLN C 193 -41.20 27.39 2.00
C GLN C 193 -40.35 27.33 0.73
N VAL C 194 -40.79 28.04 -0.31
CA VAL C 194 -40.04 28.16 -1.57
C VAL C 194 -39.60 29.61 -1.78
N GLN C 195 -38.32 29.82 -2.07
CA GLN C 195 -37.76 31.15 -2.27
CA GLN C 195 -37.76 31.16 -2.27
C GLN C 195 -37.03 31.22 -3.61
N HIS C 196 -37.00 32.40 -4.22
CA HIS C 196 -36.28 32.56 -5.48
C HIS C 196 -35.32 33.73 -5.36
N TYR C 197 -34.26 33.71 -6.16
CA TYR C 197 -33.32 34.82 -6.25
C TYR C 197 -33.29 35.31 -7.70
N SER C 198 -33.16 36.61 -7.90
CA SER C 198 -33.28 37.16 -9.25
C SER C 198 -32.16 36.68 -10.17
N CYS C 199 -30.99 36.45 -9.58
CA CYS C 199 -29.81 35.97 -10.30
C CYS C 199 -29.92 34.53 -10.77
N CYS C 200 -30.93 33.80 -10.28
CA CYS C 200 -30.97 32.35 -10.48
C CYS C 200 -32.36 31.82 -10.83
N PRO C 201 -32.42 30.86 -11.76
CA PRO C 201 -33.67 30.24 -12.19
C PRO C 201 -34.32 29.24 -11.22
N GLU C 202 -33.53 28.52 -10.41
CA GLU C 202 -34.12 27.39 -9.67
C GLU C 202 -34.69 27.79 -8.32
N PRO C 203 -35.64 27.01 -7.81
CA PRO C 203 -36.22 27.35 -6.51
C PRO C 203 -35.28 26.95 -5.37
N TYR C 204 -35.40 27.61 -4.22
CA TYR C 204 -34.65 27.18 -3.03
C TYR C 204 -35.63 26.91 -1.90
N ILE C 205 -35.50 25.72 -1.33
CA ILE C 205 -36.45 25.24 -0.34
C ILE C 205 -35.84 25.32 1.06
N ASP C 206 -36.67 25.65 2.04
CA ASP C 206 -36.26 25.64 3.43
C ASP C 206 -37.44 25.20 4.27
N VAL C 207 -37.16 24.73 5.46
CA VAL C 207 -38.21 24.44 6.43
C VAL C 207 -38.11 25.44 7.56
N ASN C 208 -39.20 26.16 7.79
CA ASN C 208 -39.21 27.25 8.73
C ASN C 208 -39.76 26.75 10.05
N LEU C 209 -38.96 26.90 11.09
CA LEU C 209 -39.34 26.40 12.42
C LEU C 209 -39.71 27.63 13.23
N VAL C 210 -41.00 27.74 13.58
CA VAL C 210 -41.49 28.92 14.31
C VAL C 210 -41.92 28.50 15.72
N VAL C 211 -41.33 29.15 16.71
CA VAL C 211 -41.55 28.78 18.11
C VAL C 211 -42.04 29.99 18.92
N LYS C 212 -43.19 29.86 19.57
CA LYS C 212 -43.65 30.88 20.51
C LYS C 212 -43.49 30.36 21.94
N PHE C 213 -42.87 31.14 22.80
CA PHE C 213 -42.56 30.63 24.13
C PHE C 213 -42.59 31.73 25.16
N ARG C 214 -42.67 31.33 26.42
CA ARG C 214 -42.63 32.32 27.50
C ARG C 214 -41.97 31.74 28.75
N GLU C 215 -41.57 32.60 29.67
CA GLU C 215 -41.08 32.12 30.96
C GLU C 215 -42.14 31.27 31.66
N ARG C 216 -41.74 30.09 32.12
CA ARG C 216 -42.66 29.22 32.85
C ARG C 216 -42.80 29.77 34.25
N ARG C 217 -44.04 29.91 34.71
CA ARG C 217 -44.29 30.33 36.07
C ARG C 217 -44.69 29.10 36.87
N ALA C 218 -44.02 28.86 37.98
CA ALA C 218 -44.35 27.69 38.78
C ALA C 218 -45.08 28.08 40.06
N GLY C 219 -46.00 27.23 40.51
CA GLY C 219 -46.57 27.37 41.84
C GLY C 219 -45.57 26.83 42.85
N ASN C 220 -45.89 26.93 44.13
CA ASN C 220 -44.97 26.39 45.14
C ASN C 220 -45.40 24.95 45.37
N GLY C 221 -44.54 24.03 44.93
CA GLY C 221 -44.84 22.62 45.01
C GLY C 221 -43.95 21.84 44.07
N PHE C 222 -43.97 20.52 44.21
CA PHE C 222 -43.15 19.65 43.37
C PHE C 222 -43.89 19.25 42.11
N PHE C 223 -43.35 19.68 40.97
CA PHE C 223 -43.88 19.33 39.67
C PHE C 223 -43.06 18.14 39.17
N ARG C 224 -43.73 16.98 39.06
CA ARG C 224 -43.07 15.74 38.68
C ARG C 224 -43.35 15.40 37.22
N ASN C 225 -42.36 14.81 36.57
CA ASN C 225 -42.46 14.45 35.16
C ASN C 225 -41.55 13.27 34.83
N ASP D 4 15.48 -14.33 33.12
CA ASP D 4 14.18 -13.73 33.42
C ASP D 4 13.84 -12.59 32.46
N ASP D 5 14.86 -11.84 32.05
CA ASP D 5 14.67 -10.69 31.18
C ASP D 5 14.35 -11.11 29.74
N ASP D 6 14.66 -12.36 29.40
CA ASP D 6 14.36 -12.88 28.07
C ASP D 6 12.97 -13.51 28.00
N ASP D 7 12.35 -13.72 29.16
CA ASP D 7 10.97 -14.19 29.22
C ASP D 7 10.02 -13.03 29.01
N LYS D 8 10.37 -11.89 29.60
CA LYS D 8 9.53 -10.71 29.57
C LYS D 8 9.47 -10.10 28.17
N LEU D 9 10.42 -10.46 27.32
CA LEU D 9 10.39 -10.05 25.92
C LEU D 9 9.41 -10.91 25.13
N HIS D 10 9.34 -12.19 25.49
CA HIS D 10 8.34 -13.09 24.94
C HIS D 10 6.95 -12.67 25.39
N SER D 11 6.81 -12.42 26.68
CA SER D 11 5.55 -11.95 27.24
C SER D 11 5.04 -10.79 26.40
N GLN D 12 5.91 -9.82 26.17
CA GLN D 12 5.58 -8.66 25.38
C GLN D 12 5.20 -9.02 23.94
N ALA D 13 5.90 -9.99 23.37
CA ALA D 13 5.61 -10.45 22.01
C ALA D 13 4.33 -11.26 21.97
N ASN D 14 4.01 -11.92 23.07
CA ASN D 14 2.75 -12.65 23.16
C ASN D 14 1.52 -11.73 23.06
N LEU D 15 1.63 -10.55 23.66
CA LEU D 15 0.53 -9.58 23.61
C LEU D 15 0.42 -8.95 22.23
N MET D 16 1.55 -8.54 21.64
CA MET D 16 1.54 -8.03 20.27
C MET D 16 0.83 -9.00 19.33
N ARG D 17 1.06 -10.28 19.58
CA ARG D 17 0.55 -11.35 18.74
C ARG D 17 -0.94 -11.56 18.95
N LEU D 18 -1.34 -11.55 20.21
CA LEU D 18 -2.76 -11.61 20.58
C LEU D 18 -3.51 -10.41 19.99
N LYS D 19 -2.97 -9.21 20.18
CA LYS D 19 -3.63 -8.03 19.64
C LYS D 19 -3.77 -8.11 18.13
N SER D 20 -2.70 -8.54 17.45
CA SER D 20 -2.74 -8.63 16.00
C SER D 20 -3.75 -9.68 15.53
N ASP D 21 -3.86 -10.77 16.27
CA ASP D 21 -4.76 -11.84 15.87
C ASP D 21 -6.24 -11.45 16.03
N LEU D 22 -6.58 -10.80 17.13
CA LEU D 22 -7.92 -10.28 17.32
C LEU D 22 -8.29 -9.16 16.33
N PHE D 23 -7.46 -8.12 16.27
CA PHE D 23 -7.77 -6.89 15.53
C PHE D 23 -7.51 -6.85 14.01
N ASN D 24 -6.45 -7.50 13.55
CA ASN D 24 -6.07 -7.44 12.13
C ASN D 24 -6.57 -8.60 11.28
N ARG D 25 -7.25 -9.58 11.88
CA ARG D 25 -7.62 -10.77 11.13
C ARG D 25 -9.02 -10.86 10.55
N SER D 26 -10.05 -10.67 11.37
CA SER D 26 -11.39 -10.44 10.84
C SER D 26 -11.76 -8.95 10.93
N PRO D 27 -12.93 -8.56 10.38
CA PRO D 27 -13.38 -7.17 10.49
C PRO D 27 -13.99 -6.84 11.84
N MET D 28 -14.09 -5.56 12.17
CA MET D 28 -14.71 -5.14 13.42
C MET D 28 -16.17 -5.65 13.54
N TYR D 29 -16.54 -5.98 14.77
CA TYR D 29 -17.90 -6.40 15.09
C TYR D 29 -18.86 -5.30 14.62
N PRO D 30 -19.82 -5.65 13.73
CA PRO D 30 -20.71 -4.58 13.25
C PRO D 30 -21.96 -4.39 14.09
N GLY D 31 -21.83 -4.32 15.42
CA GLY D 31 -22.99 -4.07 16.25
C GLY D 31 -23.91 -5.27 16.30
N PRO D 32 -24.85 -5.30 17.26
CA PRO D 32 -25.81 -6.37 17.42
C PRO D 32 -26.94 -6.32 16.40
N THR D 33 -27.65 -7.43 16.23
CA THR D 33 -28.80 -7.49 15.33
C THR D 33 -29.98 -8.18 16.06
N LYS D 34 -31.12 -8.30 15.41
CA LYS D 34 -32.29 -8.91 16.06
C LYS D 34 -32.02 -10.37 16.44
N ASP D 35 -31.33 -11.10 15.57
CA ASP D 35 -31.00 -12.49 15.85
C ASP D 35 -29.59 -12.67 16.42
N ASP D 36 -28.90 -11.57 16.67
CA ASP D 36 -27.63 -11.62 17.41
C ASP D 36 -27.61 -10.52 18.48
N PRO D 37 -28.57 -10.56 19.42
CA PRO D 37 -28.74 -9.43 20.34
C PRO D 37 -27.64 -9.43 21.39
N LEU D 38 -27.48 -8.31 22.08
CA LEU D 38 -26.38 -8.14 23.03
C LEU D 38 -26.88 -7.50 24.32
N THR D 39 -26.41 -8.00 25.45
CA THR D 39 -26.72 -7.38 26.73
C THR D 39 -25.58 -6.46 27.18
N VAL D 40 -25.92 -5.27 27.64
CA VAL D 40 -24.95 -4.30 28.09
C VAL D 40 -25.26 -3.94 29.53
N TYR D 41 -24.31 -4.15 30.41
CA TYR D 41 -24.51 -3.81 31.80
C TYR D 41 -24.05 -2.38 32.04
N LEU D 42 -24.84 -1.66 32.81
CA LEU D 42 -24.64 -0.26 32.99
C LEU D 42 -24.74 0.04 34.49
N SER D 43 -23.78 0.79 35.02
CA SER D 43 -23.80 1.17 36.44
C SER D 43 -23.08 2.51 36.63
N PHE D 44 -23.57 3.33 37.56
CA PHE D 44 -22.99 4.65 37.76
C PHE D 44 -22.33 4.83 39.12
N SER D 45 -21.29 5.65 39.15
CA SER D 45 -20.69 6.12 40.40
C SER D 45 -20.68 7.63 40.31
N LEU D 46 -21.40 8.30 41.19
CA LEU D 46 -21.44 9.76 41.16
CA LEU D 46 -21.44 9.76 41.18
C LEU D 46 -20.25 10.35 41.91
N LEU D 47 -19.56 11.28 41.26
CA LEU D 47 -18.37 11.91 41.84
C LEU D 47 -18.71 13.25 42.45
N ASP D 48 -19.25 14.13 41.63
CA ASP D 48 -19.53 15.47 42.11
C ASP D 48 -20.75 16.05 41.41
N ILE D 49 -21.57 16.80 42.15
CA ILE D 49 -22.47 17.74 41.49
C ILE D 49 -21.71 19.06 41.52
N VAL D 50 -21.26 19.50 40.37
CA VAL D 50 -20.38 20.65 40.29
C VAL D 50 -21.13 21.97 40.35
N LYS D 51 -22.24 22.02 39.61
CA LYS D 51 -22.98 23.27 39.44
C LYS D 51 -24.45 22.99 39.18
N ALA D 52 -25.32 23.80 39.77
CA ALA D 52 -26.75 23.74 39.46
C ALA D 52 -27.21 25.15 39.13
N ASP D 53 -27.68 25.34 37.90
CA ASP D 53 -27.91 26.67 37.36
C ASP D 53 -29.42 26.97 37.27
N SER D 54 -29.89 27.87 38.13
CA SER D 54 -31.30 28.28 38.19
C SER D 54 -31.70 29.12 37.00
N SER D 55 -30.74 29.72 36.32
CA SER D 55 -31.08 30.60 35.22
C SER D 55 -31.44 29.83 33.95
N THR D 56 -30.69 28.76 33.67
CA THR D 56 -31.02 27.85 32.58
C THR D 56 -31.68 26.51 32.92
N ASN D 57 -31.85 26.23 34.20
CA ASN D 57 -32.28 24.90 34.62
C ASN D 57 -31.44 23.77 34.00
N GLU D 58 -30.11 23.86 34.17
CA GLU D 58 -29.20 22.78 33.81
C GLU D 58 -28.37 22.45 35.04
N VAL D 59 -28.03 21.17 35.19
CA VAL D 59 -27.12 20.76 36.26
C VAL D 59 -25.94 20.00 35.67
N ASP D 60 -24.75 20.21 36.25
CA ASP D 60 -23.53 19.54 35.81
C ASP D 60 -23.10 18.45 36.79
N LEU D 61 -23.11 17.20 36.32
CA LEU D 61 -22.60 16.07 37.09
C LEU D 61 -21.24 15.60 36.56
N VAL D 62 -20.36 15.21 37.47
CA VAL D 62 -19.19 14.41 37.12
C VAL D 62 -19.41 12.99 37.63
N TYR D 63 -19.20 11.99 36.80
CA TYR D 63 -19.48 10.63 37.23
C TYR D 63 -18.66 9.67 36.40
N TRP D 64 -18.55 8.42 36.86
CA TRP D 64 -17.97 7.34 36.06
C TRP D 64 -19.10 6.45 35.67
N GLU D 65 -19.11 6.06 34.40
CA GLU D 65 -20.18 5.21 33.91
C GLU D 65 -19.56 3.90 33.52
N GLN D 66 -19.88 2.84 34.25
CA GLN D 66 -19.33 1.53 33.97
C GLN D 66 -20.18 0.76 32.97
N GLN D 67 -19.56 0.39 31.86
CA GLN D 67 -20.24 -0.38 30.81
C GLN D 67 -19.53 -1.69 30.63
N SER D 68 -20.27 -2.78 30.53
CA SER D 68 -19.64 -4.07 30.23
C SER D 68 -20.52 -4.91 29.33
N TRP D 69 -19.88 -5.72 28.49
CA TRP D 69 -20.61 -6.58 27.57
C TRP D 69 -19.67 -7.70 27.15
N LYS D 70 -20.17 -8.62 26.33
CA LYS D 70 -19.36 -9.77 25.94
C LYS D 70 -19.51 -10.07 24.45
N LEU D 71 -18.38 -10.32 23.78
CA LEU D 71 -18.36 -10.62 22.35
C LEU D 71 -17.66 -11.95 22.08
N ASN D 72 -18.25 -12.83 21.28
CA ASN D 72 -17.58 -14.09 20.98
C ASN D 72 -16.30 -13.83 20.19
N SER D 73 -16.34 -12.82 19.34
CA SER D 73 -15.21 -12.52 18.46
C SER D 73 -14.03 -11.96 19.25
N LEU D 74 -14.24 -11.62 20.52
CA LEU D 74 -13.14 -11.19 21.37
C LEU D 74 -12.54 -12.28 22.24
N MET D 75 -13.02 -13.52 22.13
CA MET D 75 -12.48 -14.61 22.95
C MET D 75 -11.15 -15.17 22.44
N TRP D 76 -10.29 -15.60 23.35
CA TRP D 76 -9.10 -16.37 22.97
C TRP D 76 -8.79 -17.41 24.01
N ASP D 77 -7.95 -18.37 23.65
CA ASP D 77 -7.44 -19.35 24.60
C ASP D 77 -6.10 -18.89 25.14
N PRO D 78 -6.05 -18.57 26.44
CA PRO D 78 -4.86 -18.04 27.10
C PRO D 78 -3.61 -18.93 26.96
N ASN D 79 -3.79 -20.22 26.72
CA ASN D 79 -2.65 -21.13 26.61
CA ASN D 79 -2.64 -21.13 26.61
C ASN D 79 -1.83 -20.88 25.34
N GLU D 80 -2.47 -20.41 24.30
CA GLU D 80 -1.78 -20.11 23.05
C GLU D 80 -1.08 -18.77 23.13
N TYR D 81 -1.53 -17.97 24.10
CA TYR D 81 -0.98 -16.63 24.35
C TYR D 81 -0.20 -16.39 25.62
N GLY D 82 0.53 -17.39 26.11
CA GLY D 82 1.54 -17.17 27.12
C GLY D 82 0.85 -16.93 28.43
N ASN D 83 -0.36 -17.48 28.51
CA ASN D 83 -1.23 -17.34 29.67
C ASN D 83 -1.79 -15.94 29.93
N ILE D 84 -1.87 -15.10 28.89
CA ILE D 84 -2.49 -13.79 29.06
C ILE D 84 -3.99 -13.98 29.14
N THR D 85 -4.58 -13.53 30.25
CA THR D 85 -6.03 -13.62 30.41
C THR D 85 -6.78 -12.32 30.11
N ASP D 86 -6.05 -11.25 29.84
CA ASP D 86 -6.69 -9.96 29.57
C ASP D 86 -5.68 -8.89 29.24
N PHE D 87 -6.17 -7.81 28.63
CA PHE D 87 -5.31 -6.70 28.26
C PHE D 87 -6.12 -5.41 28.17
N ARG D 88 -5.41 -4.29 28.16
CA ARG D 88 -5.99 -2.98 27.98
C ARG D 88 -5.75 -2.60 26.53
N THR D 89 -6.69 -1.87 25.95
CA THR D 89 -6.56 -1.44 24.57
C THR D 89 -7.31 -0.13 24.37
N SER D 90 -6.93 0.65 23.37
CA SER D 90 -7.68 1.85 23.04
C SER D 90 -9.13 1.49 22.69
N ALA D 91 -10.08 2.30 23.16
CA ALA D 91 -11.49 2.06 22.85
C ALA D 91 -11.80 2.23 21.36
N ALA D 92 -10.99 3.00 20.65
CA ALA D 92 -11.10 3.09 19.20
C ALA D 92 -10.86 1.76 18.50
N ASP D 93 -10.16 0.83 19.16
CA ASP D 93 -9.87 -0.46 18.55
C ASP D 93 -11.04 -1.46 18.63
N ILE D 94 -12.09 -1.10 19.36
CA ILE D 94 -13.20 -2.02 19.55
C ILE D 94 -14.54 -1.36 19.30
N TRP D 95 -15.54 -2.19 19.06
CA TRP D 95 -16.90 -1.71 19.02
C TRP D 95 -17.31 -1.31 20.45
N THR D 96 -18.01 -0.19 20.57
CA THR D 96 -18.60 0.20 21.84
C THR D 96 -20.07 0.57 21.66
N PRO D 97 -20.88 0.36 22.70
CA PRO D 97 -22.30 0.69 22.59
C PRO D 97 -22.51 2.21 22.52
N ASP D 98 -23.62 2.60 21.91
CA ASP D 98 -24.02 3.99 21.64
C ASP D 98 -24.79 4.64 22.80
N ILE D 99 -24.71 4.06 23.98
CA ILE D 99 -25.38 4.58 25.17
C ILE D 99 -25.12 6.08 25.34
N THR D 100 -26.18 6.84 25.64
CA THR D 100 -26.07 8.29 25.72
C THR D 100 -27.13 8.84 26.65
N ALA D 101 -26.86 10.01 27.22
CA ALA D 101 -27.86 10.64 28.09
C ALA D 101 -28.90 11.33 27.23
N TYR D 102 -30.16 10.96 27.37
CA TYR D 102 -31.23 11.44 26.50
C TYR D 102 -31.54 12.93 26.72
N SER D 103 -31.29 13.40 27.91
CA SER D 103 -31.57 14.76 28.27
C SER D 103 -30.34 15.58 28.63
N SER D 104 -29.22 15.36 27.94
CA SER D 104 -28.07 16.27 27.97
C SER D 104 -28.34 17.58 27.20
N THR D 105 -27.86 18.70 27.74
CA THR D 105 -27.94 19.97 27.03
C THR D 105 -26.67 20.44 26.34
N ARG D 106 -25.57 19.68 26.50
CA ARG D 106 -24.26 20.04 25.94
C ARG D 106 -23.53 18.76 25.58
N PRO D 107 -22.57 18.82 24.64
CA PRO D 107 -21.83 17.58 24.38
C PRO D 107 -21.11 17.13 25.63
N VAL D 108 -21.20 15.84 25.94
CA VAL D 108 -20.48 15.26 27.06
C VAL D 108 -18.98 15.54 26.97
N GLN D 109 -18.36 15.87 28.12
CA GLN D 109 -16.91 16.05 28.15
C GLN D 109 -16.21 14.85 28.79
N VAL D 110 -15.21 14.33 28.11
CA VAL D 110 -14.53 13.12 28.53
C VAL D 110 -13.37 13.47 29.48
N LEU D 111 -13.44 12.96 30.70
CA LEU D 111 -12.42 13.27 31.70
C LEU D 111 -11.31 12.22 31.87
N SER D 112 -11.40 11.07 31.19
CA SER D 112 -10.39 10.02 31.35
C SER D 112 -9.91 9.48 30.01
N PRO D 113 -8.70 8.88 29.97
CA PRO D 113 -8.18 8.32 28.71
C PRO D 113 -9.17 7.27 28.26
N GLN D 114 -9.40 7.10 26.97
CA GLN D 114 -10.44 6.15 26.64
C GLN D 114 -9.81 4.85 26.20
N ASN D 115 -9.79 3.92 27.14
CA ASN D 115 -9.18 2.63 26.96
C ASN D 115 -10.16 1.68 27.58
N ALA D 116 -10.10 0.42 27.18
CA ALA D 116 -10.99 -0.58 27.73
C ALA D 116 -10.20 -1.82 28.12
N LEU D 117 -10.77 -2.59 29.02
CA LEU D 117 -10.19 -3.88 29.39
C LEU D 117 -10.94 -5.00 28.68
N VAL D 118 -10.20 -5.88 28.04
CA VAL D 118 -10.80 -7.04 27.40
C VAL D 118 -10.24 -8.30 28.07
N ASN D 119 -11.09 -9.29 28.36
CA ASN D 119 -10.58 -10.54 28.92
C ASN D 119 -10.90 -11.73 28.05
N SER D 120 -10.18 -12.84 28.29
CA SER D 120 -10.14 -13.99 27.38
C SER D 120 -11.49 -14.60 27.03
N SER D 121 -12.49 -14.39 27.86
CA SER D 121 -13.82 -14.92 27.55
C SER D 121 -14.64 -13.91 26.73
N GLY D 122 -14.00 -12.80 26.33
CA GLY D 122 -14.62 -11.84 25.42
C GLY D 122 -15.45 -10.76 26.09
N HIS D 123 -15.32 -10.66 27.40
CA HIS D 123 -16.01 -9.63 28.15
C HIS D 123 -15.21 -8.33 28.04
N VAL D 124 -15.92 -7.22 27.89
CA VAL D 124 -15.27 -5.91 27.84
C VAL D 124 -15.72 -5.04 29.01
N GLN D 125 -14.77 -4.35 29.60
CA GLN D 125 -15.06 -3.39 30.65
C GLN D 125 -14.64 -1.99 30.21
N TYR D 126 -15.60 -1.08 30.13
CA TYR D 126 -15.32 0.28 29.68
C TYR D 126 -15.82 1.25 30.74
N LEU D 127 -14.95 2.19 31.13
CA LEU D 127 -15.27 3.05 32.26
C LEU D 127 -15.04 4.54 32.02
N PRO D 128 -15.77 5.12 31.06
CA PRO D 128 -15.53 6.55 30.84
C PRO D 128 -15.95 7.41 32.03
N ALA D 129 -15.07 8.31 32.44
CA ALA D 129 -15.41 9.35 33.38
C ALA D 129 -15.88 10.55 32.56
N GLN D 130 -16.99 11.18 32.96
CA GLN D 130 -17.61 12.22 32.16
C GLN D 130 -18.07 13.42 32.99
N ARG D 131 -18.13 14.60 32.35
CA ARG D 131 -18.88 15.72 32.90
C ARG D 131 -20.08 15.93 32.01
N LEU D 132 -21.26 15.96 32.60
CA LEU D 132 -22.51 16.03 31.86
C LEU D 132 -23.37 17.21 32.33
N SER D 133 -23.80 18.05 31.40
CA SER D 133 -24.87 19.03 31.65
C SER D 133 -26.21 18.48 31.17
N PHE D 134 -27.20 18.45 32.05
CA PHE D 134 -28.48 17.90 31.65
C PHE D 134 -29.65 18.73 32.18
N MET D 135 -30.85 18.47 31.67
CA MET D 135 -31.98 19.31 31.99
C MET D 135 -32.42 18.98 33.40
N CYS D 136 -32.36 19.98 34.26
CA CYS D 136 -32.77 19.79 35.65
C CYS D 136 -33.20 21.10 36.27
N ASP D 137 -34.27 21.06 37.05
CA ASP D 137 -34.76 22.26 37.71
C ASP D 137 -34.35 22.11 39.16
N PRO D 138 -33.41 22.94 39.58
CA PRO D 138 -32.81 22.89 40.89
C PRO D 138 -33.65 23.42 42.03
N THR D 139 -34.79 23.98 41.74
CA THR D 139 -35.66 24.54 42.78
C THR D 139 -35.78 23.58 43.95
N GLY D 140 -35.66 24.11 45.17
CA GLY D 140 -35.73 23.28 46.36
C GLY D 140 -34.35 22.88 46.87
N VAL D 141 -33.33 23.11 46.04
CA VAL D 141 -31.99 22.73 46.42
C VAL D 141 -31.58 23.38 47.76
N ASP D 142 -32.24 24.48 48.11
CA ASP D 142 -31.95 25.15 49.38
C ASP D 142 -32.87 24.75 50.54
N SER D 143 -33.77 23.81 50.32
CA SER D 143 -34.60 23.35 51.42
C SER D 143 -34.02 22.06 52.01
N GLU D 144 -34.63 21.57 53.07
CA GLU D 144 -34.15 20.33 53.67
CA GLU D 144 -34.23 20.32 53.72
C GLU D 144 -34.65 19.14 52.85
N GLU D 145 -35.70 19.37 52.08
CA GLU D 145 -36.22 18.34 51.18
CA GLU D 145 -36.22 18.35 51.19
C GLU D 145 -35.31 18.19 49.97
N GLY D 146 -34.66 19.29 49.61
CA GLY D 146 -33.77 19.33 48.46
C GLY D 146 -34.48 19.26 47.11
N ALA D 147 -33.68 19.07 46.06
CA ALA D 147 -34.15 19.05 44.68
C ALA D 147 -34.04 17.65 44.14
N THR D 148 -34.89 17.33 43.17
CA THR D 148 -34.88 16.01 42.54
C THR D 148 -34.77 16.11 41.01
N CYS D 149 -33.81 15.39 40.45
CA CYS D 149 -33.63 15.37 39.00
C CYS D 149 -33.45 13.96 38.46
N ALA D 150 -33.78 13.78 37.19
CA ALA D 150 -33.68 12.49 36.56
C ALA D 150 -33.08 12.65 35.18
N VAL D 151 -32.21 11.71 34.82
CA VAL D 151 -31.70 11.63 33.46
C VAL D 151 -31.67 10.16 33.06
N LYS D 152 -32.28 9.86 31.92
CA LYS D 152 -32.34 8.52 31.36
C LYS D 152 -31.20 8.25 30.37
N PHE D 153 -30.58 7.09 30.51
CA PHE D 153 -29.51 6.67 29.61
C PHE D 153 -29.96 5.43 28.85
N GLY D 154 -29.56 5.34 27.59
CA GLY D 154 -29.75 4.13 26.82
C GLY D 154 -29.20 4.28 25.41
N SER D 155 -29.35 3.24 24.61
CA SER D 155 -28.91 3.27 23.23
C SER D 155 -29.65 4.35 22.46
N TRP D 156 -28.93 5.06 21.61
CA TRP D 156 -29.57 6.08 20.81
C TRP D 156 -30.28 5.45 19.60
N SER D 157 -29.58 4.57 18.90
CA SER D 157 -30.09 3.91 17.70
C SER D 157 -30.57 2.45 17.73
N TYR D 158 -30.40 1.75 18.85
CA TYR D 158 -30.74 0.33 18.91
C TYR D 158 -31.87 0.07 19.88
N GLY D 159 -32.82 -0.76 19.49
CA GLY D 159 -33.93 -1.12 20.36
C GLY D 159 -33.59 -2.27 21.29
N GLY D 160 -34.54 -2.58 22.19
CA GLY D 160 -34.40 -3.67 23.13
C GLY D 160 -34.22 -5.08 22.56
N TRP D 161 -34.51 -5.26 21.27
CA TRP D 161 -34.27 -6.55 20.61
C TRP D 161 -32.85 -6.69 20.07
N GLU D 162 -32.14 -5.55 20.06
CA GLU D 162 -30.74 -5.48 19.65
C GLU D 162 -29.82 -5.31 20.86
N ILE D 163 -30.03 -4.23 21.60
CA ILE D 163 -29.33 -4.05 22.86
C ILE D 163 -30.27 -4.17 24.05
N ASP D 164 -30.05 -5.18 24.89
CA ASP D 164 -30.78 -5.26 26.15
C ASP D 164 -29.90 -4.63 27.20
N LEU D 165 -30.53 -3.92 28.12
CA LEU D 165 -29.80 -3.05 29.01
C LEU D 165 -30.04 -3.52 30.43
N LYS D 166 -29.00 -3.57 31.26
CA LYS D 166 -29.15 -4.09 32.61
C LYS D 166 -28.34 -3.35 33.66
N THR D 167 -28.81 -3.42 34.90
CA THR D 167 -28.03 -2.99 36.05
C THR D 167 -27.82 -4.18 37.00
N ASP D 168 -26.74 -4.12 37.77
CA ASP D 168 -26.47 -5.11 38.81
CA ASP D 168 -26.44 -5.09 38.83
C ASP D 168 -27.21 -4.79 40.12
N THR D 169 -27.37 -3.49 40.39
CA THR D 169 -28.01 -2.99 41.59
C THR D 169 -28.79 -1.75 41.19
N ASP D 170 -29.77 -1.36 42.00
CA ASP D 170 -30.50 -0.12 41.73
CA ASP D 170 -30.52 -0.13 41.75
C ASP D 170 -29.93 1.04 42.56
N GLN D 171 -28.84 0.75 43.25
CA GLN D 171 -28.12 1.73 44.05
C GLN D 171 -26.95 2.36 43.28
N VAL D 172 -27.00 3.66 43.05
CA VAL D 172 -25.86 4.36 42.51
C VAL D 172 -24.71 4.35 43.53
N ASP D 173 -23.50 4.14 43.04
CA ASP D 173 -22.36 4.05 43.92
C ASP D 173 -21.97 5.46 44.37
N LEU D 174 -22.07 5.71 45.66
CA LEU D 174 -21.68 6.98 46.24
C LEU D 174 -20.33 7.03 46.95
N SER D 175 -19.63 5.91 46.96
CA SER D 175 -18.46 5.77 47.83
C SER D 175 -17.35 6.73 47.43
N SER D 176 -17.37 7.17 46.18
CA SER D 176 -16.37 8.13 45.72
C SER D 176 -16.86 9.58 45.70
N TYR D 177 -18.09 9.82 46.15
CA TYR D 177 -18.68 11.16 46.04
C TYR D 177 -17.87 12.15 46.86
N TYR D 178 -17.58 13.31 46.27
CA TYR D 178 -16.71 14.29 46.94
C TYR D 178 -17.37 14.93 48.18
N ALA D 179 -16.70 14.77 49.31
CA ALA D 179 -17.26 15.08 50.62
C ALA D 179 -17.44 16.57 50.81
N SER D 180 -16.59 17.34 50.14
CA SER D 180 -16.65 18.80 50.16
C SER D 180 -17.40 19.49 49.02
N SER D 181 -18.12 18.71 48.22
CA SER D 181 -18.98 19.27 47.17
C SER D 181 -19.94 20.31 47.71
N LYS D 182 -20.32 21.27 46.88
CA LYS D 182 -21.33 22.25 47.27
C LYS D 182 -22.69 21.60 47.56
N TYR D 183 -22.89 20.39 47.06
CA TYR D 183 -24.18 19.73 47.19
C TYR D 183 -24.04 18.36 47.80
N GLU D 184 -24.92 18.04 48.73
CA GLU D 184 -24.88 16.74 49.33
C GLU D 184 -25.95 15.86 48.71
N ILE D 185 -25.65 14.57 48.57
CA ILE D 185 -26.58 13.61 47.98
C ILE D 185 -27.50 12.99 49.04
N LEU D 186 -28.80 13.21 48.89
CA LEU D 186 -29.80 12.56 49.74
C LEU D 186 -30.06 11.12 49.31
N SER D 187 -30.32 10.93 48.02
CA SER D 187 -30.42 9.59 47.44
C SER D 187 -30.09 9.59 45.96
N ALA D 188 -29.55 8.47 45.49
CA ALA D 188 -29.27 8.29 44.08
C ALA D 188 -29.61 6.88 43.66
N THR D 189 -30.51 6.74 42.68
CA THR D 189 -30.91 5.42 42.23
C THR D 189 -30.74 5.25 40.73
N GLN D 190 -30.52 4.01 40.31
CA GLN D 190 -30.43 3.70 38.91
C GLN D 190 -31.35 2.52 38.61
N THR D 191 -32.40 2.78 37.83
CA THR D 191 -33.47 1.81 37.62
C THR D 191 -33.67 1.50 36.16
N ARG D 192 -33.62 0.22 35.80
CA ARG D 192 -33.94 -0.21 34.45
C ARG D 192 -35.43 -0.02 34.20
N GLN D 193 -35.78 0.53 33.04
CA GLN D 193 -37.17 0.72 32.67
C GLN D 193 -37.41 0.24 31.23
N VAL D 194 -38.59 -0.36 30.99
CA VAL D 194 -38.98 -0.76 29.65
C VAL D 194 -40.10 0.14 29.14
N GLN D 195 -39.93 0.64 27.92
CA GLN D 195 -40.86 1.59 27.32
CA GLN D 195 -40.91 1.57 27.35
C GLN D 195 -41.42 1.04 26.01
N HIS D 196 -42.67 1.36 25.70
CA HIS D 196 -43.25 0.98 24.41
C HIS D 196 -43.77 2.19 23.67
N TYR D 197 -43.55 2.22 22.37
CA TYR D 197 -44.10 3.27 21.51
C TYR D 197 -45.21 2.69 20.64
N SER D 198 -46.35 3.38 20.58
CA SER D 198 -47.51 2.88 19.84
C SER D 198 -47.18 2.64 18.37
N CYS D 199 -46.09 3.25 17.90
CA CYS D 199 -45.63 3.11 16.53
C CYS D 199 -44.95 1.77 16.25
N CYS D 200 -44.47 1.10 17.31
CA CYS D 200 -43.61 -0.08 17.12
C CYS D 200 -43.83 -1.16 18.17
N PRO D 201 -43.70 -2.43 17.76
CA PRO D 201 -43.80 -3.59 18.66
C PRO D 201 -42.60 -3.72 19.60
N GLU D 202 -41.44 -3.24 19.17
CA GLU D 202 -40.19 -3.44 19.92
C GLU D 202 -40.17 -2.71 21.26
N PRO D 203 -39.77 -3.40 22.34
CA PRO D 203 -39.56 -2.71 23.62
C PRO D 203 -38.29 -1.85 23.60
N TYR D 204 -38.30 -0.72 24.31
CA TYR D 204 -37.14 0.15 24.38
C TYR D 204 -36.67 0.33 25.82
N ILE D 205 -35.38 0.16 26.04
CA ILE D 205 -34.86 0.10 27.40
C ILE D 205 -34.00 1.30 27.75
N ASP D 206 -34.12 1.76 28.99
CA ASP D 206 -33.27 2.83 29.50
C ASP D 206 -32.96 2.57 30.97
N VAL D 207 -31.93 3.22 31.47
CA VAL D 207 -31.65 3.22 32.90
C VAL D 207 -31.91 4.63 33.38
N ASN D 208 -32.83 4.75 34.34
CA ASN D 208 -33.24 6.05 34.84
C ASN D 208 -32.40 6.36 36.06
N LEU D 209 -31.57 7.39 35.96
CA LEU D 209 -30.75 7.82 37.08
C LEU D 209 -31.52 8.94 37.77
N VAL D 210 -31.90 8.72 39.02
CA VAL D 210 -32.67 9.70 39.78
C VAL D 210 -31.82 10.17 40.96
N VAL D 211 -31.69 11.49 41.13
CA VAL D 211 -30.83 12.02 42.17
C VAL D 211 -31.53 13.11 42.98
N LYS D 212 -31.58 12.91 44.29
CA LYS D 212 -32.08 13.91 45.19
CA LYS D 212 -32.08 13.89 45.22
C LYS D 212 -30.90 14.56 45.91
N PHE D 213 -30.87 15.88 45.92
CA PHE D 213 -29.69 16.59 46.44
C PHE D 213 -30.03 17.96 46.96
N ARG D 214 -29.15 18.51 47.79
CA ARG D 214 -29.33 19.83 48.35
C ARG D 214 -28.01 20.46 48.71
N GLU D 215 -28.01 21.78 48.84
CA GLU D 215 -26.84 22.53 49.23
C GLU D 215 -26.30 22.01 50.56
N ARG D 216 -24.98 21.84 50.64
CA ARG D 216 -24.36 21.39 51.88
CA ARG D 216 -24.37 21.39 51.88
C ARG D 216 -24.58 22.45 52.96
N ARG D 217 -25.08 22.03 54.11
CA ARG D 217 -25.35 22.95 55.22
C ARG D 217 -24.66 22.51 56.52
N ASP E 1 32.70 25.22 5.78
CA ASP E 1 33.46 24.20 5.07
C ASP E 1 32.52 23.08 4.63
N TYR E 2 32.75 22.54 3.44
CA TYR E 2 31.95 21.41 2.98
C TYR E 2 32.34 20.15 3.73
N LYS E 3 33.40 20.23 4.53
CA LYS E 3 33.69 19.17 5.49
C LYS E 3 32.71 19.25 6.66
N ASP E 4 32.43 20.45 7.14
CA ASP E 4 31.44 20.66 8.20
C ASP E 4 30.03 20.33 7.72
N ASP E 5 29.76 20.67 6.46
CA ASP E 5 28.46 20.40 5.86
C ASP E 5 28.24 18.90 5.73
N ASP E 6 29.26 18.18 5.28
CA ASP E 6 29.18 16.73 5.21
C ASP E 6 28.96 16.14 6.60
N ASP E 7 29.68 16.67 7.58
CA ASP E 7 29.57 16.20 8.96
C ASP E 7 28.12 16.32 9.45
N LYS E 8 27.55 17.51 9.27
CA LYS E 8 26.18 17.76 9.65
C LYS E 8 25.26 16.75 8.99
N LEU E 9 25.45 16.59 7.68
CA LEU E 9 24.68 15.64 6.89
C LEU E 9 24.75 14.22 7.48
N HIS E 10 25.96 13.72 7.74
CA HIS E 10 26.13 12.37 8.26
C HIS E 10 25.47 12.18 9.63
N SER E 11 25.53 13.20 10.48
CA SER E 11 24.95 13.09 11.82
C SER E 11 23.42 13.07 11.78
N GLN E 12 22.82 13.85 10.89
CA GLN E 12 21.39 13.80 10.66
C GLN E 12 20.96 12.45 10.15
N ALA E 13 21.79 11.85 9.30
CA ALA E 13 21.44 10.57 8.71
C ALA E 13 21.53 9.50 9.77
N ASN E 14 22.35 9.74 10.78
CA ASN E 14 22.52 8.78 11.86
C ASN E 14 21.29 8.77 12.77
N LEU E 15 20.82 9.96 13.13
CA LEU E 15 19.62 10.08 13.96
C LEU E 15 18.42 9.54 13.20
N MET E 16 18.33 9.85 11.91
CA MET E 16 17.23 9.33 11.08
C MET E 16 17.24 7.80 11.08
N ARG E 17 18.43 7.22 10.95
CA ARG E 17 18.58 5.78 10.94
C ARG E 17 18.21 5.17 12.31
N LEU E 18 18.62 5.82 13.40
CA LEU E 18 18.24 5.36 14.73
C LEU E 18 16.71 5.35 14.88
N LYS E 19 16.07 6.47 14.58
CA LYS E 19 14.62 6.59 14.75
C LYS E 19 13.84 5.56 13.91
N SER E 20 14.30 5.32 12.69
CA SER E 20 13.66 4.33 11.83
C SER E 20 13.80 2.89 12.34
N ASP E 21 14.94 2.56 12.95
CA ASP E 21 15.12 1.23 13.51
C ASP E 21 14.25 1.03 14.75
N LEU E 22 14.20 2.04 15.60
CA LEU E 22 13.35 1.97 16.79
C LEU E 22 11.88 1.84 16.43
N PHE E 23 11.38 2.82 15.67
CA PHE E 23 9.94 2.96 15.36
C PHE E 23 9.33 2.11 14.23
N ASN E 24 10.03 1.98 13.12
CA ASN E 24 9.47 1.33 11.92
C ASN E 24 9.79 -0.14 11.77
N ARG E 25 10.51 -0.69 12.75
CA ARG E 25 10.92 -2.10 12.73
C ARG E 25 10.00 -3.08 13.42
N SER E 26 9.67 -2.80 14.68
CA SER E 26 8.80 -3.68 15.43
C SER E 26 7.53 -2.89 15.79
N PRO E 27 6.40 -3.62 15.95
CA PRO E 27 5.14 -2.95 16.28
C PRO E 27 5.30 -2.17 17.56
N MET E 28 4.50 -1.13 17.75
CA MET E 28 4.62 -0.30 18.95
C MET E 28 4.40 -1.15 20.20
N TYR E 29 5.06 -0.74 21.28
CA TYR E 29 4.90 -1.36 22.58
C TYR E 29 3.41 -1.43 22.90
N PRO E 30 2.94 -2.62 23.21
CA PRO E 30 1.54 -2.90 23.46
C PRO E 30 1.06 -2.50 24.83
N GLY E 31 1.97 -2.09 25.68
CA GLY E 31 1.64 -1.75 27.05
C GLY E 31 2.12 -2.83 28.01
N PRO E 32 2.16 -2.52 29.30
CA PRO E 32 2.68 -3.46 30.31
C PRO E 32 1.68 -4.57 30.64
N THR E 33 2.20 -5.67 31.19
CA THR E 33 1.38 -6.81 31.59
C THR E 33 1.79 -7.29 32.99
N LYS E 34 0.98 -8.17 33.58
CA LYS E 34 1.33 -8.84 34.83
C LYS E 34 2.74 -9.43 34.80
N ASP E 35 3.12 -9.99 33.66
CA ASP E 35 4.42 -10.67 33.52
C ASP E 35 5.51 -9.72 33.06
N ASP E 36 5.15 -8.49 32.72
CA ASP E 36 6.12 -7.49 32.31
C ASP E 36 5.76 -6.11 32.86
N PRO E 37 5.82 -5.94 34.19
CA PRO E 37 5.35 -4.67 34.72
C PRO E 37 6.26 -3.48 34.40
N LEU E 38 5.72 -2.27 34.54
CA LEU E 38 6.41 -1.05 34.22
C LEU E 38 6.40 -0.16 35.44
N THR E 39 7.51 0.51 35.72
CA THR E 39 7.50 1.52 36.79
C THR E 39 7.44 2.91 36.21
N VAL E 40 6.44 3.68 36.59
CA VAL E 40 6.38 5.06 36.15
C VAL E 40 6.69 6.00 37.29
N TYR E 41 7.67 6.87 37.09
CA TYR E 41 8.00 7.89 38.08
C TYR E 41 7.29 9.19 37.75
N LEU E 42 6.63 9.76 38.76
CA LEU E 42 5.93 11.04 38.67
C LEU E 42 6.54 12.06 39.62
N SER E 43 6.59 13.30 39.16
CA SER E 43 6.98 14.40 40.02
C SER E 43 6.25 15.65 39.55
N PHE E 44 5.86 16.50 40.49
CA PHE E 44 5.10 17.69 40.15
C PHE E 44 5.87 18.98 40.44
N SER E 45 5.69 19.96 39.57
CA SER E 45 6.21 21.29 39.80
CA SER E 45 6.22 21.30 39.78
C SER E 45 5.05 22.25 39.62
N LEU E 46 4.67 22.93 40.70
CA LEU E 46 3.52 23.82 40.71
CA LEU E 46 3.52 23.83 40.67
C LEU E 46 3.86 25.23 40.18
N LEU E 47 3.09 25.70 39.19
CA LEU E 47 3.31 27.00 38.55
C LEU E 47 2.40 28.14 38.92
N ASP E 48 1.10 27.90 38.92
CA ASP E 48 0.15 28.90 39.38
C ASP E 48 -1.15 28.24 39.82
N ILE E 49 -1.72 28.74 40.91
CA ILE E 49 -3.13 28.45 41.20
C ILE E 49 -3.86 29.63 40.58
N VAL E 50 -4.58 29.39 39.50
CA VAL E 50 -5.12 30.50 38.73
C VAL E 50 -6.39 31.07 39.34
N LYS E 51 -7.30 30.19 39.76
CA LYS E 51 -8.47 30.65 40.50
C LYS E 51 -9.11 29.56 41.33
N ALA E 52 -9.89 30.01 42.31
CA ALA E 52 -10.62 29.12 43.19
C ALA E 52 -12.05 29.57 43.16
N ASP E 53 -12.95 28.68 42.71
CA ASP E 53 -14.35 29.06 42.60
C ASP E 53 -15.12 28.47 43.78
N SER E 54 -15.54 29.34 44.69
CA SER E 54 -16.26 28.91 45.89
C SER E 54 -17.72 28.69 45.60
N SER E 55 -18.17 29.08 44.40
CA SER E 55 -19.55 28.80 44.02
C SER E 55 -19.74 27.37 43.54
N THR E 56 -18.78 26.86 42.77
CA THR E 56 -18.79 25.45 42.37
C THR E 56 -17.85 24.48 43.13
N ASN E 57 -17.02 25.00 44.01
CA ASN E 57 -15.96 24.21 44.62
C ASN E 57 -15.00 23.54 43.61
N GLU E 58 -14.45 24.35 42.72
CA GLU E 58 -13.42 23.93 41.78
C GLU E 58 -12.22 24.86 41.91
N VAL E 59 -11.04 24.31 41.68
CA VAL E 59 -9.82 25.12 41.60
C VAL E 59 -9.06 24.82 40.31
N ASP E 60 -8.45 25.85 39.76
CA ASP E 60 -7.69 25.74 38.54
C ASP E 60 -6.22 25.91 38.82
N LEU E 61 -5.46 24.89 38.42
CA LEU E 61 -4.06 24.75 38.74
C LEU E 61 -3.26 24.61 37.45
N VAL E 62 -2.20 25.40 37.31
CA VAL E 62 -1.20 25.15 36.28
C VAL E 62 0.04 24.48 36.86
N TYR E 63 0.50 23.41 36.23
CA TYR E 63 1.65 22.68 36.74
C TYR E 63 2.35 21.92 35.63
N TRP E 64 3.59 21.50 35.90
CA TRP E 64 4.28 20.57 35.03
C TRP E 64 4.37 19.25 35.76
N GLU E 65 4.06 18.19 35.04
CA GLU E 65 4.11 16.86 35.60
C GLU E 65 5.23 16.10 34.89
N GLN E 66 6.26 15.69 35.62
CA GLN E 66 7.30 14.91 34.99
C GLN E 66 7.04 13.42 35.11
N GLN E 67 7.02 12.75 33.96
CA GLN E 67 6.81 11.30 33.92
C GLN E 67 8.03 10.67 33.28
N SER E 68 8.47 9.55 33.81
CA SER E 68 9.55 8.80 33.17
C SER E 68 9.41 7.32 33.45
N TRP E 69 9.86 6.53 32.48
CA TRP E 69 9.76 5.09 32.50
C TRP E 69 10.85 4.58 31.56
N LYS E 70 11.16 3.28 31.64
CA LYS E 70 12.12 2.64 30.77
C LYS E 70 11.46 1.51 29.96
N LEU E 71 11.77 1.43 28.66
CA LEU E 71 11.37 0.26 27.87
C LEU E 71 12.59 -0.37 27.26
N ASN E 72 12.64 -1.69 27.30
CA ASN E 72 13.74 -2.40 26.66
C ASN E 72 13.71 -2.23 25.15
N SER E 73 12.51 -2.10 24.57
CA SER E 73 12.40 -1.88 23.13
C SER E 73 12.88 -0.51 22.65
N LEU E 74 13.15 0.41 23.57
CA LEU E 74 13.72 1.73 23.21
C LEU E 74 15.24 1.83 23.34
N MET E 75 15.90 0.71 23.66
CA MET E 75 17.35 0.72 23.92
C MET E 75 18.19 0.63 22.65
N TRP E 76 19.35 1.29 22.64
CA TRP E 76 20.28 1.08 21.52
C TRP E 76 21.74 1.24 21.95
N ASP E 77 22.64 0.70 21.14
CA ASP E 77 24.06 0.89 21.34
C ASP E 77 24.53 2.15 20.61
N PRO E 78 24.90 3.20 21.37
CA PRO E 78 25.31 4.45 20.73
C PRO E 78 26.44 4.25 19.70
N ASN E 79 27.26 3.22 19.86
CA ASN E 79 28.37 2.98 18.92
CA ASN E 79 28.36 2.98 18.92
C ASN E 79 27.88 2.66 17.51
N GLU E 80 26.70 2.04 17.41
CA GLU E 80 26.13 1.65 16.13
CA GLU E 80 26.16 1.66 16.11
C GLU E 80 25.40 2.82 15.46
N TYR E 81 25.11 3.85 16.25
CA TYR E 81 24.35 4.99 15.75
C TYR E 81 25.07 6.31 16.02
N GLY E 82 26.35 6.38 15.65
CA GLY E 82 27.04 7.64 15.51
C GLY E 82 27.34 8.28 16.85
N ASN E 83 27.43 7.47 17.89
CA ASN E 83 27.55 7.97 19.26
C ASN E 83 26.38 8.83 19.75
N ILE E 84 25.20 8.69 19.15
CA ILE E 84 24.02 9.38 19.67
C ILE E 84 23.64 8.69 20.99
N THR E 85 23.63 9.42 22.09
CA THR E 85 23.17 8.86 23.37
C THR E 85 21.70 9.13 23.74
N ASP E 86 21.07 10.06 23.02
CA ASP E 86 19.66 10.35 23.24
C ASP E 86 19.08 11.21 22.11
N PHE E 87 17.77 11.45 22.14
CA PHE E 87 17.10 12.26 21.13
C PHE E 87 15.72 12.75 21.61
N ARG E 88 15.21 13.79 20.97
CA ARG E 88 13.86 14.28 21.23
C ARG E 88 12.95 13.77 20.10
N THR E 89 11.71 13.46 20.43
CA THR E 89 10.75 12.97 19.46
C THR E 89 9.33 13.37 19.88
N SER E 90 8.41 13.32 18.94
CA SER E 90 6.99 13.57 19.20
C SER E 90 6.42 12.49 20.13
N ALA E 91 5.60 12.91 21.10
CA ALA E 91 4.97 11.96 22.00
C ALA E 91 4.07 10.95 21.26
N ALA E 92 3.61 11.32 20.07
CA ALA E 92 2.85 10.40 19.23
C ALA E 92 3.64 9.19 18.73
N ASP E 93 4.96 9.33 18.63
CA ASP E 93 5.75 8.21 18.10
C ASP E 93 6.01 7.10 19.11
N ILE E 94 5.63 7.33 20.36
CA ILE E 94 5.94 6.37 21.41
C ILE E 94 4.74 6.08 22.32
N TRP E 95 4.80 4.95 22.99
CA TRP E 95 3.79 4.64 24.00
C TRP E 95 3.95 5.62 25.15
N THR E 96 2.84 6.12 25.66
CA THR E 96 2.87 6.93 26.87
C THR E 96 1.91 6.30 27.86
N PRO E 97 2.18 6.48 29.16
CA PRO E 97 1.21 5.97 30.14
C PRO E 97 -0.04 6.84 30.24
N ASP E 98 -1.06 6.21 30.80
CA ASP E 98 -2.46 6.66 30.92
C ASP E 98 -2.76 7.48 32.18
N ILE E 99 -1.73 7.96 32.86
CA ILE E 99 -1.88 8.75 34.08
C ILE E 99 -2.88 9.93 33.98
N THR E 100 -3.78 10.02 34.96
CA THR E 100 -4.82 11.05 34.90
C THR E 100 -5.22 11.50 36.31
N ALA E 101 -5.74 12.73 36.43
CA ALA E 101 -6.17 13.23 37.72
C ALA E 101 -7.53 12.63 37.98
N TYR E 102 -7.64 11.91 39.08
CA TYR E 102 -8.89 11.18 39.39
C TYR E 102 -10.08 12.11 39.69
N SER E 103 -9.79 13.29 40.23
CA SER E 103 -10.80 14.30 40.59
C SER E 103 -10.84 15.56 39.69
N SER E 104 -10.50 15.45 38.42
CA SER E 104 -10.74 16.56 37.48
C SER E 104 -12.24 16.82 37.27
N THR E 105 -12.62 18.08 37.16
CA THR E 105 -13.95 18.45 36.68
C THR E 105 -14.11 18.90 35.22
N ARG E 106 -13.00 19.00 34.47
CA ARG E 106 -13.02 19.39 33.07
CA ARG E 106 -13.02 19.41 33.07
C ARG E 106 -11.87 18.69 32.37
N PRO E 107 -11.98 18.48 31.06
CA PRO E 107 -10.85 17.78 30.43
C PRO E 107 -9.58 18.56 30.69
N VAL E 108 -8.46 17.89 30.97
CA VAL E 108 -7.21 18.58 31.21
C VAL E 108 -6.73 19.26 29.93
N GLN E 109 -6.14 20.44 30.08
CA GLN E 109 -5.63 21.18 28.93
C GLN E 109 -4.11 21.10 28.88
N VAL E 110 -3.56 20.76 27.72
CA VAL E 110 -2.10 20.65 27.56
C VAL E 110 -1.55 22.01 27.11
N LEU E 111 -0.61 22.55 27.87
CA LEU E 111 -0.02 23.87 27.59
C LEU E 111 1.31 23.87 26.83
N SER E 112 1.90 22.70 26.59
CA SER E 112 3.26 22.64 26.06
C SER E 112 3.32 21.68 24.87
N PRO E 113 4.30 21.86 23.97
CA PRO E 113 4.40 20.97 22.81
C PRO E 113 4.53 19.55 23.33
N GLN E 114 3.94 18.54 22.69
CA GLN E 114 4.07 17.26 23.33
C GLN E 114 5.17 16.46 22.64
N ASN E 115 6.31 16.43 23.33
CA ASN E 115 7.56 15.87 22.82
C ASN E 115 8.15 15.21 24.03
N ALA E 116 9.04 14.27 23.80
CA ALA E 116 9.63 13.52 24.88
C ALA E 116 11.09 13.31 24.57
N LEU E 117 11.85 12.98 25.61
CA LEU E 117 13.27 12.72 25.46
C LEU E 117 13.55 11.24 25.72
N VAL E 118 14.27 10.61 24.80
CA VAL E 118 14.59 9.18 24.92
C VAL E 118 16.09 8.99 24.97
N ASN E 119 16.56 8.11 25.86
CA ASN E 119 17.99 7.85 25.96
C ASN E 119 18.36 6.40 25.66
N SER E 120 19.63 6.17 25.34
CA SER E 120 20.12 4.88 24.82
C SER E 120 19.82 3.67 25.70
N SER E 121 19.64 3.90 26.99
CA SER E 121 19.27 2.82 27.92
C SER E 121 17.75 2.57 27.93
N GLY E 122 17.01 3.30 27.10
CA GLY E 122 15.61 3.01 26.90
C GLY E 122 14.69 3.83 27.78
N HIS E 123 15.24 4.86 28.43
CA HIS E 123 14.49 5.68 29.35
CA HIS E 123 14.50 5.69 29.35
C HIS E 123 13.76 6.80 28.61
N VAL E 124 12.54 7.08 29.02
CA VAL E 124 11.78 8.15 28.40
C VAL E 124 11.49 9.20 29.45
N GLN E 125 11.69 10.46 29.08
CA GLN E 125 11.35 11.55 29.96
C GLN E 125 10.34 12.46 29.24
N TYR E 126 9.18 12.66 29.87
CA TYR E 126 8.08 13.40 29.29
C TYR E 126 7.55 14.39 30.32
N LEU E 127 7.52 15.69 30.00
CA LEU E 127 7.09 16.73 30.95
C LEU E 127 5.98 17.63 30.40
N PRO E 128 4.75 17.11 30.36
CA PRO E 128 3.65 17.97 29.90
C PRO E 128 3.32 19.12 30.87
N ALA E 129 3.22 20.35 30.40
CA ALA E 129 2.64 21.42 31.21
C ALA E 129 1.14 21.39 31.01
N GLN E 130 0.38 21.55 32.08
CA GLN E 130 -1.05 21.35 32.06
C GLN E 130 -1.81 22.39 32.88
N ARG E 131 -3.06 22.64 32.49
CA ARG E 131 -3.98 23.35 33.37
C ARG E 131 -5.11 22.38 33.73
N LEU E 132 -5.39 22.29 35.02
CA LEU E 132 -6.39 21.37 35.54
C LEU E 132 -7.40 22.07 36.44
N SER E 133 -8.68 21.78 36.21
CA SER E 133 -9.74 22.12 37.15
C SER E 133 -10.13 20.87 37.90
N PHE E 134 -10.09 20.92 39.23
CA PHE E 134 -10.38 19.75 40.05
C PHE E 134 -11.21 20.12 41.29
N MET E 135 -11.77 19.11 41.96
CA MET E 135 -12.72 19.39 43.03
C MET E 135 -11.94 19.80 44.25
N CYS E 136 -12.17 21.03 44.68
CA CYS E 136 -11.53 21.56 45.87
C CYS E 136 -12.51 22.55 46.48
N ASP E 137 -12.69 22.46 47.80
CA ASP E 137 -13.48 23.44 48.51
C ASP E 137 -12.51 24.47 49.07
N PRO E 138 -12.50 25.69 48.51
CA PRO E 138 -11.45 26.56 49.03
C PRO E 138 -11.86 27.37 50.25
N THR E 139 -12.49 26.74 51.23
CA THR E 139 -12.93 27.46 52.41
C THR E 139 -11.69 27.67 53.26
N GLY E 140 -11.46 28.91 53.67
CA GLY E 140 -10.33 29.20 54.53
C GLY E 140 -9.22 29.88 53.78
N VAL E 141 -9.35 29.92 52.46
CA VAL E 141 -8.33 30.55 51.63
C VAL E 141 -8.13 32.02 52.05
N ASP E 142 -9.17 32.61 52.65
CA ASP E 142 -9.14 33.99 53.12
C ASP E 142 -8.67 34.14 54.58
N SER E 143 -8.19 33.07 55.18
CA SER E 143 -7.70 33.08 56.56
C SER E 143 -6.23 32.66 56.58
N GLU E 144 -5.53 32.91 57.69
CA GLU E 144 -4.11 32.61 57.80
CA GLU E 144 -4.10 32.61 57.73
CA GLU E 144 -4.10 32.62 57.80
C GLU E 144 -3.79 31.12 57.73
N GLU E 145 -4.73 30.30 58.18
CA GLU E 145 -4.51 28.85 58.19
C GLU E 145 -4.65 28.29 56.78
N GLY E 146 -5.46 28.98 55.96
CA GLY E 146 -5.57 28.67 54.54
C GLY E 146 -6.50 27.52 54.20
N ALA E 147 -6.50 27.13 52.93
CA ALA E 147 -7.31 26.02 52.48
C ALA E 147 -6.39 24.84 52.12
N THR E 148 -6.89 23.63 52.27
CA THR E 148 -6.16 22.46 51.84
C THR E 148 -6.97 21.68 50.81
N CYS E 149 -6.29 21.28 49.74
CA CYS E 149 -6.92 20.41 48.74
C CYS E 149 -5.97 19.31 48.30
N ALA E 150 -6.53 18.23 47.79
CA ALA E 150 -5.74 17.12 47.33
C ALA E 150 -6.34 16.58 46.05
N VAL E 151 -5.49 16.09 45.16
CA VAL E 151 -5.97 15.36 44.00
C VAL E 151 -5.03 14.18 43.75
N LYS E 152 -5.62 13.02 43.48
CA LYS E 152 -4.85 11.81 43.18
C LYS E 152 -4.58 11.65 41.68
N PHE E 153 -3.38 11.22 41.34
CA PHE E 153 -3.04 10.95 39.95
C PHE E 153 -2.65 9.48 39.82
N GLY E 154 -3.13 8.83 38.78
CA GLY E 154 -2.65 7.49 38.48
C GLY E 154 -3.20 6.93 37.18
N SER E 155 -2.78 5.72 36.87
CA SER E 155 -3.27 5.03 35.69
C SER E 155 -4.77 4.85 35.80
N TRP E 156 -5.47 5.15 34.73
CA TRP E 156 -6.90 4.93 34.72
C TRP E 156 -7.27 3.45 34.53
N SER E 157 -6.65 2.80 33.56
CA SER E 157 -6.91 1.39 33.26
C SER E 157 -5.96 0.28 33.74
N TYR E 158 -4.81 0.62 34.34
CA TYR E 158 -3.84 -0.39 34.74
C TYR E 158 -3.68 -0.42 36.26
N GLY E 159 -3.89 -1.58 36.85
CA GLY E 159 -3.67 -1.72 38.28
C GLY E 159 -2.20 -1.87 38.62
N GLY E 160 -1.93 -2.05 39.91
CA GLY E 160 -0.58 -2.10 40.43
C GLY E 160 0.32 -3.21 39.92
N TRP E 161 -0.25 -4.27 39.37
CA TRP E 161 0.56 -5.38 38.89
C TRP E 161 1.08 -5.11 37.48
N GLU E 162 0.58 -4.04 36.87
CA GLU E 162 0.97 -3.66 35.51
C GLU E 162 1.83 -2.39 35.56
N ILE E 163 1.23 -1.34 36.08
CA ILE E 163 1.97 -0.13 36.32
C ILE E 163 2.20 0.11 37.81
N ASP E 164 3.47 0.28 38.16
CA ASP E 164 3.83 0.69 39.50
C ASP E 164 4.23 2.15 39.43
N LEU E 165 3.67 2.99 40.30
CA LEU E 165 3.98 4.41 40.32
C LEU E 165 4.92 4.73 41.46
N LYS E 166 5.82 5.68 41.24
CA LYS E 166 6.77 6.08 42.28
C LYS E 166 7.10 7.57 42.18
N THR E 167 7.65 8.12 43.25
CA THR E 167 8.10 9.50 43.22
C THR E 167 9.57 9.59 43.54
N ASP E 168 10.26 10.51 42.86
CA ASP E 168 11.63 10.85 43.23
C ASP E 168 11.66 11.36 44.67
N THR E 169 10.83 12.36 44.95
CA THR E 169 10.78 12.98 46.27
C THR E 169 9.34 13.10 46.70
N ASP E 170 9.10 13.38 47.97
CA ASP E 170 7.73 13.66 48.40
CA ASP E 170 7.74 13.66 48.45
C ASP E 170 7.47 15.17 48.47
N GLN E 171 8.46 15.93 48.03
CA GLN E 171 8.36 17.38 48.01
C GLN E 171 8.06 17.88 46.60
N VAL E 172 6.93 18.56 46.48
CA VAL E 172 6.57 19.18 45.23
C VAL E 172 7.53 20.31 44.97
N ASP E 173 7.90 20.50 43.71
CA ASP E 173 8.83 21.56 43.38
C ASP E 173 8.05 22.87 43.29
N LEU E 174 8.38 23.82 44.17
CA LEU E 174 7.82 25.17 44.11
C LEU E 174 8.71 26.24 43.48
N SER E 175 9.88 25.84 43.00
CA SER E 175 10.87 26.84 42.61
C SER E 175 10.47 27.70 41.40
N SER E 176 9.59 27.18 40.55
CA SER E 176 9.05 27.94 39.41
C SER E 176 7.69 28.61 39.65
N TYR E 177 7.16 28.52 40.86
CA TYR E 177 5.82 29.07 41.18
C TYR E 177 5.71 30.59 40.97
N TYR E 178 4.67 31.03 40.28
CA TYR E 178 4.54 32.46 39.94
C TYR E 178 4.42 33.32 41.19
N ALA E 179 5.32 34.29 41.32
CA ALA E 179 5.46 35.05 42.56
C ALA E 179 4.31 36.02 42.78
N SER E 180 3.69 36.41 41.68
CA SER E 180 2.55 37.33 41.68
C SER E 180 1.13 36.73 41.66
N SER E 181 1.06 35.41 41.77
CA SER E 181 -0.22 34.68 41.80
C SER E 181 -1.15 35.19 42.89
N LYS E 182 -2.46 35.12 42.66
CA LYS E 182 -3.45 35.53 43.68
C LYS E 182 -3.37 34.69 44.93
N TYR E 183 -2.69 33.55 44.84
CA TYR E 183 -2.59 32.62 45.96
C TYR E 183 -1.14 32.24 46.17
N GLU E 184 -0.75 32.14 47.44
CA GLU E 184 0.59 31.74 47.78
C GLU E 184 0.46 30.36 48.36
N ILE E 185 1.50 29.54 48.18
CA ILE E 185 1.50 28.16 48.64
C ILE E 185 2.11 28.02 50.04
N LEU E 186 1.33 27.52 51.00
CA LEU E 186 1.82 27.24 52.35
C LEU E 186 2.60 25.94 52.38
N SER E 187 2.18 24.98 51.57
CA SER E 187 2.98 23.80 51.34
C SER E 187 2.33 22.87 50.32
N ALA E 188 3.17 22.02 49.73
CA ALA E 188 2.73 21.07 48.73
C ALA E 188 3.51 19.77 48.87
N THR E 189 2.80 18.64 48.89
CA THR E 189 3.43 17.34 49.03
C THR E 189 2.90 16.39 47.98
N GLN E 190 3.72 15.39 47.64
CA GLN E 190 3.34 14.37 46.67
C GLN E 190 3.67 13.01 47.25
N THR E 191 2.66 12.18 47.43
CA THR E 191 2.86 10.94 48.17
C THR E 191 2.27 9.72 47.46
N ARG E 192 3.10 8.70 47.26
CA ARG E 192 2.62 7.42 46.73
C ARG E 192 1.65 6.79 47.71
N GLN E 193 0.57 6.21 47.19
CA GLN E 193 -0.40 5.52 48.02
C GLN E 193 -0.78 4.21 47.36
N VAL E 194 -1.07 3.21 48.19
CA VAL E 194 -1.54 1.93 47.68
C VAL E 194 -2.93 1.63 48.24
N GLN E 195 -3.87 1.31 47.37
CA GLN E 195 -5.24 1.05 47.77
C GLN E 195 -5.63 -0.37 47.41
N HIS E 196 -6.49 -0.96 48.22
CA HIS E 196 -7.05 -2.27 47.92
C HIS E 196 -8.54 -2.20 48.10
N TYR E 197 -9.26 -2.97 47.28
CA TYR E 197 -10.72 -3.00 47.36
C TYR E 197 -11.20 -4.42 47.66
N SER E 198 -12.26 -4.49 48.47
CA SER E 198 -12.85 -5.76 48.88
C SER E 198 -13.09 -6.64 47.65
N CYS E 199 -13.57 -6.01 46.59
CA CYS E 199 -13.94 -6.71 45.38
C CYS E 199 -12.76 -7.36 44.66
N CYS E 200 -11.56 -6.82 44.81
CA CYS E 200 -10.47 -7.20 43.91
C CYS E 200 -9.13 -7.50 44.58
N PRO E 201 -8.40 -8.51 44.06
CA PRO E 201 -7.05 -8.89 44.51
C PRO E 201 -5.96 -7.87 44.19
N GLU E 202 -6.03 -7.23 43.02
CA GLU E 202 -4.96 -6.34 42.56
C GLU E 202 -4.90 -5.06 43.38
N PRO E 203 -3.69 -4.63 43.78
CA PRO E 203 -3.57 -3.33 44.44
C PRO E 203 -3.66 -2.18 43.44
N TYR E 204 -4.04 -0.99 43.90
CA TYR E 204 -4.12 0.18 43.04
C TYR E 204 -3.26 1.29 43.58
N ILE E 205 -2.35 1.77 42.74
CA ILE E 205 -1.38 2.79 43.14
C ILE E 205 -1.82 4.18 42.64
N ASP E 206 -1.62 5.19 43.47
CA ASP E 206 -1.79 6.57 43.01
C ASP E 206 -0.75 7.41 43.70
N VAL E 207 -0.56 8.63 43.18
CA VAL E 207 0.24 9.65 43.83
C VAL E 207 -0.70 10.78 44.26
N ASN E 208 -0.62 11.14 45.54
CA ASN E 208 -1.58 12.06 46.11
C ASN E 208 -0.91 13.41 46.30
N LEU E 209 -1.44 14.43 45.63
CA LEU E 209 -0.89 15.78 45.66
C LEU E 209 -1.71 16.61 46.62
N VAL E 210 -1.07 17.05 47.71
CA VAL E 210 -1.75 17.85 48.71
C VAL E 210 -1.15 19.25 48.70
N VAL E 211 -1.99 20.24 48.45
CA VAL E 211 -1.56 21.63 48.39
C VAL E 211 -2.35 22.43 49.43
N LYS E 212 -1.64 23.20 50.24
CA LYS E 212 -2.26 24.09 51.20
C LYS E 212 -1.96 25.51 50.73
N PHE E 213 -2.96 26.36 50.64
CA PHE E 213 -2.75 27.67 50.02
C PHE E 213 -3.68 28.74 50.58
N ARG E 214 -3.31 30.00 50.36
CA ARG E 214 -4.16 31.12 50.80
C ARG E 214 -3.94 32.33 49.92
N GLU E 215 -4.87 33.29 49.99
CA GLU E 215 -4.76 34.53 49.22
C GLU E 215 -3.48 35.26 49.57
N ARG E 216 -2.83 35.85 48.57
CA ARG E 216 -1.57 36.57 48.74
CA ARG E 216 -1.56 36.51 48.82
C ARG E 216 -1.72 37.78 49.66
N LYS F 3 1.96 23.28 -30.10
CA LYS F 3 0.55 23.34 -30.44
C LYS F 3 0.06 22.07 -31.15
N ASP F 4 0.87 21.53 -32.06
CA ASP F 4 0.63 20.20 -32.62
C ASP F 4 1.08 19.17 -31.58
N ASP F 5 2.15 19.49 -30.89
CA ASP F 5 2.65 18.68 -29.79
C ASP F 5 1.65 18.65 -28.64
N ASP F 6 0.80 19.68 -28.56
CA ASP F 6 -0.25 19.75 -27.54
C ASP F 6 -1.42 18.81 -27.81
N ASP F 7 -1.84 18.74 -29.07
CA ASP F 7 -2.94 17.87 -29.44
C ASP F 7 -2.51 16.41 -29.26
N LYS F 8 -1.30 16.12 -29.71
CA LYS F 8 -0.71 14.80 -29.52
C LYS F 8 -0.68 14.42 -28.04
N LEU F 9 -0.30 15.36 -27.20
CA LEU F 9 -0.27 15.10 -25.76
C LEU F 9 -1.68 14.87 -25.22
N HIS F 10 -2.68 15.46 -25.86
CA HIS F 10 -4.08 15.29 -25.45
C HIS F 10 -4.61 13.92 -25.84
N SER F 11 -4.30 13.48 -27.05
CA SER F 11 -4.82 12.21 -27.53
C SER F 11 -4.23 11.08 -26.70
N GLN F 12 -3.01 11.30 -26.22
CA GLN F 12 -2.36 10.36 -25.30
C GLN F 12 -3.12 10.29 -23.99
N ALA F 13 -3.34 11.45 -23.38
CA ALA F 13 -4.12 11.52 -22.14
C ALA F 13 -5.46 10.83 -22.34
N ASN F 14 -6.07 11.04 -23.50
CA ASN F 14 -7.36 10.41 -23.77
C ASN F 14 -7.30 8.89 -23.73
N LEU F 15 -6.33 8.31 -24.44
CA LEU F 15 -6.13 6.88 -24.45
C LEU F 15 -5.85 6.30 -23.05
N MET F 16 -4.99 6.97 -22.31
CA MET F 16 -4.66 6.56 -20.94
C MET F 16 -5.88 6.63 -20.04
N ARG F 17 -6.69 7.66 -20.22
CA ARG F 17 -7.91 7.82 -19.46
C ARG F 17 -8.87 6.65 -19.78
N LEU F 18 -8.98 6.28 -21.05
CA LEU F 18 -9.84 5.17 -21.44
C LEU F 18 -9.36 3.85 -20.82
N LYS F 19 -8.06 3.58 -20.90
CA LYS F 19 -7.54 2.31 -20.38
C LYS F 19 -7.73 2.24 -18.87
N SER F 20 -7.36 3.31 -18.17
CA SER F 20 -7.61 3.41 -16.73
C SER F 20 -9.07 3.10 -16.39
N ASP F 21 -9.99 3.75 -17.09
CA ASP F 21 -11.42 3.58 -16.84
C ASP F 21 -11.91 2.15 -17.10
N LEU F 22 -11.39 1.51 -18.14
CA LEU F 22 -11.75 0.12 -18.41
C LEU F 22 -11.12 -0.84 -17.41
N PHE F 23 -9.79 -0.77 -17.30
CA PHE F 23 -9.00 -1.71 -16.52
C PHE F 23 -8.86 -1.48 -15.00
N ASN F 24 -8.58 -0.25 -14.58
CA ASN F 24 -8.38 0.01 -13.15
C ASN F 24 -9.66 0.39 -12.42
N ARG F 25 -10.67 0.74 -13.20
CA ARG F 25 -11.89 1.30 -12.66
CA ARG F 25 -11.90 1.31 -12.67
C ARG F 25 -12.93 0.21 -12.40
N SER F 26 -12.51 -1.04 -12.53
CA SER F 26 -13.40 -2.18 -12.30
C SER F 26 -12.63 -3.50 -12.39
N PRO F 27 -13.09 -4.52 -11.64
CA PRO F 27 -12.35 -5.79 -11.60
C PRO F 27 -12.59 -6.59 -12.87
N MET F 28 -11.63 -7.43 -13.25
CA MET F 28 -11.68 -8.07 -14.56
C MET F 28 -12.90 -8.98 -14.75
N TYR F 29 -13.32 -9.11 -15.99
CA TYR F 29 -14.44 -9.96 -16.38
C TYR F 29 -14.15 -11.39 -15.93
N PRO F 30 -14.99 -11.97 -15.05
CA PRO F 30 -14.50 -13.24 -14.55
C PRO F 30 -14.90 -14.43 -15.42
N GLY F 31 -14.76 -14.31 -16.74
CA GLY F 31 -15.13 -15.37 -17.64
C GLY F 31 -16.63 -15.55 -17.82
N PRO F 32 -17.02 -16.30 -18.86
CA PRO F 32 -18.44 -16.54 -19.12
C PRO F 32 -19.06 -17.52 -18.13
N THR F 33 -20.39 -17.50 -18.04
CA THR F 33 -21.13 -18.51 -17.28
C THR F 33 -22.35 -18.94 -18.08
N LYS F 34 -23.11 -19.89 -17.54
CA LYS F 34 -24.28 -20.40 -18.25
C LYS F 34 -25.39 -19.33 -18.32
N ASP F 35 -25.36 -18.38 -17.39
CA ASP F 35 -26.29 -17.24 -17.39
C ASP F 35 -25.80 -16.10 -18.27
N ASP F 36 -24.54 -16.16 -18.66
CA ASP F 36 -23.93 -15.10 -19.44
C ASP F 36 -22.94 -15.71 -20.43
N PRO F 37 -23.44 -16.42 -21.44
CA PRO F 37 -22.46 -17.15 -22.22
C PRO F 37 -21.74 -16.24 -23.22
N LEU F 38 -20.77 -16.82 -23.92
CA LEU F 38 -19.86 -16.06 -24.77
C LEU F 38 -19.62 -16.83 -26.05
N THR F 39 -19.75 -16.14 -27.17
CA THR F 39 -19.40 -16.73 -28.46
C THR F 39 -17.96 -16.35 -28.86
N VAL F 40 -17.13 -17.34 -29.13
CA VAL F 40 -15.78 -17.07 -29.62
C VAL F 40 -15.65 -17.52 -31.08
N TYR F 41 -15.23 -16.62 -31.94
CA TYR F 41 -14.96 -16.96 -33.34
C TYR F 41 -13.51 -17.37 -33.55
N LEU F 42 -13.33 -18.44 -34.32
CA LEU F 42 -12.01 -19.00 -34.58
C LEU F 42 -11.78 -19.12 -36.07
N SER F 43 -10.57 -18.76 -36.51
CA SER F 43 -10.16 -19.06 -37.87
CA SER F 43 -10.16 -19.03 -37.88
C SER F 43 -8.65 -19.25 -37.91
N PHE F 44 -8.21 -20.13 -38.79
CA PHE F 44 -6.81 -20.47 -38.86
C PHE F 44 -6.21 -20.04 -40.18
N SER F 45 -4.99 -19.54 -40.08
CA SER F 45 -4.16 -19.28 -41.25
CA SER F 45 -4.17 -19.29 -41.26
C SER F 45 -2.94 -20.18 -41.15
N LEU F 46 -2.75 -21.08 -42.11
CA LEU F 46 -1.59 -21.96 -42.08
C LEU F 46 -0.33 -21.31 -42.66
N LEU F 47 0.74 -21.28 -41.88
CA LEU F 47 2.00 -20.73 -42.36
C LEU F 47 2.93 -21.78 -42.96
N ASP F 48 3.30 -22.77 -42.16
CA ASP F 48 4.25 -23.76 -42.63
C ASP F 48 4.04 -25.08 -41.92
N ILE F 49 4.17 -26.18 -42.64
CA ILE F 49 4.34 -27.46 -41.95
C ILE F 49 5.84 -27.62 -41.87
N VAL F 50 6.39 -27.55 -40.66
CA VAL F 50 7.83 -27.52 -40.51
C VAL F 50 8.45 -28.89 -40.59
N LYS F 51 7.83 -29.84 -39.91
CA LYS F 51 8.45 -31.14 -39.75
C LYS F 51 7.38 -32.20 -39.66
N ALA F 52 7.64 -33.37 -40.22
CA ALA F 52 6.77 -34.52 -40.03
C ALA F 52 7.63 -35.69 -39.57
N ASP F 53 7.43 -36.12 -38.33
CA ASP F 53 8.29 -37.14 -37.76
C ASP F 53 7.53 -38.46 -37.72
N SER F 54 7.94 -39.40 -38.57
CA SER F 54 7.23 -40.66 -38.67
C SER F 54 7.76 -41.66 -37.65
N SER F 55 8.83 -41.30 -36.96
CA SER F 55 9.32 -42.16 -35.90
C SER F 55 8.52 -42.01 -34.61
N THR F 56 8.10 -40.79 -34.29
CA THR F 56 7.18 -40.55 -33.18
C THR F 56 5.71 -40.29 -33.52
N ASN F 57 5.39 -40.21 -34.80
CA ASN F 57 4.06 -39.73 -35.23
C ASN F 57 3.60 -38.37 -34.66
N GLU F 58 4.48 -37.38 -34.80
CA GLU F 58 4.21 -35.97 -34.48
C GLU F 58 4.46 -35.11 -35.71
N VAL F 59 3.59 -34.12 -35.90
CA VAL F 59 3.81 -33.13 -36.94
C VAL F 59 3.92 -31.76 -36.28
N ASP F 60 4.76 -30.91 -36.84
CA ASP F 60 4.99 -29.54 -36.35
C ASP F 60 4.47 -28.51 -37.34
N LEU F 61 3.49 -27.71 -36.90
CA LEU F 61 2.85 -26.68 -37.73
CA LEU F 61 2.85 -26.71 -37.73
C LEU F 61 3.09 -25.29 -37.17
N VAL F 62 3.32 -24.34 -38.07
CA VAL F 62 3.35 -22.94 -37.67
C VAL F 62 2.10 -22.33 -38.29
N TYR F 63 1.26 -21.70 -37.46
CA TYR F 63 0.00 -21.14 -37.93
C TYR F 63 -0.31 -19.91 -37.10
N TRP F 64 -1.24 -19.08 -37.58
CA TRP F 64 -1.84 -18.05 -36.74
C TRP F 64 -3.27 -18.43 -36.46
N GLU F 65 -3.68 -18.24 -35.22
CA GLU F 65 -5.05 -18.53 -34.84
C GLU F 65 -5.76 -17.23 -34.54
N GLN F 66 -6.77 -16.88 -35.36
CA GLN F 66 -7.55 -15.68 -35.07
C GLN F 66 -8.70 -15.95 -34.09
N GLN F 67 -8.76 -15.15 -33.04
CA GLN F 67 -9.81 -15.29 -32.05
C GLN F 67 -10.50 -13.95 -31.84
N SER F 68 -11.82 -13.98 -31.88
CA SER F 68 -12.64 -12.76 -31.68
C SER F 68 -13.78 -13.04 -30.71
N TRP F 69 -14.08 -12.06 -29.86
CA TRP F 69 -15.27 -12.14 -29.02
C TRP F 69 -15.69 -10.73 -28.63
N LYS F 70 -16.80 -10.63 -27.93
CA LYS F 70 -17.36 -9.33 -27.55
C LYS F 70 -17.75 -9.30 -26.08
N LEU F 71 -17.29 -8.28 -25.35
CA LEU F 71 -17.68 -8.10 -23.96
C LEU F 71 -18.36 -6.74 -23.78
N ASN F 72 -19.50 -6.73 -23.08
CA ASN F 72 -20.19 -5.49 -22.84
C ASN F 72 -19.35 -4.59 -21.96
N SER F 73 -18.56 -5.21 -21.09
CA SER F 73 -17.73 -4.47 -20.15
C SER F 73 -16.49 -3.83 -20.82
N LEU F 74 -16.28 -4.13 -22.09
CA LEU F 74 -15.25 -3.47 -22.87
C LEU F 74 -15.75 -2.32 -23.77
N MET F 75 -17.05 -2.01 -23.69
CA MET F 75 -17.63 -0.98 -24.55
C MET F 75 -17.36 0.42 -24.01
N TRP F 76 -17.34 1.38 -24.92
CA TRP F 76 -17.28 2.76 -24.48
C TRP F 76 -17.79 3.66 -25.56
N ASP F 77 -18.15 4.88 -25.17
CA ASP F 77 -18.64 5.88 -26.12
C ASP F 77 -17.46 6.74 -26.58
N PRO F 78 -17.06 6.57 -27.84
CA PRO F 78 -15.93 7.30 -28.44
C PRO F 78 -15.97 8.83 -28.22
N ASN F 79 -17.16 9.44 -28.15
CA ASN F 79 -17.28 10.90 -28.02
CA ASN F 79 -17.23 10.89 -28.05
C ASN F 79 -16.81 11.42 -26.66
N GLU F 80 -16.77 10.54 -25.66
CA GLU F 80 -16.23 10.91 -24.36
C GLU F 80 -14.72 10.64 -24.24
N TYR F 81 -14.21 9.91 -25.23
CA TYR F 81 -12.80 9.58 -25.43
C TYR F 81 -12.11 10.10 -26.69
N GLY F 82 -12.38 11.34 -27.08
CA GLY F 82 -11.52 12.05 -28.01
C GLY F 82 -11.62 11.32 -29.33
N ASN F 83 -12.74 10.63 -29.50
CA ASN F 83 -13.05 9.85 -30.69
C ASN F 83 -12.15 8.65 -30.95
N ILE F 84 -11.61 8.07 -29.88
CA ILE F 84 -10.85 6.83 -30.02
C ILE F 84 -11.87 5.72 -30.25
N THR F 85 -11.79 5.05 -31.39
CA THR F 85 -12.67 3.91 -31.66
C THR F 85 -12.03 2.53 -31.45
N ASP F 86 -10.72 2.50 -31.22
CA ASP F 86 -10.05 1.26 -30.88
C ASP F 86 -8.68 1.47 -30.22
N PHE F 87 -8.15 0.46 -29.56
CA PHE F 87 -6.78 0.50 -29.11
C PHE F 87 -6.11 -0.87 -29.08
N ARG F 88 -4.78 -0.85 -29.13
CA ARG F 88 -3.98 -2.05 -28.95
C ARG F 88 -3.58 -2.15 -27.49
N THR F 89 -3.58 -3.36 -26.95
CA THR F 89 -3.18 -3.56 -25.57
C THR F 89 -2.52 -4.91 -25.36
N SER F 90 -1.72 -5.01 -24.32
CA SER F 90 -1.17 -6.28 -23.89
C SER F 90 -2.29 -7.29 -23.60
N ALA F 91 -2.13 -8.53 -24.04
CA ALA F 91 -3.10 -9.57 -23.74
C ALA F 91 -3.23 -9.90 -22.24
N ALA F 92 -2.25 -9.49 -21.43
CA ALA F 92 -2.33 -9.77 -19.99
C ALA F 92 -3.38 -8.87 -19.34
N ASP F 93 -3.72 -7.78 -20.02
CA ASP F 93 -4.62 -6.78 -19.45
C ASP F 93 -6.10 -7.17 -19.57
N ILE F 94 -6.40 -8.17 -20.39
CA ILE F 94 -7.78 -8.55 -20.59
C ILE F 94 -7.99 -10.04 -20.44
N TRP F 95 -9.24 -10.43 -20.23
CA TRP F 95 -9.54 -11.84 -20.20
C TRP F 95 -9.34 -12.38 -21.60
N THR F 96 -8.79 -13.58 -21.70
CA THR F 96 -8.71 -14.24 -22.98
C THR F 96 -9.20 -15.68 -22.81
N PRO F 97 -9.77 -16.25 -23.87
CA PRO F 97 -10.32 -17.61 -23.70
C PRO F 97 -9.23 -18.68 -23.66
N ASP F 98 -9.59 -19.80 -23.06
CA ASP F 98 -8.73 -20.94 -22.72
C ASP F 98 -8.59 -21.96 -23.86
N ILE F 99 -8.89 -21.53 -25.08
CA ILE F 99 -8.80 -22.38 -26.27
C ILE F 99 -7.47 -23.12 -26.40
N THR F 100 -7.55 -24.43 -26.64
CA THR F 100 -6.36 -25.28 -26.68
C THR F 100 -6.48 -26.31 -27.78
N ALA F 101 -5.34 -26.75 -28.29
CA ALA F 101 -5.27 -27.90 -29.18
C ALA F 101 -5.35 -29.16 -28.32
N TYR F 102 -6.32 -30.04 -28.59
CA TYR F 102 -6.53 -31.17 -27.70
C TYR F 102 -5.49 -32.29 -27.84
N SER F 103 -4.91 -32.41 -29.02
CA SER F 103 -3.90 -33.43 -29.36
C SER F 103 -2.41 -33.01 -29.35
N SER F 104 -2.11 -31.80 -28.89
CA SER F 104 -0.71 -31.38 -28.76
C SER F 104 0.17 -32.38 -27.96
N THR F 105 1.39 -32.60 -28.44
CA THR F 105 2.39 -33.38 -27.68
C THR F 105 3.48 -32.58 -26.94
N ARG F 106 3.46 -31.27 -27.06
CA ARG F 106 4.41 -30.38 -26.43
CA ARG F 106 4.48 -30.35 -26.49
C ARG F 106 3.75 -29.08 -26.10
N PRO F 107 4.28 -28.28 -25.19
CA PRO F 107 3.65 -26.98 -24.96
C PRO F 107 3.70 -26.12 -26.25
N VAL F 108 2.62 -25.44 -26.57
CA VAL F 108 2.64 -24.57 -27.74
C VAL F 108 3.67 -23.46 -27.55
N GLN F 109 4.40 -23.14 -28.61
CA GLN F 109 5.34 -22.03 -28.56
C GLN F 109 4.75 -20.79 -29.26
N VAL F 110 4.84 -19.65 -28.57
CA VAL F 110 4.25 -18.41 -29.04
C VAL F 110 5.29 -17.66 -29.87
N LEU F 111 4.96 -17.38 -31.13
CA LEU F 111 5.89 -16.72 -32.04
C LEU F 111 5.68 -15.22 -32.22
N SER F 112 4.61 -14.68 -31.65
CA SER F 112 4.27 -13.26 -31.89
C SER F 112 4.06 -12.55 -30.56
N PRO F 113 4.27 -11.23 -30.55
CA PRO F 113 4.09 -10.45 -29.31
C PRO F 113 2.66 -10.62 -28.87
N GLN F 114 2.38 -10.69 -27.57
CA GLN F 114 1.03 -11.04 -27.20
C GLN F 114 0.25 -9.79 -26.82
N ASN F 115 -0.52 -9.32 -27.78
CA ASN F 115 -1.23 -8.06 -27.71
C ASN F 115 -2.53 -8.27 -28.46
N ALA F 116 -3.58 -7.57 -28.05
CA ALA F 116 -4.87 -7.69 -28.71
C ALA F 116 -5.38 -6.32 -29.13
N LEU F 117 -6.32 -6.33 -30.08
CA LEU F 117 -7.00 -5.14 -30.53
C LEU F 117 -8.41 -5.09 -29.95
N VAL F 118 -8.77 -3.97 -29.33
CA VAL F 118 -10.08 -3.81 -28.71
C VAL F 118 -10.80 -2.63 -29.35
N ASN F 119 -12.09 -2.77 -29.67
CA ASN F 119 -12.84 -1.66 -30.26
C ASN F 119 -14.03 -1.22 -29.42
N SER F 120 -14.53 -0.02 -29.71
CA SER F 120 -15.55 0.68 -28.89
C SER F 120 -16.82 -0.13 -28.64
N SER F 121 -17.15 -1.01 -29.57
CA SER F 121 -18.34 -1.84 -29.41
C SER F 121 -18.07 -3.07 -28.54
N GLY F 122 -16.85 -3.16 -28.00
CA GLY F 122 -16.54 -4.18 -27.01
C GLY F 122 -15.91 -5.42 -27.62
N HIS F 123 -15.57 -5.32 -28.90
CA HIS F 123 -14.99 -6.44 -29.62
CA HIS F 123 -14.98 -6.41 -29.67
C HIS F 123 -13.48 -6.55 -29.42
N VAL F 124 -13.01 -7.77 -29.23
CA VAL F 124 -11.60 -8.07 -29.10
C VAL F 124 -11.14 -8.97 -30.24
N GLN F 125 -9.99 -8.64 -30.83
CA GLN F 125 -9.32 -9.53 -31.76
C GLN F 125 -7.93 -9.88 -31.24
N TYR F 126 -7.64 -11.17 -31.19
CA TYR F 126 -6.38 -11.67 -30.67
C TYR F 126 -5.86 -12.66 -31.69
N LEU F 127 -4.62 -12.46 -32.13
CA LEU F 127 -4.07 -13.29 -33.20
C LEU F 127 -2.68 -13.85 -32.87
N PRO F 128 -2.61 -14.83 -31.95
CA PRO F 128 -1.31 -15.44 -31.66
C PRO F 128 -0.76 -16.28 -32.80
N ALA F 129 0.49 -16.05 -33.16
CA ALA F 129 1.17 -16.98 -34.06
C ALA F 129 1.82 -18.06 -33.19
N GLN F 130 1.66 -19.31 -33.58
CA GLN F 130 2.11 -20.42 -32.75
C GLN F 130 2.86 -21.47 -33.56
N ARG F 131 3.75 -22.18 -32.88
CA ARG F 131 4.24 -23.46 -33.40
C ARG F 131 3.73 -24.58 -32.51
N LEU F 132 3.13 -25.58 -33.16
CA LEU F 132 2.44 -26.66 -32.48
C LEU F 132 2.95 -28.03 -32.92
N SER F 133 3.26 -28.90 -31.96
CA SER F 133 3.52 -30.31 -32.24
C SER F 133 2.30 -31.08 -31.82
N PHE F 134 1.69 -31.81 -32.74
CA PHE F 134 0.48 -32.56 -32.40
C PHE F 134 0.56 -34.00 -32.91
N MET F 135 -0.36 -34.85 -32.47
CA MET F 135 -0.34 -36.26 -32.85
C MET F 135 -0.80 -36.39 -34.29
N CYS F 136 0.08 -36.92 -35.13
CA CYS F 136 -0.28 -37.20 -36.50
C CYS F 136 0.58 -38.28 -37.12
N ASP F 137 -0.04 -39.12 -37.95
CA ASP F 137 0.67 -40.17 -38.64
C ASP F 137 0.87 -39.72 -40.06
N PRO F 138 2.10 -39.43 -40.43
CA PRO F 138 2.44 -38.85 -41.70
C PRO F 138 2.48 -39.81 -42.85
N THR F 139 2.20 -41.06 -42.56
CA THR F 139 2.21 -42.10 -43.58
C THR F 139 1.45 -41.67 -44.83
N GLY F 140 2.10 -41.82 -45.97
CA GLY F 140 1.50 -41.45 -47.24
C GLY F 140 1.92 -40.06 -47.69
N VAL F 141 2.77 -39.43 -46.89
CA VAL F 141 3.19 -38.07 -47.22
C VAL F 141 4.13 -38.09 -48.44
N ASP F 142 4.71 -39.26 -48.68
CA ASP F 142 5.63 -39.47 -49.79
C ASP F 142 4.90 -39.94 -51.07
N SER F 143 3.58 -39.98 -51.01
CA SER F 143 2.80 -40.46 -52.15
C SER F 143 1.91 -39.36 -52.70
N GLU F 144 1.52 -39.50 -53.96
CA GLU F 144 0.71 -38.49 -54.64
C GLU F 144 -0.59 -38.17 -53.87
N GLU F 145 -1.13 -39.17 -53.18
CA GLU F 145 -2.40 -38.99 -52.48
C GLU F 145 -2.21 -38.13 -51.22
N GLY F 146 -1.07 -38.29 -50.56
CA GLY F 146 -0.73 -37.48 -49.40
C GLY F 146 -1.10 -38.13 -48.08
N ALA F 147 -0.81 -37.44 -46.99
CA ALA F 147 -1.21 -37.88 -45.66
C ALA F 147 -2.27 -36.95 -45.14
N THR F 148 -3.13 -37.43 -44.25
CA THR F 148 -4.16 -36.57 -43.68
C THR F 148 -3.94 -36.48 -42.19
N CYS F 149 -4.17 -35.30 -41.63
CA CYS F 149 -4.14 -35.13 -40.19
C CYS F 149 -5.17 -34.17 -39.64
N ALA F 150 -5.63 -34.43 -38.43
CA ALA F 150 -6.64 -33.60 -37.82
C ALA F 150 -6.25 -33.32 -36.39
N VAL F 151 -6.51 -32.09 -35.94
CA VAL F 151 -6.38 -31.74 -34.55
C VAL F 151 -7.59 -30.89 -34.16
N LYS F 152 -8.18 -31.20 -33.00
CA LYS F 152 -9.31 -30.43 -32.50
C LYS F 152 -8.90 -29.33 -31.54
N PHE F 153 -9.54 -28.18 -31.67
CA PHE F 153 -9.30 -27.01 -30.83
C PHE F 153 -10.57 -26.63 -30.08
N GLY F 154 -10.42 -26.23 -28.83
CA GLY F 154 -11.57 -25.79 -28.06
C GLY F 154 -11.16 -25.38 -26.67
N SER F 155 -12.12 -24.86 -25.92
CA SER F 155 -11.92 -24.52 -24.53
C SER F 155 -11.52 -25.78 -23.75
N TRP F 156 -10.58 -25.64 -22.83
CA TRP F 156 -10.22 -26.75 -21.99
C TRP F 156 -11.21 -26.93 -20.84
N SER F 157 -11.58 -25.82 -20.23
CA SER F 157 -12.47 -25.84 -19.06
C SER F 157 -13.95 -25.45 -19.15
N TYR F 158 -14.42 -25.01 -20.32
CA TYR F 158 -15.80 -24.53 -20.44
C TYR F 158 -16.62 -25.35 -21.44
N GLY F 159 -17.82 -25.74 -21.05
CA GLY F 159 -18.68 -26.46 -21.97
C GLY F 159 -19.39 -25.50 -22.93
N GLY F 160 -20.23 -26.08 -23.78
CA GLY F 160 -20.98 -25.32 -24.76
C GLY F 160 -22.01 -24.35 -24.19
N TRP F 161 -22.42 -24.55 -22.96
CA TRP F 161 -23.35 -23.60 -22.33
C TRP F 161 -22.67 -22.31 -21.87
N GLU F 162 -21.34 -22.32 -21.79
CA GLU F 162 -20.56 -21.16 -21.36
C GLU F 162 -19.87 -20.48 -22.54
N ILE F 163 -19.02 -21.24 -23.22
CA ILE F 163 -18.43 -20.78 -24.47
C ILE F 163 -18.96 -21.53 -25.70
N ASP F 164 -19.42 -20.78 -26.69
CA ASP F 164 -19.78 -21.38 -27.97
C ASP F 164 -18.76 -20.97 -29.03
N LEU F 165 -18.25 -21.92 -29.80
CA LEU F 165 -17.32 -21.62 -30.88
C LEU F 165 -18.03 -21.53 -32.20
N LYS F 166 -17.59 -20.60 -33.04
CA LYS F 166 -18.05 -20.48 -34.43
C LYS F 166 -16.88 -20.23 -35.36
N THR F 167 -17.04 -20.62 -36.62
CA THR F 167 -16.07 -20.28 -37.65
C THR F 167 -16.74 -19.42 -38.72
N ASP F 168 -16.06 -18.36 -39.13
CA ASP F 168 -16.55 -17.49 -40.21
CA ASP F 168 -16.57 -17.50 -40.20
C ASP F 168 -16.68 -18.26 -41.52
N THR F 169 -15.76 -19.20 -41.74
CA THR F 169 -15.72 -19.98 -42.96
C THR F 169 -15.13 -21.34 -42.63
N ASP F 170 -15.38 -22.33 -43.48
CA ASP F 170 -14.81 -23.67 -43.27
C ASP F 170 -13.51 -23.91 -44.02
N GLN F 171 -13.05 -22.90 -44.75
CA GLN F 171 -11.78 -23.00 -45.45
C GLN F 171 -10.68 -22.30 -44.65
N VAL F 172 -9.66 -23.08 -44.32
CA VAL F 172 -8.46 -22.54 -43.68
C VAL F 172 -7.78 -21.55 -44.61
N ASP F 173 -7.25 -20.47 -44.06
CA ASP F 173 -6.63 -19.49 -44.93
C ASP F 173 -5.21 -19.97 -45.29
N LEU F 174 -4.99 -20.21 -46.58
CA LEU F 174 -3.68 -20.62 -47.09
C LEU F 174 -2.86 -19.54 -47.76
N SER F 175 -3.37 -18.33 -47.82
CA SER F 175 -2.76 -17.31 -48.68
C SER F 175 -1.38 -16.91 -48.17
N SER F 176 -1.11 -17.19 -46.90
CA SER F 176 0.21 -16.92 -46.35
C SER F 176 1.12 -18.14 -46.29
N TYR F 177 0.67 -19.30 -46.77
CA TYR F 177 1.50 -20.51 -46.66
C TYR F 177 2.84 -20.34 -47.37
N TYR F 178 3.89 -20.90 -46.80
CA TYR F 178 5.24 -20.68 -47.31
C TYR F 178 5.43 -21.50 -48.59
N ALA F 179 5.72 -20.79 -49.66
CA ALA F 179 5.77 -21.40 -51.00
C ALA F 179 6.82 -22.48 -51.07
N SER F 180 7.90 -22.28 -50.33
CA SER F 180 9.07 -23.17 -50.30
C SER F 180 9.11 -24.24 -49.17
N SER F 181 8.01 -24.40 -48.46
CA SER F 181 7.93 -25.43 -47.42
C SER F 181 8.28 -26.82 -47.95
N LYS F 182 8.81 -27.69 -47.10
CA LYS F 182 9.03 -29.10 -47.47
C LYS F 182 7.72 -29.80 -47.88
N TYR F 183 6.60 -29.29 -47.39
CA TYR F 183 5.32 -29.94 -47.63
C TYR F 183 4.34 -29.00 -48.29
N GLU F 184 3.58 -29.56 -49.23
CA GLU F 184 2.58 -28.89 -50.02
C GLU F 184 1.21 -29.18 -49.41
N ILE F 185 0.34 -28.19 -49.31
CA ILE F 185 -1.01 -28.40 -48.78
C ILE F 185 -2.04 -28.75 -49.89
N LEU F 186 -2.60 -29.96 -49.84
CA LEU F 186 -3.65 -30.38 -50.78
C LEU F 186 -4.99 -29.77 -50.39
N SER F 187 -5.19 -29.60 -49.07
CA SER F 187 -6.34 -28.87 -48.57
C SER F 187 -6.32 -28.75 -47.05
N ALA F 188 -7.05 -27.77 -46.57
CA ALA F 188 -7.20 -27.58 -45.15
C ALA F 188 -8.59 -27.03 -44.86
N THR F 189 -9.26 -27.60 -43.87
CA THR F 189 -10.60 -27.17 -43.51
C THR F 189 -10.68 -27.05 -42.00
N GLN F 190 -11.58 -26.19 -41.55
CA GLN F 190 -11.81 -25.93 -40.15
C GLN F 190 -13.31 -26.01 -39.99
N THR F 191 -13.79 -26.95 -39.18
CA THR F 191 -15.22 -27.24 -39.08
C THR F 191 -15.68 -27.31 -37.63
N ARG F 192 -16.64 -26.46 -37.26
CA ARG F 192 -17.30 -26.57 -35.97
C ARG F 192 -17.93 -27.96 -35.79
N GLN F 193 -17.76 -28.55 -34.60
CA GLN F 193 -18.36 -29.83 -34.25
C GLN F 193 -19.04 -29.79 -32.88
N VAL F 194 -20.16 -30.51 -32.74
CA VAL F 194 -20.78 -30.68 -31.43
C VAL F 194 -20.55 -32.09 -30.88
N GLN F 195 -19.89 -32.14 -29.74
CA GLN F 195 -19.56 -33.40 -29.07
C GLN F 195 -20.51 -33.66 -27.90
N HIS F 196 -20.93 -34.91 -27.75
CA HIS F 196 -21.72 -35.32 -26.59
C HIS F 196 -21.04 -36.44 -25.81
N TYR F 197 -21.19 -36.42 -24.49
CA TYR F 197 -20.68 -37.47 -23.65
C TYR F 197 -21.85 -37.99 -22.81
N SER F 198 -21.82 -39.28 -22.51
CA SER F 198 -22.90 -39.95 -21.78
C SER F 198 -23.17 -39.38 -20.38
N CYS F 199 -22.11 -38.95 -19.71
CA CYS F 199 -22.20 -38.46 -18.35
C CYS F 199 -22.88 -37.09 -18.28
N CYS F 200 -22.83 -36.37 -19.39
CA CYS F 200 -23.10 -34.94 -19.39
C CYS F 200 -24.25 -34.45 -20.24
N PRO F 201 -25.26 -33.86 -19.60
CA PRO F 201 -26.28 -33.15 -20.38
C PRO F 201 -25.69 -32.05 -21.28
N GLU F 202 -24.66 -31.35 -20.80
CA GLU F 202 -24.07 -30.21 -21.55
C GLU F 202 -23.28 -30.63 -22.79
N PRO F 203 -23.55 -30.00 -23.95
CA PRO F 203 -22.77 -30.27 -25.18
C PRO F 203 -21.40 -29.59 -25.14
N TYR F 204 -20.41 -30.16 -25.83
CA TYR F 204 -19.05 -29.62 -25.87
C TYR F 204 -18.66 -29.28 -27.30
N ILE F 205 -18.19 -28.07 -27.52
CA ILE F 205 -17.95 -27.59 -28.88
C ILE F 205 -16.46 -27.62 -29.21
N ASP F 206 -16.13 -27.94 -30.46
CA ASP F 206 -14.75 -27.88 -30.92
C ASP F 206 -14.70 -27.49 -32.39
N VAL F 207 -13.53 -27.03 -32.84
CA VAL F 207 -13.28 -26.82 -34.25
C VAL F 207 -12.23 -27.81 -34.73
N ASN F 208 -12.60 -28.59 -35.73
CA ASN F 208 -11.72 -29.62 -36.23
C ASN F 208 -10.90 -29.11 -37.43
N LEU F 209 -9.59 -29.02 -37.25
CA LEU F 209 -8.71 -28.57 -38.31
C LEU F 209 -8.16 -29.78 -39.01
N VAL F 210 -8.53 -29.97 -40.26
CA VAL F 210 -8.11 -31.16 -41.01
C VAL F 210 -7.23 -30.73 -42.17
N VAL F 211 -6.04 -31.30 -42.24
CA VAL F 211 -5.08 -30.88 -43.24
C VAL F 211 -4.56 -32.06 -44.02
N LYS F 212 -4.64 -31.95 -45.35
CA LYS F 212 -4.07 -32.96 -46.24
C LYS F 212 -2.84 -32.37 -46.89
N PHE F 213 -1.74 -33.10 -46.84
CA PHE F 213 -0.47 -32.57 -47.30
C PHE F 213 0.45 -33.67 -47.83
N ARG F 214 1.49 -33.27 -48.56
CA ARG F 214 2.47 -34.24 -49.05
C ARG F 214 3.79 -33.54 -49.30
N GLU F 215 4.84 -34.33 -49.40
CA GLU F 215 6.16 -33.80 -49.71
C GLU F 215 6.09 -33.00 -51.01
N ARG F 216 6.63 -31.78 -51.01
CA ARG F 216 6.53 -30.90 -52.17
CA ARG F 216 6.52 -30.91 -52.17
C ARG F 216 7.18 -31.52 -53.40
N ASP G 1 40.00 13.07 -3.85
CA ASP G 1 39.57 13.97 -2.78
C ASP G 1 38.14 13.66 -2.35
N TYR G 2 37.81 13.88 -1.08
CA TYR G 2 36.43 13.67 -0.63
C TYR G 2 35.49 14.70 -1.26
N LYS G 3 36.06 15.72 -1.90
CA LYS G 3 35.27 16.68 -2.66
C LYS G 3 34.86 16.06 -3.99
N ASP G 4 35.82 15.43 -4.66
CA ASP G 4 35.53 14.72 -5.90
C ASP G 4 34.51 13.60 -5.64
N ASP G 5 34.56 13.03 -4.45
CA ASP G 5 33.58 12.02 -4.03
C ASP G 5 32.17 12.60 -3.80
N ASP G 6 32.09 13.87 -3.42
CA ASP G 6 30.80 14.53 -3.26
C ASP G 6 30.17 14.79 -4.62
N ASP G 7 31.00 15.16 -5.60
CA ASP G 7 30.53 15.48 -6.94
C ASP G 7 29.96 14.26 -7.66
N LYS G 8 30.58 13.10 -7.43
CA LYS G 8 30.10 11.87 -8.05
C LYS G 8 28.76 11.47 -7.44
N LEU G 9 28.60 11.74 -6.16
CA LEU G 9 27.38 11.46 -5.43
C LEU G 9 26.25 12.37 -5.93
N HIS G 10 26.59 13.62 -6.20
CA HIS G 10 25.61 14.56 -6.72
C HIS G 10 25.16 14.18 -8.13
N SER G 11 26.08 13.70 -8.97
CA SER G 11 25.74 13.33 -10.34
C SER G 11 24.86 12.07 -10.34
N GLN G 12 25.16 11.13 -9.43
CA GLN G 12 24.28 9.98 -9.23
C GLN G 12 22.88 10.43 -8.88
N ALA G 13 22.76 11.40 -7.98
CA ALA G 13 21.44 11.85 -7.55
C ALA G 13 20.71 12.53 -8.72
N ASN G 14 21.45 13.25 -9.55
CA ASN G 14 20.84 13.86 -10.73
C ASN G 14 20.19 12.84 -11.66
N LEU G 15 20.91 11.77 -11.94
CA LEU G 15 20.41 10.70 -12.79
C LEU G 15 19.23 9.99 -12.16
N MET G 16 19.34 9.61 -10.87
CA MET G 16 18.22 9.01 -10.14
C MET G 16 17.00 9.94 -10.16
N ARG G 17 17.24 11.22 -9.96
CA ARG G 17 16.18 12.19 -10.03
C ARG G 17 15.55 12.20 -11.43
N LEU G 18 16.39 12.21 -12.48
CA LEU G 18 15.92 12.23 -13.86
C LEU G 18 15.02 11.03 -14.11
N LYS G 19 15.53 9.85 -13.79
CA LYS G 19 14.82 8.61 -14.09
C LYS G 19 13.48 8.56 -13.35
N SER G 20 13.50 8.91 -12.07
CA SER G 20 12.27 9.00 -11.30
C SER G 20 11.22 9.93 -11.94
N ASP G 21 11.65 11.09 -12.43
CA ASP G 21 10.71 12.03 -13.06
C ASP G 21 10.11 11.51 -14.36
N LEU G 22 10.90 10.78 -15.14
CA LEU G 22 10.46 10.27 -16.42
C LEU G 22 9.53 9.07 -16.25
N PHE G 23 9.85 8.23 -15.27
CA PHE G 23 9.24 6.90 -15.14
C PHE G 23 8.26 6.56 -14.00
N ASN G 24 8.57 7.04 -12.79
CA ASN G 24 7.66 6.99 -11.65
C ASN G 24 6.59 8.07 -11.63
N ARG G 25 6.93 9.26 -12.05
CA ARG G 25 6.02 10.39 -12.05
C ARG G 25 5.05 10.49 -13.22
N SER G 26 5.18 9.64 -14.22
CA SER G 26 4.20 9.65 -15.31
C SER G 26 3.63 8.24 -15.55
N PRO G 27 2.40 8.18 -16.03
CA PRO G 27 1.76 6.93 -16.43
C PRO G 27 2.58 6.44 -17.58
N MET G 28 2.62 5.14 -17.83
CA MET G 28 3.33 4.62 -19.00
C MET G 28 2.71 4.98 -20.32
N TYR G 29 3.54 5.19 -21.35
CA TYR G 29 3.09 5.57 -22.67
C TYR G 29 2.20 4.45 -23.17
N PRO G 30 1.06 4.79 -23.69
CA PRO G 30 0.08 3.81 -24.13
C PRO G 30 0.39 3.24 -25.45
N GLY G 31 1.43 3.75 -26.08
CA GLY G 31 1.82 3.28 -27.41
C GLY G 31 1.29 4.32 -28.37
N PRO G 32 1.68 4.22 -29.65
CA PRO G 32 1.26 5.16 -30.69
C PRO G 32 -0.21 5.05 -31.10
N THR G 33 -0.77 6.14 -31.59
CA THR G 33 -2.10 6.11 -32.20
C THR G 33 -2.05 6.85 -33.52
N LYS G 34 -3.17 6.88 -34.23
CA LYS G 34 -3.24 7.58 -35.51
C LYS G 34 -3.15 9.09 -35.31
N ASP G 35 -3.51 9.56 -34.10
CA ASP G 35 -3.35 10.97 -33.78
C ASP G 35 -1.95 11.30 -33.24
N ASP G 36 -1.22 10.26 -32.87
CA ASP G 36 0.13 10.41 -32.33
C ASP G 36 1.02 9.31 -32.93
N PRO G 37 1.22 9.34 -34.25
CA PRO G 37 1.98 8.30 -34.96
C PRO G 37 3.44 8.28 -34.58
N LEU G 38 4.12 7.17 -34.87
CA LEU G 38 5.50 7.01 -34.46
C LEU G 38 6.32 6.42 -35.59
N THR G 39 7.52 6.94 -35.77
CA THR G 39 8.43 6.37 -36.76
C THR G 39 9.52 5.54 -36.10
N VAL G 40 9.65 4.30 -36.54
CA VAL G 40 10.70 3.42 -36.06
C VAL G 40 11.74 3.14 -37.16
N TYR G 41 13.00 3.43 -36.88
CA TYR G 41 14.10 3.09 -37.80
C TYR G 41 14.69 1.72 -37.47
N LEU G 42 14.79 0.89 -38.49
CA LEU G 42 15.34 -0.44 -38.34
C LEU G 42 16.59 -0.53 -39.14
N SER G 43 17.58 -1.22 -38.59
CA SER G 43 18.77 -1.57 -39.34
C SER G 43 19.29 -2.92 -38.82
N PHE G 44 19.87 -3.70 -39.71
CA PHE G 44 20.34 -5.04 -39.34
C PHE G 44 21.84 -5.17 -39.52
N SER G 45 22.48 -5.86 -38.58
CA SER G 45 23.87 -6.25 -38.75
CA SER G 45 23.88 -6.24 -38.72
C SER G 45 23.92 -7.76 -38.66
N LEU G 46 24.35 -8.40 -39.73
CA LEU G 46 24.39 -9.85 -39.78
CA LEU G 46 24.40 -9.86 -39.76
C LEU G 46 25.70 -10.39 -39.18
N LEU G 47 25.57 -11.31 -38.22
CA LEU G 47 26.69 -11.91 -37.49
C LEU G 47 27.12 -13.25 -38.02
N ASP G 48 26.17 -14.18 -38.04
CA ASP G 48 26.45 -15.51 -38.51
C ASP G 48 25.21 -16.18 -39.11
N ILE G 49 25.37 -16.95 -40.17
CA ILE G 49 24.37 -17.93 -40.47
C ILE G 49 24.88 -19.22 -39.83
N VAL G 50 24.21 -19.64 -38.76
CA VAL G 50 24.75 -20.75 -37.96
C VAL G 50 24.44 -22.08 -38.63
N LYS G 51 23.22 -22.22 -39.09
CA LYS G 51 22.77 -23.49 -39.59
C LYS G 51 21.76 -23.31 -40.73
N ALA G 52 21.87 -24.13 -41.76
CA ALA G 52 20.84 -24.18 -42.77
C ALA G 52 20.34 -25.61 -42.81
N ASP G 53 19.08 -25.81 -42.48
CA ASP G 53 18.58 -27.17 -42.40
C ASP G 53 17.72 -27.54 -43.61
N SER G 54 18.23 -28.44 -44.44
CA SER G 54 17.55 -28.78 -45.66
C SER G 54 16.46 -29.83 -45.45
N SER G 55 16.44 -30.45 -44.26
CA SER G 55 15.35 -31.38 -43.95
C SER G 55 14.04 -30.69 -43.52
N THR G 56 14.14 -29.64 -42.71
CA THR G 56 12.98 -28.80 -42.38
C THR G 56 12.79 -27.48 -43.16
N ASN G 57 13.74 -27.14 -44.02
CA ASN G 57 13.75 -25.78 -44.59
C ASN G 57 13.63 -24.67 -43.55
N GLU G 58 14.52 -24.74 -42.55
CA GLU G 58 14.71 -23.70 -41.55
C GLU G 58 16.16 -23.22 -41.59
N VAL G 59 16.37 -21.92 -41.51
CA VAL G 59 17.72 -21.41 -41.38
C VAL G 59 17.82 -20.64 -40.06
N ASP G 60 18.96 -20.75 -39.42
CA ASP G 60 19.20 -20.10 -38.14
C ASP G 60 20.22 -19.00 -38.31
N LEU G 61 19.79 -17.79 -37.98
CA LEU G 61 20.56 -16.59 -38.21
C LEU G 61 20.84 -15.90 -36.86
N VAL G 62 22.05 -15.37 -36.69
CA VAL G 62 22.40 -14.49 -35.56
C VAL G 62 22.68 -13.08 -36.09
N TYR G 63 21.96 -12.10 -35.57
CA TYR G 63 22.11 -10.73 -36.03
C TYR G 63 21.92 -9.74 -34.90
N TRP G 64 22.31 -8.49 -35.15
CA TRP G 64 21.91 -7.38 -34.30
C TRP G 64 20.80 -6.59 -35.01
N GLU G 65 19.81 -6.15 -34.26
CA GLU G 65 18.74 -5.36 -34.83
C GLU G 65 18.67 -4.01 -34.15
N GLN G 66 18.97 -2.95 -34.87
CA GLN G 66 18.90 -1.63 -34.28
C GLN G 66 17.51 -1.03 -34.47
N GLN G 67 16.92 -0.62 -33.36
CA GLN G 67 15.64 0.06 -33.39
C GLN G 67 15.85 1.41 -32.73
N SER G 68 15.29 2.44 -33.36
CA SER G 68 15.33 3.82 -32.86
C SER G 68 13.98 4.50 -33.10
N TRP G 69 13.55 5.29 -32.12
CA TRP G 69 12.30 6.03 -32.20
C TRP G 69 12.41 7.21 -31.25
N LYS G 70 11.49 8.16 -31.38
CA LYS G 70 11.47 9.31 -30.50
C LYS G 70 10.10 9.45 -29.83
N LEU G 71 10.12 9.70 -28.52
CA LEU G 71 8.90 9.99 -27.77
C LEU G 71 9.02 11.35 -27.10
N ASN G 72 8.01 12.19 -27.27
CA ASN G 72 8.01 13.47 -26.56
C ASN G 72 8.06 13.30 -25.06
N SER G 73 7.37 12.27 -24.55
CA SER G 73 7.31 11.99 -23.12
C SER G 73 8.66 11.57 -22.55
N LEU G 74 9.62 11.32 -23.42
CA LEU G 74 11.00 11.07 -22.96
C LEU G 74 11.97 12.26 -23.00
N MET G 75 11.49 13.44 -23.38
CA MET G 75 12.37 14.59 -23.49
C MET G 75 12.67 15.19 -22.13
N TRP G 76 13.81 15.86 -21.99
CA TRP G 76 14.04 16.65 -20.79
C TRP G 76 15.04 17.76 -21.07
N ASP G 77 15.04 18.78 -20.23
CA ASP G 77 16.03 19.83 -20.30
C ASP G 77 17.26 19.44 -19.48
N PRO G 78 18.39 19.19 -20.16
CA PRO G 78 19.61 18.79 -19.45
C PRO G 78 20.01 19.79 -18.35
N ASN G 79 19.65 21.06 -18.54
CA ASN G 79 20.00 22.10 -17.58
CA ASN G 79 19.99 22.12 -17.58
C ASN G 79 19.41 21.86 -16.20
N GLU G 80 18.23 21.23 -16.15
CA GLU G 80 17.60 20.93 -14.87
C GLU G 80 18.10 19.63 -14.24
N TYR G 81 18.74 18.82 -15.07
CA TYR G 81 19.36 17.54 -14.68
C TYR G 81 20.87 17.49 -14.76
N GLY G 82 21.55 18.55 -14.34
CA GLY G 82 22.96 18.48 -14.01
C GLY G 82 23.72 18.19 -15.29
N ASN G 83 23.14 18.65 -16.40
CA ASN G 83 23.75 18.51 -17.71
C ASN G 83 23.90 17.06 -18.18
N ILE G 84 22.99 16.18 -17.75
CA ILE G 84 22.93 14.83 -18.29
C ILE G 84 22.22 14.89 -19.64
N THR G 85 22.90 14.52 -20.72
CA THR G 85 22.22 14.45 -22.02
C THR G 85 21.68 13.08 -22.47
N ASP G 86 22.08 12.01 -21.80
CA ASP G 86 21.61 10.66 -22.14
C ASP G 86 21.82 9.72 -20.97
N PHE G 87 21.15 8.57 -20.97
CA PHE G 87 21.42 7.52 -19.98
C PHE G 87 21.04 6.16 -20.53
N ARG G 88 21.56 5.10 -19.91
CA ARG G 88 21.25 3.75 -20.28
C ARG G 88 20.24 3.27 -19.26
N THR G 89 19.30 2.42 -19.67
CA THR G 89 18.34 1.90 -18.74
C THR G 89 17.80 0.56 -19.23
N SER G 90 17.21 -0.17 -18.31
CA SER G 90 16.62 -1.46 -18.65
C SER G 90 15.50 -1.27 -19.68
N ALA G 91 15.48 -2.09 -20.71
CA ALA G 91 14.41 -2.02 -21.70
C ALA G 91 13.03 -2.21 -21.05
N ALA G 92 12.98 -2.86 -19.90
CA ALA G 92 11.72 -3.05 -19.18
C ALA G 92 11.12 -1.74 -18.70
N ASP G 93 11.94 -0.72 -18.56
CA ASP G 93 11.47 0.55 -18.02
C ASP G 93 10.75 1.43 -19.01
N ILE G 94 10.83 1.08 -20.30
CA ILE G 94 10.25 1.92 -21.34
C ILE G 94 9.40 1.10 -22.30
N TRP G 95 8.55 1.79 -23.02
CA TRP G 95 7.78 1.19 -24.08
C TRP G 95 8.75 0.76 -25.19
N THR G 96 8.52 -0.38 -25.80
CA THR G 96 9.29 -0.75 -26.96
C THR G 96 8.35 -1.22 -28.05
N PRO G 97 8.75 -1.05 -29.31
CA PRO G 97 7.85 -1.49 -30.38
C PRO G 97 7.76 -3.02 -30.51
N ASP G 98 6.63 -3.45 -31.06
CA ASP G 98 6.19 -4.84 -31.16
C ASP G 98 6.75 -5.54 -32.42
N ILE G 99 7.78 -4.97 -33.02
CA ILE G 99 8.42 -5.51 -34.23
C ILE G 99 8.76 -7.01 -34.15
N THR G 100 8.34 -7.77 -35.17
CA THR G 100 8.45 -9.21 -35.17
C THR G 100 8.93 -9.71 -36.51
N ALA G 101 9.56 -10.88 -36.52
CA ALA G 101 9.85 -11.57 -37.75
C ALA G 101 8.63 -12.39 -38.09
N TYR G 102 8.08 -12.19 -39.28
CA TYR G 102 6.81 -12.76 -39.63
C TYR G 102 6.92 -14.24 -39.99
N SER G 103 8.08 -14.64 -40.46
CA SER G 103 8.35 -16.02 -40.84
C SER G 103 9.28 -16.84 -39.92
N SER G 104 9.34 -16.51 -38.62
CA SER G 104 10.03 -17.35 -37.63
C SER G 104 9.31 -18.68 -37.43
N THR G 105 10.09 -19.76 -37.27
CA THR G 105 9.56 -21.07 -36.87
C THR G 105 9.75 -21.45 -35.38
N ARG G 106 10.38 -20.59 -34.60
CA ARG G 106 10.60 -20.80 -33.19
CA ARG G 106 10.68 -20.82 -33.20
C ARG G 106 10.67 -19.49 -32.50
N PRO G 107 10.43 -19.43 -31.21
CA PRO G 107 10.59 -18.16 -30.51
C PRO G 107 12.04 -17.65 -30.64
N VAL G 108 12.17 -16.38 -30.97
CA VAL G 108 13.46 -15.69 -31.06
C VAL G 108 14.18 -15.76 -29.72
N GLN G 109 15.49 -15.96 -29.76
CA GLN G 109 16.30 -16.02 -28.55
C GLN G 109 17.18 -14.77 -28.39
N VAL G 110 17.17 -14.19 -27.21
CA VAL G 110 17.89 -12.94 -26.96
C VAL G 110 19.29 -13.22 -26.43
N LEU G 111 20.29 -12.77 -27.19
CA LEU G 111 21.69 -13.02 -26.87
C LEU G 111 22.35 -11.90 -26.08
N SER G 112 21.67 -10.78 -25.93
CA SER G 112 22.31 -9.64 -25.29
C SER G 112 21.44 -9.07 -24.16
N PRO G 113 22.06 -8.43 -23.16
CA PRO G 113 21.36 -7.79 -22.05
C PRO G 113 20.35 -6.80 -22.61
N GLN G 114 19.15 -6.69 -22.05
CA GLN G 114 18.22 -5.81 -22.71
C GLN G 114 18.13 -4.51 -21.96
N ASN G 115 18.80 -3.53 -22.56
CA ASN G 115 18.92 -2.21 -22.01
C ASN G 115 18.86 -1.31 -23.21
N ALA G 116 18.64 -0.03 -22.97
CA ALA G 116 18.48 0.89 -24.07
C ALA G 116 19.08 2.22 -23.68
N LEU G 117 19.36 3.02 -24.70
CA LEU G 117 19.89 4.34 -24.50
C LEU G 117 18.80 5.36 -24.82
N VAL G 118 18.64 6.33 -23.92
CA VAL G 118 17.66 7.38 -24.09
C VAL G 118 18.37 8.72 -24.04
N ASN G 119 18.02 9.65 -24.93
CA ASN G 119 18.65 10.96 -24.86
C ASN G 119 17.65 12.08 -24.70
N SER G 120 18.15 13.26 -24.34
CA SER G 120 17.34 14.39 -23.91
C SER G 120 16.26 14.88 -24.90
N SER G 121 16.45 14.60 -26.17
CA SER G 121 15.48 15.00 -27.18
C SER G 121 14.42 13.91 -27.33
N GLY G 122 14.50 12.88 -26.48
CA GLY G 122 13.50 11.84 -26.45
C GLY G 122 13.75 10.66 -27.36
N HIS G 123 14.98 10.57 -27.88
CA HIS G 123 15.36 9.48 -28.77
CA HIS G 123 15.35 9.49 -28.78
C HIS G 123 15.81 8.24 -28.02
N VAL G 124 15.24 7.10 -28.38
CA VAL G 124 15.62 5.82 -27.82
C VAL G 124 16.40 5.03 -28.87
N GLN G 125 17.43 4.33 -28.42
CA GLN G 125 18.15 3.42 -29.28
C GLN G 125 18.27 2.09 -28.55
N TYR G 126 17.68 1.06 -29.14
CA TYR G 126 17.61 -0.27 -28.55
C TYR G 126 18.23 -1.22 -29.58
N LEU G 127 19.13 -2.09 -29.15
CA LEU G 127 19.88 -2.96 -30.05
C LEU G 127 19.91 -4.46 -29.64
N PRO G 128 18.76 -5.13 -29.71
CA PRO G 128 18.81 -6.56 -29.36
C PRO G 128 19.67 -7.40 -30.28
N ALA G 129 20.58 -8.20 -29.71
CA ALA G 129 21.25 -9.26 -30.44
C ALA G 129 20.37 -10.53 -30.34
N GLN G 130 20.12 -11.18 -31.45
CA GLN G 130 19.14 -12.27 -31.47
C GLN G 130 19.59 -13.47 -32.28
N ARG G 131 19.08 -14.65 -31.92
CA ARG G 131 19.14 -15.81 -32.80
C ARG G 131 17.72 -16.20 -33.24
N LEU G 132 17.55 -16.35 -34.55
CA LEU G 132 16.25 -16.53 -35.16
C LEU G 132 16.28 -17.74 -36.11
N SER G 133 15.29 -18.61 -35.96
CA SER G 133 14.99 -19.65 -36.95
C SER G 133 13.83 -19.19 -37.81
N PHE G 134 14.01 -19.20 -39.12
CA PHE G 134 12.94 -18.76 -40.01
C PHE G 134 12.82 -19.65 -41.25
N MET G 135 11.71 -19.51 -41.99
CA MET G 135 11.45 -20.44 -43.08
C MET G 135 12.35 -20.07 -44.24
N CYS G 136 13.17 -21.04 -44.66
CA CYS G 136 14.10 -20.80 -45.74
C CYS G 136 14.43 -22.10 -46.47
N ASP G 137 14.55 -22.05 -47.79
CA ASP G 137 14.89 -23.25 -48.55
C ASP G 137 16.33 -23.08 -48.99
N PRO G 138 17.23 -23.85 -48.36
CA PRO G 138 18.68 -23.77 -48.48
C PRO G 138 19.19 -24.18 -49.85
N THR G 139 18.33 -24.79 -50.67
CA THR G 139 18.72 -25.39 -51.93
C THR G 139 19.55 -24.42 -52.79
N GLY G 140 20.70 -24.89 -53.27
CA GLY G 140 21.62 -24.07 -54.04
C GLY G 140 22.75 -23.52 -53.19
N VAL G 141 22.69 -23.78 -51.89
CA VAL G 141 23.72 -23.26 -50.98
C VAL G 141 25.08 -23.88 -51.28
N ASP G 142 25.07 -25.05 -51.92
CA ASP G 142 26.29 -25.76 -52.31
C ASP G 142 26.70 -25.50 -53.76
N SER G 143 25.97 -24.63 -54.45
CA SER G 143 26.38 -24.21 -55.78
C SER G 143 27.04 -22.84 -55.69
N GLU G 144 27.46 -22.29 -56.83
CA GLU G 144 28.18 -21.02 -56.83
CA GLU G 144 28.18 -21.02 -56.87
C GLU G 144 27.25 -19.81 -56.74
N GLU G 145 26.03 -19.95 -57.25
CA GLU G 145 25.05 -18.87 -57.20
CA GLU G 145 25.06 -18.86 -57.20
C GLU G 145 24.41 -18.76 -55.82
N GLY G 146 24.62 -19.80 -55.00
CA GLY G 146 24.13 -19.83 -53.63
C GLY G 146 22.62 -19.94 -53.48
N ALA G 147 22.17 -19.82 -52.23
CA ALA G 147 20.76 -19.87 -51.86
C ALA G 147 20.27 -18.45 -51.56
N THR G 148 19.00 -18.19 -51.81
CA THR G 148 18.43 -16.90 -51.42
C THR G 148 17.27 -17.06 -50.45
N CYS G 149 17.29 -16.27 -49.39
CA CYS G 149 16.19 -16.27 -48.43
C CYS G 149 15.79 -14.87 -48.01
N ALA G 150 14.56 -14.76 -47.49
CA ALA G 150 14.00 -13.48 -47.12
C ALA G 150 13.10 -13.64 -45.92
N VAL G 151 13.15 -12.67 -45.03
CA VAL G 151 12.24 -12.66 -43.91
C VAL G 151 11.81 -11.21 -43.67
N LYS G 152 10.53 -11.03 -43.39
CA LYS G 152 9.97 -9.71 -43.17
C LYS G 152 9.80 -9.41 -41.70
N PHE G 153 10.14 -8.18 -41.34
CA PHE G 153 10.02 -7.67 -40.00
C PHE G 153 9.04 -6.51 -40.01
N GLY G 154 8.22 -6.40 -38.95
CA GLY G 154 7.31 -5.27 -38.79
C GLY G 154 6.50 -5.45 -37.51
N SER G 155 5.69 -4.45 -37.22
CA SER G 155 4.78 -4.49 -36.08
C SER G 155 3.79 -5.63 -36.24
N TRP G 156 3.49 -6.34 -35.15
CA TRP G 156 2.48 -7.38 -35.24
C TRP G 156 1.04 -6.82 -35.18
N SER G 157 0.81 -5.89 -34.26
CA SER G 157 -0.49 -5.25 -34.05
C SER G 157 -0.83 -3.84 -34.56
N TYR G 158 0.15 -3.11 -35.11
CA TYR G 158 -0.08 -1.73 -35.52
C TYR G 158 0.01 -1.64 -37.03
N GLY G 159 -0.78 -0.75 -37.62
CA GLY G 159 -0.70 -0.52 -39.04
C GLY G 159 0.13 0.71 -39.28
N GLY G 160 0.22 1.12 -40.55
CA GLY G 160 1.02 2.24 -40.98
C GLY G 160 0.63 3.61 -40.47
N TRP G 161 -0.62 3.77 -40.04
CA TRP G 161 -1.06 5.06 -39.51
C TRP G 161 -0.63 5.26 -38.06
N GLU G 162 -0.19 4.17 -37.42
CA GLU G 162 0.34 4.22 -36.04
C GLU G 162 1.86 4.02 -35.90
N ILE G 163 2.40 3.02 -36.59
CA ILE G 163 3.84 2.82 -36.65
C ILE G 163 4.30 2.84 -38.12
N ASP G 164 5.16 3.79 -38.44
CA ASP G 164 5.81 3.84 -39.74
C ASP G 164 7.24 3.31 -39.59
N LEU G 165 7.70 2.49 -40.53
CA LEU G 165 9.05 1.96 -40.46
C LEU G 165 9.95 2.50 -41.55
N LYS G 166 11.18 2.86 -41.18
CA LYS G 166 12.20 3.28 -42.12
C LYS G 166 13.50 2.53 -41.92
N THR G 167 14.32 2.50 -42.97
CA THR G 167 15.71 2.10 -42.88
C THR G 167 16.56 3.32 -43.24
N ASP G 168 17.76 3.44 -42.66
CA ASP G 168 18.68 4.52 -43.04
CA ASP G 168 18.69 4.52 -43.03
C ASP G 168 19.43 4.18 -44.32
N THR G 169 19.59 2.88 -44.57
CA THR G 169 20.27 2.39 -45.77
C THR G 169 19.57 1.12 -46.23
N ASP G 170 19.76 0.72 -47.48
CA ASP G 170 19.20 -0.55 -47.94
CA ASP G 170 19.21 -0.54 -47.96
CA ASP G 170 19.21 -0.56 -47.93
C ASP G 170 20.26 -1.64 -47.82
N GLN G 171 21.43 -1.26 -47.33
CA GLN G 171 22.52 -2.22 -47.18
C GLN G 171 22.63 -2.69 -45.74
N VAL G 172 22.43 -4.00 -45.57
CA VAL G 172 22.68 -4.67 -44.30
C VAL G 172 24.17 -4.57 -43.97
N ASP G 173 24.47 -4.29 -42.71
CA ASP G 173 25.85 -4.13 -42.32
C ASP G 173 26.46 -5.52 -42.15
N LEU G 174 27.47 -5.79 -42.97
CA LEU G 174 28.23 -7.03 -42.92
C LEU G 174 29.58 -6.93 -42.21
N SER G 175 29.92 -5.76 -41.70
CA SER G 175 31.29 -5.58 -41.22
C SER G 175 31.61 -6.45 -39.99
N SER G 176 30.58 -6.88 -39.28
CA SER G 176 30.73 -7.75 -38.12
C SER G 176 30.52 -9.27 -38.39
N TYR G 177 30.31 -9.66 -39.65
CA TYR G 177 29.97 -11.04 -39.97
C TYR G 177 31.17 -11.98 -39.74
N TYR G 178 30.92 -13.16 -39.18
CA TYR G 178 32.01 -14.04 -38.75
C TYR G 178 32.78 -14.61 -39.96
N ALA G 179 34.08 -14.37 -40.01
CA ALA G 179 34.85 -14.65 -41.23
C ALA G 179 34.92 -16.15 -41.49
N SER G 180 34.81 -16.90 -40.41
CA SER G 180 34.93 -18.35 -40.41
C SER G 180 33.63 -19.18 -40.47
N SER G 181 32.50 -18.49 -40.67
CA SER G 181 31.19 -19.14 -40.70
C SER G 181 31.17 -20.24 -41.76
N LYS G 182 30.36 -21.28 -41.55
CA LYS G 182 30.10 -22.28 -42.58
C LYS G 182 29.63 -21.63 -43.87
N TYR G 183 29.00 -20.47 -43.75
CA TYR G 183 28.44 -19.82 -44.93
C TYR G 183 28.98 -18.42 -45.15
N GLU G 184 29.24 -18.10 -46.41
CA GLU G 184 29.66 -16.77 -46.79
C GLU G 184 28.46 -16.05 -47.37
N ILE G 185 28.44 -14.73 -47.18
CA ILE G 185 27.33 -13.88 -47.64
C ILE G 185 27.66 -13.25 -49.00
N LEU G 186 26.86 -13.56 -50.00
CA LEU G 186 26.96 -12.93 -51.31
C LEU G 186 26.34 -11.52 -51.33
N SER G 187 25.13 -11.39 -50.78
CA SER G 187 24.56 -10.06 -50.48
C SER G 187 23.46 -10.11 -49.42
N ALA G 188 23.24 -8.97 -48.78
CA ALA G 188 22.18 -8.82 -47.81
C ALA G 188 21.58 -7.44 -47.97
N THR G 189 20.27 -7.36 -48.13
CA THR G 189 19.61 -6.06 -48.26
C THR G 189 18.44 -5.95 -47.29
N GLN G 190 18.10 -4.71 -46.95
CA GLN G 190 16.99 -4.45 -46.07
C GLN G 190 16.15 -3.35 -46.69
N THR G 191 14.91 -3.68 -47.04
CA THR G 191 14.05 -2.80 -47.82
C THR G 191 12.68 -2.58 -47.21
N ARG G 192 12.33 -1.32 -46.95
CA ARG G 192 10.99 -0.96 -46.55
C ARG G 192 9.99 -1.29 -47.66
N GLN G 193 8.86 -1.86 -47.27
CA GLN G 193 7.78 -2.20 -48.19
C GLN G 193 6.44 -1.74 -47.58
N VAL G 194 5.49 -1.38 -48.43
CA VAL G 194 4.17 -0.99 -47.98
C VAL G 194 3.17 -2.05 -48.47
N GLN G 195 2.55 -2.75 -47.53
CA GLN G 195 1.65 -3.83 -47.91
C GLN G 195 0.22 -3.32 -47.92
N HIS G 196 -0.52 -3.65 -48.97
CA HIS G 196 -1.93 -3.26 -49.05
C HIS G 196 -2.82 -4.49 -49.01
N TYR G 197 -3.90 -4.42 -48.23
CA TYR G 197 -4.88 -5.50 -48.18
C TYR G 197 -6.25 -5.02 -48.71
N SER G 198 -6.87 -5.81 -49.60
CA SER G 198 -8.17 -5.46 -50.19
C SER G 198 -9.20 -5.08 -49.12
N CYS G 199 -9.17 -5.80 -48.01
CA CYS G 199 -10.15 -5.66 -46.94
C CYS G 199 -10.03 -4.35 -46.16
N CYS G 200 -8.89 -3.68 -46.26
CA CYS G 200 -8.61 -2.59 -45.33
C CYS G 200 -8.00 -1.36 -46.00
N PRO G 201 -8.39 -0.16 -45.56
CA PRO G 201 -7.79 1.09 -46.02
C PRO G 201 -6.35 1.30 -45.55
N GLU G 202 -6.04 0.88 -44.31
CA GLU G 202 -4.75 1.18 -43.70
C GLU G 202 -3.60 0.42 -44.37
N PRO G 203 -2.52 1.12 -44.72
CA PRO G 203 -1.34 0.40 -45.21
C PRO G 203 -0.55 -0.23 -44.06
N TYR G 204 0.15 -1.33 -44.33
CA TYR G 204 0.96 -2.00 -43.31
C TYR G 204 2.41 -2.01 -43.79
N ILE G 205 3.33 -1.58 -42.94
CA ILE G 205 4.72 -1.43 -43.38
C ILE G 205 5.57 -2.61 -42.88
N ASP G 206 6.55 -3.04 -43.68
CA ASP G 206 7.51 -4.04 -43.21
C ASP G 206 8.88 -3.77 -43.79
N VAL G 207 9.91 -4.34 -43.17
CA VAL G 207 11.25 -4.27 -43.74
C VAL G 207 11.65 -5.67 -44.14
N ASN G 208 11.95 -5.83 -45.43
CA ASN G 208 12.31 -7.13 -45.96
C ASN G 208 13.81 -7.31 -45.99
N LEU G 209 14.29 -8.33 -45.27
CA LEU G 209 15.71 -8.66 -45.18
C LEU G 209 15.95 -9.81 -46.12
N VAL G 210 16.76 -9.60 -47.15
CA VAL G 210 17.00 -10.61 -48.16
C VAL G 210 18.45 -10.98 -48.10
N VAL G 211 18.72 -12.26 -47.97
CA VAL G 211 20.08 -12.71 -47.77
C VAL G 211 20.45 -13.78 -48.77
N LYS G 212 21.56 -13.56 -49.46
CA LYS G 212 22.04 -14.47 -50.46
C LYS G 212 23.34 -15.03 -49.93
N PHE G 213 23.48 -16.33 -49.87
CA PHE G 213 24.58 -16.96 -49.16
C PHE G 213 24.93 -18.33 -49.74
N ARG G 214 26.17 -18.77 -49.50
CA ARG G 214 26.59 -20.11 -49.91
C ARG G 214 27.64 -20.73 -48.99
N GLU G 215 27.79 -22.05 -49.07
CA GLU G 215 28.82 -22.74 -48.30
C GLU G 215 30.19 -22.18 -48.58
N ARG G 216 30.98 -21.97 -47.51
CA ARG G 216 32.33 -21.43 -47.64
CA ARG G 216 32.33 -21.42 -47.64
C ARG G 216 33.33 -22.52 -47.98
N ASP H 5 25.18 -17.47 23.58
CA ASP H 5 24.01 -17.94 22.85
C ASP H 5 23.27 -16.78 22.19
N ASP H 6 23.18 -15.67 22.92
CA ASP H 6 22.51 -14.46 22.44
C ASP H 6 23.43 -13.61 21.55
N ASP H 7 24.71 -13.98 21.51
CA ASP H 7 25.65 -13.34 20.60
C ASP H 7 25.20 -13.59 19.16
N LYS H 8 24.83 -14.83 18.87
CA LYS H 8 24.47 -15.24 17.51
C LYS H 8 23.33 -14.42 16.91
N LEU H 9 22.22 -14.33 17.64
CA LEU H 9 21.09 -13.52 17.19
C LEU H 9 21.51 -12.07 16.96
N HIS H 10 22.51 -11.63 17.71
CA HIS H 10 23.02 -10.25 17.65
C HIS H 10 23.76 -9.93 16.33
N SER H 11 24.63 -10.83 15.90
CA SER H 11 25.33 -10.65 14.64
C SER H 11 24.41 -10.83 13.43
N GLN H 12 23.34 -11.62 13.58
CA GLN H 12 22.31 -11.73 12.56
C GLN H 12 21.58 -10.40 12.41
N ALA H 13 21.24 -9.82 13.54
CA ALA H 13 20.58 -8.52 13.56
C ALA H 13 21.46 -7.51 12.87
N ASN H 14 22.75 -7.58 13.16
CA ASN H 14 23.70 -6.63 12.58
C ASN H 14 23.76 -6.73 11.07
N LEU H 15 23.74 -7.95 10.55
CA LEU H 15 23.76 -8.15 9.11
C LEU H 15 22.43 -7.72 8.48
N MET H 16 21.31 -8.12 9.08
CA MET H 16 19.99 -7.69 8.60
C MET H 16 19.90 -6.17 8.54
N ARG H 17 20.46 -5.52 9.56
CA ARG H 17 20.46 -4.06 9.64
C ARG H 17 21.37 -3.44 8.56
N LEU H 18 22.52 -4.06 8.32
CA LEU H 18 23.44 -3.60 7.29
C LEU H 18 22.80 -3.65 5.90
N LYS H 19 22.24 -4.80 5.55
CA LYS H 19 21.59 -5.00 4.26
C LYS H 19 20.42 -4.06 4.05
N SER H 20 19.59 -3.93 5.09
CA SER H 20 18.48 -2.99 5.06
C SER H 20 18.98 -1.56 4.80
N ASP H 21 20.03 -1.13 5.51
CA ASP H 21 20.58 0.21 5.31
C ASP H 21 21.15 0.43 3.91
N LEU H 22 21.86 -0.56 3.37
CA LEU H 22 22.41 -0.46 2.03
C LEU H 22 21.33 -0.52 0.96
N PHE H 23 20.52 -1.58 1.00
CA PHE H 23 19.51 -1.85 -0.01
C PHE H 23 18.13 -1.16 0.09
N ASN H 24 17.54 -1.15 1.28
CA ASN H 24 16.20 -0.56 1.44
C ASN H 24 16.12 0.93 1.74
N ARG H 25 17.22 1.53 2.20
CA ARG H 25 17.26 2.95 2.54
CA ARG H 25 17.24 2.94 2.53
C ARG H 25 17.85 3.80 1.42
N SER H 26 18.30 3.15 0.35
CA SER H 26 18.86 3.88 -0.78
C SER H 26 18.37 3.30 -2.09
N PRO H 27 18.10 4.16 -3.09
CA PRO H 27 17.66 3.65 -4.39
C PRO H 27 18.84 2.98 -5.07
N MET H 28 18.59 2.01 -5.95
CA MET H 28 19.70 1.31 -6.58
C MET H 28 20.59 2.29 -7.37
N TYR H 29 21.89 2.06 -7.27
CA TYR H 29 22.89 2.80 -8.01
C TYR H 29 22.50 2.76 -9.48
N PRO H 30 22.36 3.93 -10.13
CA PRO H 30 21.86 3.72 -11.49
C PRO H 30 22.96 3.51 -12.52
N GLY H 31 23.95 2.67 -12.23
CA GLY H 31 25.03 2.44 -13.18
C GLY H 31 25.99 3.62 -13.31
N PRO H 32 27.15 3.37 -13.92
CA PRO H 32 28.19 4.39 -14.14
C PRO H 32 27.79 5.43 -15.19
N THR H 33 28.47 6.57 -15.20
CA THR H 33 28.28 7.58 -16.24
C THR H 33 29.61 8.21 -16.59
N LYS H 34 29.59 9.11 -17.57
CA LYS H 34 30.81 9.82 -17.95
CA LYS H 34 30.76 9.90 -17.97
C LYS H 34 31.37 10.61 -16.77
N ASP H 35 30.52 11.04 -15.85
CA ASP H 35 30.94 11.77 -14.65
C ASP H 35 31.30 10.87 -13.48
N ASP H 36 30.92 9.60 -13.57
CA ASP H 36 31.10 8.65 -12.48
C ASP H 36 31.50 7.31 -13.08
N PRO H 37 32.68 7.24 -13.71
CA PRO H 37 33.09 6.02 -14.41
C PRO H 37 33.50 4.87 -13.49
N LEU H 38 33.51 3.67 -14.06
CA LEU H 38 33.76 2.45 -13.32
C LEU H 38 34.82 1.63 -14.03
N THR H 39 35.63 0.92 -13.27
CA THR H 39 36.51 -0.09 -13.84
C THR H 39 36.05 -1.48 -13.41
N VAL H 40 35.79 -2.35 -14.38
CA VAL H 40 35.49 -3.74 -14.08
C VAL H 40 36.67 -4.68 -14.40
N TYR H 41 37.13 -5.40 -13.39
CA TYR H 41 38.16 -6.41 -13.58
C TYR H 41 37.57 -7.75 -13.97
N LEU H 42 38.10 -8.32 -15.04
CA LEU H 42 37.68 -9.64 -15.51
C LEU H 42 38.84 -10.61 -15.45
N SER H 43 38.53 -11.86 -15.11
CA SER H 43 39.48 -12.95 -15.31
C SER H 43 38.71 -14.23 -15.52
N PHE H 44 39.28 -15.13 -16.30
CA PHE H 44 38.57 -16.32 -16.70
C PHE H 44 39.29 -17.52 -16.17
N SER H 45 38.52 -18.57 -15.86
CA SER H 45 39.07 -19.89 -15.62
C SER H 45 38.30 -20.80 -16.52
N LEU H 46 39.01 -21.53 -17.37
CA LEU H 46 38.37 -22.49 -18.26
CA LEU H 46 38.38 -22.50 -18.26
C LEU H 46 38.21 -23.83 -17.53
N LEU H 47 37.00 -24.37 -17.61
CA LEU H 47 36.61 -25.61 -16.96
C LEU H 47 36.60 -26.77 -17.93
N ASP H 48 35.83 -26.64 -18.99
CA ASP H 48 35.73 -27.71 -19.98
C ASP H 48 35.39 -27.11 -21.34
N ILE H 49 35.98 -27.64 -22.40
CA ILE H 49 35.40 -27.47 -23.72
C ILE H 49 34.56 -28.74 -23.88
N VAL H 50 33.23 -28.57 -23.89
CA VAL H 50 32.31 -29.71 -23.92
C VAL H 50 32.12 -30.31 -25.30
N LYS H 51 31.93 -29.43 -26.28
CA LYS H 51 31.55 -29.82 -27.63
C LYS H 51 32.14 -28.90 -28.69
N ALA H 52 32.53 -29.45 -29.82
CA ALA H 52 32.91 -28.64 -30.97
C ALA H 52 32.14 -29.16 -32.16
N ASP H 53 31.40 -28.28 -32.83
CA ASP H 53 30.49 -28.72 -33.87
C ASP H 53 30.98 -28.19 -35.20
N SER H 54 31.51 -29.07 -36.02
CA SER H 54 32.11 -28.64 -37.27
C SER H 54 31.05 -28.53 -38.36
N SER H 55 29.83 -28.95 -38.05
CA SER H 55 28.74 -28.74 -39.00
C SER H 55 28.13 -27.33 -38.91
N THR H 56 28.04 -26.77 -37.71
CA THR H 56 27.65 -25.36 -37.55
C THR H 56 28.71 -24.32 -37.26
N ASN H 57 29.95 -24.76 -37.10
CA ASN H 57 31.00 -23.91 -36.54
C ASN H 57 30.67 -23.22 -35.21
N GLU H 58 30.21 -24.02 -34.25
CA GLU H 58 29.98 -23.55 -32.89
C GLU H 58 30.78 -24.39 -31.91
N VAL H 59 31.28 -23.76 -30.86
CA VAL H 59 31.92 -24.48 -29.77
C VAL H 59 31.21 -24.15 -28.45
N ASP H 60 31.19 -25.09 -27.53
CA ASP H 60 30.57 -24.87 -26.22
C ASP H 60 31.62 -25.00 -25.14
N LEU H 61 31.72 -23.97 -24.31
CA LEU H 61 32.68 -23.86 -23.23
C LEU H 61 31.96 -23.81 -21.89
N VAL H 62 32.53 -24.40 -20.86
CA VAL H 62 32.11 -24.08 -19.50
C VAL H 62 33.28 -23.35 -18.83
N TYR H 63 33.00 -22.22 -18.20
CA TYR H 63 34.06 -21.43 -17.58
C TYR H 63 33.49 -20.64 -16.41
N TRP H 64 34.37 -20.14 -15.55
CA TRP H 64 34.00 -19.23 -14.48
C TRP H 64 34.46 -17.86 -14.90
N GLU H 65 33.64 -16.85 -14.73
CA GLU H 65 34.06 -15.51 -15.08
C GLU H 65 34.05 -14.64 -13.84
N GLN H 66 35.22 -14.23 -13.39
CA GLN H 66 35.30 -13.40 -12.21
C GLN H 66 35.18 -11.95 -12.61
N GLN H 67 34.18 -11.27 -12.07
CA GLN H 67 34.01 -9.84 -12.27
C GLN H 67 34.16 -9.18 -10.91
N SER H 68 34.90 -8.09 -10.87
CA SER H 68 34.92 -7.26 -9.66
C SER H 68 35.00 -5.76 -9.92
N TRP H 69 34.39 -5.01 -9.02
CA TRP H 69 34.33 -3.56 -9.13
C TRP H 69 34.08 -2.97 -7.74
N LYS H 70 34.06 -1.65 -7.67
CA LYS H 70 33.91 -0.95 -6.41
C LYS H 70 32.91 0.20 -6.54
N LEU H 71 32.01 0.30 -5.56
CA LEU H 71 31.06 1.41 -5.50
C LEU H 71 31.18 2.08 -4.13
N ASN H 72 31.23 3.41 -4.13
CA ASN H 72 31.17 4.15 -2.87
C ASN H 72 29.85 3.86 -2.18
N SER H 73 28.77 3.78 -2.95
CA SER H 73 27.45 3.50 -2.40
C SER H 73 27.40 2.19 -1.63
N LEU H 74 28.36 1.31 -1.85
CA LEU H 74 28.39 0.03 -1.13
C LEU H 74 29.30 0.00 0.09
N MET H 75 29.89 1.14 0.44
CA MET H 75 30.82 1.21 1.58
C MET H 75 30.10 1.31 2.91
N TRP H 76 30.69 0.76 3.97
CA TRP H 76 30.20 1.05 5.30
C TRP H 76 31.33 1.00 6.32
N ASP H 77 31.01 1.32 7.56
CA ASP H 77 32.01 1.31 8.63
C ASP H 77 31.76 0.09 9.48
N PRO H 78 32.66 -0.91 9.41
CA PRO H 78 32.42 -2.16 10.14
C PRO H 78 32.15 -1.97 11.64
N ASN H 79 32.55 -0.82 12.20
CA ASN H 79 32.42 -0.62 13.65
C ASN H 79 31.00 -0.32 14.09
N GLU H 80 30.21 0.24 13.19
CA GLU H 80 28.80 0.45 13.45
C GLU H 80 27.98 -0.78 13.13
N TYR H 81 28.58 -1.71 12.41
CA TYR H 81 27.95 -2.99 12.08
C TYR H 81 28.50 -4.23 12.77
N GLY H 82 29.08 -4.05 13.94
CA GLY H 82 29.43 -5.18 14.78
C GLY H 82 30.62 -5.88 14.15
N ASN H 83 31.48 -5.09 13.52
CA ASN H 83 32.68 -5.57 12.84
C ASN H 83 32.45 -6.46 11.62
N ILE H 84 31.31 -6.33 10.95
CA ILE H 84 31.10 -7.11 9.75
C ILE H 84 31.86 -6.42 8.65
N THR H 85 32.83 -7.13 8.08
CA THR H 85 33.61 -6.57 6.98
C THR H 85 33.16 -6.96 5.57
N ASP H 86 32.33 -8.00 5.48
CA ASP H 86 31.82 -8.44 4.19
C ASP H 86 30.60 -9.30 4.37
N PHE H 87 29.85 -9.52 3.30
CA PHE H 87 28.69 -10.42 3.36
C PHE H 87 28.37 -10.92 1.97
N ARG H 88 27.64 -12.02 1.89
CA ARG H 88 27.16 -12.55 0.63
C ARG H 88 25.75 -12.08 0.40
N THR H 89 25.44 -11.76 -0.85
CA THR H 89 24.08 -11.35 -1.16
C THR H 89 23.67 -11.89 -2.52
N SER H 90 22.37 -12.00 -2.74
CA SER H 90 21.86 -12.30 -4.07
C SER H 90 22.27 -11.18 -5.01
N ALA H 91 22.74 -11.57 -6.20
CA ALA H 91 23.16 -10.60 -7.21
C ALA H 91 22.02 -9.68 -7.65
N ALA H 92 20.80 -10.13 -7.44
CA ALA H 92 19.64 -9.32 -7.77
C ALA H 92 19.53 -8.06 -6.89
N ASP H 93 20.21 -8.05 -5.75
CA ASP H 93 20.12 -6.92 -4.83
C ASP H 93 21.06 -5.78 -5.19
N ILE H 94 22.00 -6.03 -6.09
CA ILE H 94 23.00 -5.03 -6.44
C ILE H 94 23.01 -4.79 -7.94
N TRP H 95 23.52 -3.63 -8.34
CA TRP H 95 23.78 -3.37 -9.74
C TRP H 95 24.86 -4.36 -10.14
N THR H 96 24.78 -4.89 -11.36
CA THR H 96 25.89 -5.64 -11.94
C THR H 96 26.17 -5.17 -13.38
N PRO H 97 27.41 -5.35 -13.83
CA PRO H 97 27.73 -4.91 -15.20
C PRO H 97 27.11 -5.82 -16.27
N ASP H 98 26.90 -5.22 -17.43
CA ASP H 98 26.28 -5.83 -18.62
C ASP H 98 27.27 -6.58 -19.53
N ILE H 99 28.42 -6.97 -18.99
CA ILE H 99 29.40 -7.75 -19.74
C ILE H 99 28.78 -8.94 -20.48
N THR H 100 29.12 -9.09 -21.75
CA THR H 100 28.52 -10.09 -22.59
C THR H 100 29.57 -10.65 -23.52
N ALA H 101 29.38 -11.90 -23.93
CA ALA H 101 30.19 -12.48 -24.99
C ALA H 101 29.63 -11.99 -26.32
N TYR H 102 30.46 -11.35 -27.14
CA TYR H 102 29.97 -10.66 -28.36
C TYR H 102 29.58 -11.61 -29.47
N SER H 103 30.25 -12.76 -29.53
CA SER H 103 30.00 -13.84 -30.49
C SER H 103 29.30 -15.13 -29.98
N SER H 104 28.49 -15.03 -28.94
CA SER H 104 27.59 -16.12 -28.54
C SER H 104 26.53 -16.46 -29.64
N THR H 105 26.27 -17.75 -29.86
CA THR H 105 25.20 -18.23 -30.76
C THR H 105 23.89 -18.70 -30.11
N ARG H 106 23.88 -18.72 -28.77
CA ARG H 106 22.73 -19.15 -27.99
CA ARG H 106 22.75 -19.17 -27.97
C ARG H 106 22.76 -18.38 -26.67
N PRO H 107 21.60 -18.22 -26.02
CA PRO H 107 21.70 -17.43 -24.78
C PRO H 107 22.62 -18.15 -23.82
N VAL H 108 23.49 -17.40 -23.16
CA VAL H 108 24.37 -17.96 -22.16
C VAL H 108 23.59 -18.64 -21.04
N GLN H 109 24.10 -19.77 -20.56
CA GLN H 109 23.45 -20.45 -19.44
C GLN H 109 24.26 -20.35 -18.13
N VAL H 110 23.57 -20.00 -17.05
CA VAL H 110 24.23 -19.84 -15.77
C VAL H 110 24.22 -21.17 -15.00
N LEU H 111 25.39 -21.66 -14.64
CA LEU H 111 25.52 -22.93 -13.92
C LEU H 111 25.61 -22.80 -12.41
N SER H 112 25.79 -21.59 -11.90
CA SER H 112 26.04 -21.45 -10.47
C SER H 112 24.97 -20.58 -9.83
N PRO H 113 24.80 -20.69 -8.51
CA PRO H 113 23.81 -19.84 -7.83
C PRO H 113 24.22 -18.39 -8.04
N GLN H 114 23.28 -17.45 -8.19
CA GLN H 114 23.77 -16.12 -8.47
C GLN H 114 23.74 -15.24 -7.23
N ASN H 115 24.93 -15.10 -6.65
CA ASN H 115 25.16 -14.36 -5.42
C ASN H 115 26.51 -13.69 -5.58
N ALA H 116 26.71 -12.61 -4.86
CA ALA H 116 27.98 -11.91 -4.91
C ALA H 116 28.53 -11.66 -3.51
N LEU H 117 29.81 -11.33 -3.46
CA LEU H 117 30.48 -10.93 -2.22
C LEU H 117 30.73 -9.41 -2.24
N VAL H 118 30.28 -8.72 -1.20
CA VAL H 118 30.49 -7.29 -1.06
C VAL H 118 31.30 -7.08 0.21
N ASN H 119 32.33 -6.24 0.19
CA ASN H 119 32.95 -5.90 1.47
C ASN H 119 32.88 -4.42 1.78
N SER H 120 33.36 -4.07 2.98
CA SER H 120 33.09 -2.77 3.58
C SER H 120 33.67 -1.59 2.80
N SER H 121 34.71 -1.84 2.02
CA SER H 121 35.33 -0.79 1.23
C SER H 121 34.58 -0.59 -0.09
N GLY H 122 33.51 -1.36 -0.30
CA GLY H 122 32.67 -1.16 -1.47
C GLY H 122 33.00 -2.06 -2.65
N HIS H 123 33.88 -3.03 -2.45
CA HIS H 123 34.28 -3.95 -3.50
C HIS H 123 33.28 -5.10 -3.64
N VAL H 124 32.90 -5.36 -4.87
CA VAL H 124 32.00 -6.46 -5.19
C VAL H 124 32.81 -7.49 -5.96
N GLN H 125 32.62 -8.77 -5.62
CA GLN H 125 33.17 -9.85 -6.41
C GLN H 125 32.04 -10.76 -6.84
N TYR H 126 31.89 -10.96 -8.14
CA TYR H 126 30.80 -11.73 -8.69
C TYR H 126 31.40 -12.79 -9.60
N LEU H 127 31.07 -14.06 -9.37
CA LEU H 127 31.76 -15.14 -10.07
C LEU H 127 30.82 -16.20 -10.66
N PRO H 128 30.06 -15.82 -11.71
CA PRO H 128 29.14 -16.78 -12.32
C PRO H 128 29.83 -17.86 -13.11
N ALA H 129 29.46 -19.12 -12.93
CA ALA H 129 29.93 -20.18 -13.80
C ALA H 129 28.96 -20.23 -14.98
N GLN H 130 29.46 -20.45 -16.19
CA GLN H 130 28.58 -20.38 -17.36
C GLN H 130 28.87 -21.44 -18.42
N ARG H 131 27.85 -21.84 -19.17
CA ARG H 131 28.05 -22.54 -20.44
C ARG H 131 27.72 -21.64 -21.65
N LEU H 132 28.63 -21.59 -22.61
CA LEU H 132 28.54 -20.66 -23.72
C LEU H 132 28.74 -21.37 -25.04
N SER H 133 27.84 -21.10 -25.97
CA SER H 133 28.05 -21.50 -27.37
C SER H 133 28.44 -20.27 -28.12
N PHE H 134 29.56 -20.34 -28.83
CA PHE H 134 30.06 -19.19 -29.59
C PHE H 134 30.62 -19.62 -30.96
N MET H 135 30.90 -18.63 -31.81
CA MET H 135 31.24 -18.92 -33.20
C MET H 135 32.69 -19.33 -33.24
N CYS H 136 32.93 -20.55 -33.70
CA CYS H 136 34.30 -21.04 -33.82
C CYS H 136 34.42 -22.12 -34.90
N ASP H 137 35.49 -22.08 -35.69
CA ASP H 137 35.73 -23.09 -36.72
C ASP H 137 36.73 -24.06 -36.10
N PRO H 138 36.27 -25.27 -35.77
CA PRO H 138 37.00 -26.35 -35.09
C PRO H 138 38.11 -26.91 -35.97
N THR H 139 38.11 -26.54 -37.25
CA THR H 139 38.98 -27.16 -38.22
C THR H 139 40.42 -27.27 -37.71
N GLY H 140 40.95 -28.49 -37.77
CA GLY H 140 42.29 -28.77 -37.29
C GLY H 140 42.34 -29.27 -35.85
N VAL H 141 41.18 -29.43 -35.24
CA VAL H 141 41.11 -29.87 -33.85
C VAL H 141 41.53 -31.35 -33.74
N ASP H 142 41.45 -32.07 -34.86
CA ASP H 142 41.82 -33.50 -34.89
C ASP H 142 43.31 -33.72 -35.22
N SER H 143 44.06 -32.64 -35.25
CA SER H 143 45.49 -32.65 -35.57
C SER H 143 46.28 -32.19 -34.34
N GLU H 144 47.57 -32.50 -34.30
CA GLU H 144 48.37 -32.16 -33.13
C GLU H 144 48.62 -30.65 -32.94
N GLU H 145 48.54 -29.86 -34.01
CA GLU H 145 48.66 -28.41 -33.91
CA GLU H 145 48.66 -28.42 -33.91
C GLU H 145 47.37 -27.79 -33.36
N GLY H 146 46.25 -28.50 -33.49
CA GLY H 146 44.98 -28.07 -32.95
C GLY H 146 44.23 -26.98 -33.70
N ALA H 147 43.14 -26.52 -33.09
CA ALA H 147 42.28 -25.45 -33.61
C ALA H 147 42.42 -24.24 -32.71
N THR H 148 42.19 -23.06 -33.27
CA THR H 148 42.28 -21.83 -32.49
C THR H 148 40.96 -21.06 -32.56
N CYS H 149 40.49 -20.55 -31.42
CA CYS H 149 39.26 -19.78 -31.38
C CYS H 149 39.32 -18.59 -30.44
N ALA H 150 38.52 -17.59 -30.73
CA ALA H 150 38.53 -16.38 -29.92
C ALA H 150 37.12 -15.87 -29.70
N VAL H 151 36.88 -15.31 -28.53
CA VAL H 151 35.60 -14.68 -28.27
C VAL H 151 35.89 -13.46 -27.41
N LYS H 152 35.26 -12.34 -27.75
CA LYS H 152 35.48 -11.10 -27.04
C LYS H 152 34.35 -10.85 -26.05
N PHE H 153 34.69 -10.25 -24.90
CA PHE H 153 33.73 -9.98 -23.85
C PHE H 153 33.76 -8.47 -23.59
N GLY H 154 32.62 -7.87 -23.36
CA GLY H 154 32.61 -6.46 -23.02
C GLY H 154 31.21 -6.00 -22.69
N SER H 155 31.09 -4.76 -22.24
CA SER H 155 29.79 -4.18 -21.97
C SER H 155 28.98 -4.14 -23.27
N TRP H 156 27.68 -4.42 -23.19
CA TRP H 156 26.86 -4.30 -24.37
C TRP H 156 26.50 -2.83 -24.67
N SER H 157 26.06 -2.12 -23.64
CA SER H 157 25.61 -0.74 -23.79
C SER H 157 26.52 0.42 -23.37
N TYR H 158 27.67 0.15 -22.77
CA TYR H 158 28.52 1.24 -22.24
C TYR H 158 29.85 1.37 -22.96
N GLY H 159 30.26 2.59 -23.27
CA GLY H 159 31.57 2.82 -23.82
C GLY H 159 32.63 2.86 -22.74
N GLY H 160 33.89 2.95 -23.16
CA GLY H 160 35.03 2.96 -22.26
C GLY H 160 35.12 4.17 -21.36
N TRP H 161 34.36 5.23 -21.64
CA TRP H 161 34.36 6.41 -20.79
C TRP H 161 33.42 6.24 -19.59
N GLU H 162 32.58 5.21 -19.66
CA GLU H 162 31.67 4.83 -18.56
C GLU H 162 32.19 3.61 -17.80
N ILE H 163 32.37 2.51 -18.53
CA ILE H 163 33.00 1.32 -17.99
C ILE H 163 34.35 1.01 -18.62
N ASP H 164 35.40 0.97 -17.82
CA ASP H 164 36.68 0.49 -18.31
C ASP H 164 36.86 -0.98 -17.93
N LEU H 165 37.52 -1.76 -18.77
CA LEU H 165 37.87 -3.14 -18.39
C LEU H 165 39.36 -3.32 -18.21
N LYS H 166 39.73 -4.06 -17.18
CA LYS H 166 41.12 -4.47 -16.97
C LYS H 166 41.16 -5.95 -16.60
N THR H 167 42.25 -6.63 -16.93
CA THR H 167 42.50 -7.99 -16.47
C THR H 167 43.69 -7.98 -15.52
N ASP H 168 43.70 -8.90 -14.55
CA ASP H 168 44.80 -8.98 -13.58
CA ASP H 168 44.80 -8.97 -13.58
C ASP H 168 46.05 -9.64 -14.18
N THR H 169 45.84 -10.48 -15.18
CA THR H 169 46.92 -11.21 -15.84
C THR H 169 46.43 -11.57 -17.24
N ASP H 170 47.34 -11.91 -18.13
CA ASP H 170 46.94 -12.32 -19.47
C ASP H 170 46.80 -13.82 -19.60
N GLN H 171 47.18 -14.53 -18.55
CA GLN H 171 47.02 -15.97 -18.51
C GLN H 171 45.61 -16.32 -18.00
N VAL H 172 44.83 -17.01 -18.84
CA VAL H 172 43.58 -17.62 -18.40
C VAL H 172 43.93 -18.74 -17.41
N ASP H 173 43.14 -18.88 -16.35
CA ASP H 173 43.47 -19.91 -15.39
C ASP H 173 42.99 -21.26 -15.87
N LEU H 174 43.94 -22.16 -16.07
CA LEU H 174 43.70 -23.53 -16.46
C LEU H 174 43.77 -24.57 -15.33
N SER H 175 44.05 -24.13 -14.11
CA SER H 175 44.25 -25.08 -13.00
C SER H 175 43.03 -25.95 -12.65
N SER H 176 41.84 -25.48 -12.99
CA SER H 176 40.63 -26.28 -12.83
C SER H 176 40.16 -27.01 -14.09
N TYR H 177 40.91 -26.95 -15.18
CA TYR H 177 40.42 -27.55 -16.42
C TYR H 177 40.16 -29.06 -16.26
N TYR H 178 39.09 -29.57 -16.85
CA TYR H 178 38.73 -30.97 -16.60
C TYR H 178 39.72 -31.86 -17.36
N ALA H 179 40.45 -32.68 -16.62
CA ALA H 179 41.57 -33.43 -17.19
C ALA H 179 41.14 -34.48 -18.23
N SER H 180 39.93 -35.01 -18.07
CA SER H 180 39.34 -36.02 -18.96
C SER H 180 38.45 -35.50 -20.10
N SER H 181 38.44 -34.19 -20.29
CA SER H 181 37.66 -33.55 -21.37
C SER H 181 38.00 -34.21 -22.71
N LYS H 182 37.04 -34.25 -23.63
CA LYS H 182 37.34 -34.68 -25.00
C LYS H 182 38.43 -33.81 -25.62
N TYR H 183 38.61 -32.61 -25.08
CA TYR H 183 39.54 -31.67 -25.70
C TYR H 183 40.60 -31.23 -24.71
N GLU H 184 41.88 -31.20 -25.11
CA GLU H 184 42.92 -30.66 -24.24
C GLU H 184 43.29 -29.25 -24.63
N ILE H 185 43.64 -28.43 -23.64
CA ILE H 185 43.96 -27.03 -23.88
C ILE H 185 45.45 -26.87 -24.15
N LEU H 186 45.78 -26.37 -25.34
CA LEU H 186 47.14 -26.02 -25.67
C LEU H 186 47.57 -24.67 -25.09
N SER H 187 46.71 -23.64 -25.24
CA SER H 187 46.94 -22.36 -24.56
C SER H 187 45.64 -21.55 -24.39
N ALA H 188 45.58 -20.71 -23.38
CA ALA H 188 44.45 -19.79 -23.23
C ALA H 188 44.92 -18.43 -22.73
N THR H 189 44.60 -17.36 -23.44
CA THR H 189 44.99 -16.01 -23.01
C THR H 189 43.79 -15.07 -22.91
N GLN H 190 43.95 -14.01 -22.13
CA GLN H 190 42.90 -13.01 -21.98
C GLN H 190 43.50 -11.62 -22.11
N THR H 191 43.08 -10.87 -23.11
CA THR H 191 43.73 -9.62 -23.42
C THR H 191 42.78 -8.44 -23.58
N ARG H 192 43.05 -7.37 -22.85
CA ARG H 192 42.35 -6.11 -23.02
C ARG H 192 42.66 -5.54 -24.40
N GLN H 193 41.63 -5.14 -25.12
CA GLN H 193 41.78 -4.50 -26.42
C GLN H 193 40.97 -3.21 -26.45
N VAL H 194 41.44 -2.23 -27.22
CA VAL H 194 40.72 -0.98 -27.43
C VAL H 194 40.33 -0.84 -28.90
N GLN H 195 39.05 -0.60 -29.15
CA GLN H 195 38.52 -0.49 -30.49
CA GLN H 195 38.54 -0.48 -30.50
C GLN H 195 37.88 0.89 -30.64
N HIS H 196 37.77 1.37 -31.88
CA HIS H 196 37.13 2.65 -32.13
C HIS H 196 36.18 2.53 -33.30
N TYR H 197 35.19 3.41 -33.36
CA TYR H 197 34.27 3.48 -34.48
C TYR H 197 34.28 4.91 -35.04
N SER H 198 34.18 5.03 -36.36
CA SER H 198 34.32 6.34 -37.00
C SER H 198 33.19 7.29 -36.59
N CYS H 199 32.04 6.70 -36.29
CA CYS H 199 30.83 7.44 -35.90
C CYS H 199 30.91 8.03 -34.49
N CYS H 200 31.89 7.59 -33.71
CA CYS H 200 31.90 7.90 -32.28
C CYS H 200 33.29 8.26 -31.76
N PRO H 201 33.35 9.26 -30.87
CA PRO H 201 34.61 9.72 -30.28
C PRO H 201 35.23 8.78 -29.24
N GLU H 202 34.40 8.01 -28.52
CA GLU H 202 34.92 7.32 -27.34
C GLU H 202 35.46 5.91 -27.60
N PRO H 203 36.40 5.47 -26.76
CA PRO H 203 36.97 4.14 -26.97
C PRO H 203 36.03 3.03 -26.49
N TYR H 204 36.15 1.85 -27.07
CA TYR H 204 35.37 0.70 -26.60
C TYR H 204 36.30 -0.45 -26.25
N ILE H 205 36.13 -0.94 -25.03
CA ILE H 205 37.04 -1.91 -24.46
C ILE H 205 36.43 -3.31 -24.49
N ASP H 206 37.25 -4.31 -24.81
CA ASP H 206 36.83 -5.70 -24.71
C ASP H 206 37.99 -6.54 -24.15
N VAL H 207 37.66 -7.69 -23.59
CA VAL H 207 38.67 -8.66 -23.23
C VAL H 207 38.57 -9.82 -24.17
N ASN H 208 39.65 -10.09 -24.88
CA ASN H 208 39.66 -11.12 -25.91
C ASN H 208 40.16 -12.42 -25.30
N LEU H 209 39.33 -13.45 -25.36
CA LEU H 209 39.66 -14.75 -24.82
C LEU H 209 40.04 -15.63 -25.99
N VAL H 210 41.30 -16.05 -26.04
CA VAL H 210 41.81 -16.84 -27.16
C VAL H 210 42.21 -18.23 -26.68
N VAL H 211 41.58 -19.26 -27.24
CA VAL H 211 41.79 -20.61 -26.79
C VAL H 211 42.30 -21.48 -27.93
N LYS H 212 43.37 -22.21 -27.67
CA LYS H 212 43.90 -23.14 -28.67
C LYS H 212 43.79 -24.56 -28.11
N PHE H 213 43.12 -25.43 -28.85
CA PHE H 213 42.77 -26.72 -28.30
C PHE H 213 42.82 -27.81 -29.33
N ARG H 214 42.79 -29.04 -28.85
CA ARG H 214 43.06 -30.20 -29.66
C ARG H 214 42.23 -31.37 -29.13
N GLU H 215 41.82 -32.30 -29.99
CA GLU H 215 41.19 -33.51 -29.46
C GLU H 215 42.17 -34.24 -28.55
N ARG H 216 41.73 -34.65 -27.36
CA ARG H 216 42.62 -35.32 -26.42
C ARG H 216 42.80 -36.77 -26.81
N ARG H 217 44.04 -37.24 -26.82
CA ARG H 217 44.33 -38.59 -27.21
C ARG H 217 44.79 -39.36 -26.03
N ALA H 218 44.13 -40.45 -25.76
CA ALA H 218 44.48 -41.20 -24.56
C ALA H 218 45.01 -42.60 -24.86
N GLY H 219 45.85 -43.13 -23.96
CA GLY H 219 46.27 -44.52 -24.01
C GLY H 219 45.26 -45.33 -23.22
N ASN H 220 45.25 -46.65 -23.39
CA ASN H 220 44.28 -47.45 -22.63
C ASN H 220 44.81 -47.57 -21.23
N GLY H 221 44.03 -47.08 -20.28
CA GLY H 221 44.40 -47.11 -18.89
C GLY H 221 43.51 -46.15 -18.13
N PHE H 222 43.51 -46.29 -16.81
CA PHE H 222 42.68 -45.44 -15.98
C PHE H 222 43.46 -44.16 -15.67
N PHE H 223 42.91 -43.03 -16.11
CA PHE H 223 43.58 -41.75 -15.92
C PHE H 223 42.93 -41.06 -14.72
N ARG H 224 43.65 -41.08 -13.59
CA ARG H 224 43.17 -40.54 -12.33
C ARG H 224 43.30 -39.05 -12.23
N ASN H 225 42.28 -38.39 -11.70
CA ASN H 225 42.25 -36.94 -11.54
C ASN H 225 41.26 -36.52 -10.45
N ASP I 4 -15.15 -34.17 15.79
CA ASP I 4 -15.70 -32.82 15.63
C ASP I 4 -15.40 -32.20 14.27
N ASP I 5 -16.42 -31.61 13.67
CA ASP I 5 -16.31 -31.00 12.35
C ASP I 5 -15.50 -29.69 12.30
N ASP I 6 -15.85 -28.75 13.18
CA ASP I 6 -15.23 -27.42 13.15
C ASP I 6 -14.04 -27.24 14.08
N ASP I 7 -13.64 -28.31 14.77
CA ASP I 7 -12.41 -28.28 15.55
C ASP I 7 -11.23 -28.29 14.57
N LYS I 8 -11.49 -28.74 13.35
CA LYS I 8 -10.48 -28.80 12.30
C LYS I 8 -10.18 -27.42 11.69
N LEU I 9 -11.17 -26.53 11.72
CA LEU I 9 -10.97 -25.17 11.19
C LEU I 9 -10.03 -24.40 12.11
N HIS I 10 -10.00 -24.79 13.39
CA HIS I 10 -9.11 -24.20 14.37
C HIS I 10 -7.65 -24.53 14.06
N SER I 11 -7.34 -25.81 13.91
CA SER I 11 -5.99 -26.23 13.53
C SER I 11 -5.55 -25.51 12.26
N GLN I 12 -6.46 -25.36 11.31
CA GLN I 12 -6.15 -24.66 10.07
C GLN I 12 -5.72 -23.22 10.32
N ALA I 13 -6.41 -22.54 11.23
CA ALA I 13 -6.09 -21.17 11.59
C ALA I 13 -4.85 -21.11 12.45
N ASN I 14 -4.57 -22.22 13.14
CA ASN I 14 -3.35 -22.32 13.91
C ASN I 14 -2.12 -22.33 13.00
N LEU I 15 -2.22 -23.05 11.89
CA LEU I 15 -1.11 -23.08 10.94
C LEU I 15 -0.96 -21.71 10.27
N MET I 16 -2.07 -21.14 9.81
CA MET I 16 -2.02 -19.81 9.20
C MET I 16 -1.32 -18.82 10.11
N ARG I 17 -1.60 -18.95 11.40
CA ARG I 17 -1.09 -18.05 12.41
C ARG I 17 0.40 -18.28 12.66
N LEU I 18 0.79 -19.55 12.65
CA LEU I 18 2.19 -19.92 12.80
C LEU I 18 3.00 -19.41 11.62
N LYS I 19 2.51 -19.68 10.41
CA LYS I 19 3.23 -19.23 9.21
C LYS I 19 3.36 -17.70 9.18
N SER I 20 2.30 -17.00 9.54
CA SER I 20 2.35 -15.55 9.60
C SER I 20 3.36 -15.01 10.63
N ASP I 21 3.45 -15.66 11.79
CA ASP I 21 4.36 -15.20 12.84
C ASP I 21 5.83 -15.41 12.50
N LEU I 22 6.15 -16.55 11.90
CA LEU I 22 7.51 -16.78 11.42
C LEU I 22 7.89 -15.87 10.26
N PHE I 23 7.10 -15.89 9.19
CA PHE I 23 7.44 -15.21 7.93
C PHE I 23 7.16 -13.70 7.83
N ASN I 24 6.01 -13.26 8.34
CA ASN I 24 5.62 -11.84 8.23
C ASN I 24 6.24 -10.93 9.28
N ARG I 25 6.69 -11.50 10.40
CA ARG I 25 7.18 -10.71 11.51
C ARG I 25 8.63 -10.20 11.39
N SER I 26 9.52 -11.05 10.87
CA SER I 26 10.94 -10.70 10.83
C SER I 26 11.52 -10.82 9.43
N PRO I 27 12.69 -10.20 9.20
CA PRO I 27 13.30 -10.29 7.87
C PRO I 27 13.80 -11.71 7.64
N MET I 28 13.98 -12.10 6.39
CA MET I 28 14.54 -13.41 6.10
C MET I 28 15.94 -13.53 6.73
N TYR I 29 16.24 -14.72 7.20
CA TYR I 29 17.57 -15.04 7.66
C TYR I 29 18.54 -14.66 6.53
N PRO I 30 19.54 -13.85 6.86
CA PRO I 30 20.49 -13.27 5.93
C PRO I 30 21.59 -14.16 5.47
N GLY I 31 21.61 -15.36 5.98
CA GLY I 31 22.63 -16.32 5.61
C GLY I 31 23.63 -16.33 6.75
N PRO I 32 24.50 -17.36 6.79
CA PRO I 32 25.48 -17.51 7.86
C PRO I 32 26.60 -16.49 7.78
N THR I 33 27.31 -16.29 8.88
CA THR I 33 28.45 -15.38 8.92
C THR I 33 29.59 -16.08 9.66
N LYS I 34 30.73 -15.43 9.77
CA LYS I 34 31.87 -16.01 10.48
C LYS I 34 31.52 -16.20 11.96
N ASP I 35 30.74 -15.26 12.48
CA ASP I 35 30.35 -15.27 13.89
C ASP I 35 29.08 -16.05 14.14
N ASP I 36 28.41 -16.44 13.07
CA ASP I 36 27.18 -17.23 13.20
C ASP I 36 27.13 -18.32 12.16
N PRO I 37 28.09 -19.26 12.22
CA PRO I 37 28.25 -20.25 11.15
C PRO I 37 27.13 -21.28 11.19
N LEU I 38 26.98 -22.02 10.10
CA LEU I 38 25.88 -22.97 9.97
C LEU I 38 26.37 -24.33 9.48
N THR I 39 25.85 -25.39 10.07
CA THR I 39 26.14 -26.73 9.54
C THR I 39 25.01 -27.21 8.62
N VAL I 40 25.38 -27.64 7.42
CA VAL I 40 24.43 -28.18 6.46
C VAL I 40 24.71 -29.66 6.23
N TYR I 41 23.70 -30.50 6.45
CA TYR I 41 23.87 -31.91 6.18
C TYR I 41 23.44 -32.24 4.76
N LEU I 42 24.24 -33.06 4.12
CA LEU I 42 24.09 -33.38 2.72
C LEU I 42 24.12 -34.90 2.52
N SER I 43 23.15 -35.45 1.80
CA SER I 43 23.13 -36.87 1.47
C SER I 43 22.46 -37.15 0.13
N PHE I 44 22.96 -38.13 -0.61
CA PHE I 44 22.40 -38.41 -1.94
C PHE I 44 21.73 -39.77 -2.05
N SER I 45 20.67 -39.83 -2.86
CA SER I 45 20.07 -41.09 -3.28
C SER I 45 20.09 -41.08 -4.79
N LEU I 46 20.79 -42.03 -5.39
CA LEU I 46 20.91 -42.07 -6.84
CA LEU I 46 20.90 -42.08 -6.84
C LEU I 46 19.76 -42.89 -7.44
N LEU I 47 18.91 -42.23 -8.23
CA LEU I 47 17.84 -42.93 -8.93
C LEU I 47 18.17 -43.61 -10.24
N ASP I 48 18.85 -42.88 -11.11
CA ASP I 48 19.11 -43.38 -12.45
C ASP I 48 20.34 -42.75 -13.06
N ILE I 49 21.13 -43.52 -13.81
CA ILE I 49 22.07 -42.91 -14.74
C ILE I 49 21.36 -42.97 -16.08
N VAL I 50 20.97 -41.81 -16.60
CA VAL I 50 20.13 -41.79 -17.79
C VAL I 50 20.89 -41.95 -19.09
N LYS I 51 22.02 -41.26 -19.17
CA LYS I 51 22.75 -41.19 -20.43
C LYS I 51 24.22 -40.97 -20.16
N ALA I 52 25.07 -41.60 -20.95
CA ALA I 52 26.51 -41.38 -20.86
C ALA I 52 27.00 -41.09 -22.28
N ASP I 53 27.52 -39.88 -22.49
CA ASP I 53 27.78 -39.41 -23.84
C ASP I 53 29.29 -39.39 -24.14
N SER I 54 29.72 -40.31 -25.00
CA SER I 54 31.14 -40.42 -25.38
C SER I 54 31.61 -39.29 -26.27
N SER I 55 30.69 -38.61 -26.94
CA SER I 55 31.11 -37.55 -27.85
C SER I 55 31.45 -36.25 -27.12
N THR I 56 30.67 -35.93 -26.11
CA THR I 56 30.97 -34.79 -25.26
C THR I 56 31.62 -35.06 -23.89
N ASN I 57 31.77 -36.33 -23.54
CA ASN I 57 32.15 -36.69 -22.16
C ASN I 57 31.29 -36.01 -21.08
N GLU I 58 29.97 -36.17 -21.17
CA GLU I 58 29.04 -35.75 -20.11
C GLU I 58 28.17 -36.91 -19.72
N VAL I 59 27.81 -36.95 -18.44
CA VAL I 59 26.88 -37.97 -17.96
C VAL I 59 25.69 -37.31 -17.25
N ASP I 60 24.50 -37.86 -17.49
CA ASP I 60 23.28 -37.36 -16.88
C ASP I 60 22.82 -38.27 -15.76
N LEU I 61 22.80 -37.73 -14.55
CA LEU I 61 22.28 -38.42 -13.36
C LEU I 61 20.92 -37.85 -12.96
N VAL I 62 20.03 -38.73 -12.53
CA VAL I 62 18.85 -38.32 -11.78
C VAL I 62 19.02 -38.76 -10.33
N TYR I 63 18.83 -37.86 -9.38
CA TYR I 63 19.04 -38.20 -7.97
C TYR I 63 18.20 -37.29 -7.09
N TRP I 64 18.02 -37.68 -5.82
CA TRP I 64 17.46 -36.78 -4.80
C TRP I 64 18.60 -36.35 -3.92
N GLU I 65 18.66 -35.07 -3.62
CA GLU I 65 19.72 -34.54 -2.78
C GLU I 65 19.05 -34.12 -1.47
N GLN I 66 19.35 -34.82 -0.38
CA GLN I 66 18.77 -34.43 0.91
C GLN I 66 19.63 -33.39 1.61
N GLN I 67 19.02 -32.27 1.97
CA GLN I 67 19.70 -31.18 2.64
C GLN I 67 18.98 -30.86 3.93
N SER I 68 19.71 -30.72 5.04
CA SER I 68 19.09 -30.30 6.30
C SER I 68 19.97 -29.34 7.06
N TRP I 69 19.32 -28.42 7.76
CA TRP I 69 20.04 -27.49 8.62
C TRP I 69 19.08 -27.01 9.71
N LYS I 70 19.60 -26.20 10.62
CA LYS I 70 18.81 -25.75 11.76
C LYS I 70 18.96 -24.25 11.95
N LEU I 71 17.84 -23.55 12.16
CA LEU I 71 17.83 -22.10 12.33
C LEU I 71 17.12 -21.73 13.62
N ASN I 72 17.75 -20.91 14.45
CA ASN I 72 17.09 -20.49 15.68
C ASN I 72 15.82 -19.69 15.37
N SER I 73 15.86 -18.96 14.27
CA SER I 73 14.77 -18.08 13.92
C SER I 73 13.54 -18.84 13.39
N LEU I 74 13.71 -20.13 13.12
CA LEU I 74 12.58 -20.96 12.68
C LEU I 74 11.95 -21.76 13.83
N MET I 75 12.43 -21.55 15.05
CA MET I 75 11.88 -22.30 16.18
C MET I 75 10.55 -21.71 16.66
N TRP I 76 9.65 -22.59 17.09
CA TRP I 76 8.47 -22.16 17.84
C TRP I 76 8.13 -23.14 18.97
N ASP I 77 7.27 -22.70 19.86
CA ASP I 77 6.70 -23.55 20.90
C ASP I 77 5.33 -24.06 20.46
N PRO I 78 5.23 -25.37 20.21
CA PRO I 78 4.02 -26.03 19.73
C PRO I 78 2.78 -25.80 20.60
N ASN I 79 2.95 -25.54 21.89
CA ASN I 79 1.80 -25.32 22.76
C ASN I 79 1.02 -24.07 22.40
N GLU I 80 1.72 -23.08 21.85
CA GLU I 80 1.08 -21.83 21.46
C GLU I 80 0.38 -22.00 20.12
N TYR I 81 0.82 -23.02 19.38
CA TYR I 81 0.26 -23.35 18.06
C TYR I 81 -0.53 -24.65 17.93
N GLY I 82 -1.25 -25.04 18.97
CA GLY I 82 -2.25 -26.09 18.83
C GLY I 82 -1.54 -27.41 18.60
N ASN I 83 -0.34 -27.48 19.14
CA ASN I 83 0.54 -28.64 19.05
C ASN I 83 1.04 -28.99 17.65
N ILE I 84 1.11 -28.00 16.76
CA ILE I 84 1.73 -28.24 15.47
C ILE I 84 3.22 -28.39 15.70
N THR I 85 3.77 -29.53 15.30
CA THR I 85 5.22 -29.73 15.43
C THR I 85 6.01 -29.48 14.15
N ASP I 86 5.31 -29.21 13.06
CA ASP I 86 5.98 -29.06 11.78
C ASP I 86 4.99 -28.74 10.70
N PHE I 87 5.52 -28.24 9.58
CA PHE I 87 4.69 -27.90 8.43
C PHE I 87 5.55 -27.90 7.17
N ARG I 88 4.87 -27.96 6.03
CA ARG I 88 5.53 -27.85 4.75
C ARG I 88 5.30 -26.43 4.27
N THR I 89 6.28 -25.88 3.56
CA THR I 89 6.15 -24.54 3.02
C THR I 89 6.94 -24.47 1.70
N SER I 90 6.59 -23.50 0.86
CA SER I 90 7.38 -23.26 -0.34
C SER I 90 8.83 -22.92 0.02
N ALA I 91 9.78 -23.48 -0.71
CA ALA I 91 11.19 -23.18 -0.47
C ALA I 91 11.54 -21.70 -0.69
N ALA I 92 10.74 -21.01 -1.51
CA ALA I 92 10.88 -19.57 -1.68
C ALA I 92 10.59 -18.75 -0.41
N ASP I 93 9.92 -19.34 0.57
CA ASP I 93 9.62 -18.65 1.84
C ASP I 93 10.76 -18.69 2.86
N ILE I 94 11.81 -19.43 2.55
CA ILE I 94 12.88 -19.58 3.52
C ILE I 94 14.22 -19.43 2.86
N TRP I 95 15.23 -19.14 3.67
CA TRP I 95 16.59 -19.21 3.20
C TRP I 95 16.93 -20.67 2.87
N THR I 96 17.66 -20.89 1.79
CA THR I 96 18.20 -22.20 1.49
C THR I 96 19.69 -22.07 1.16
N PRO I 97 20.45 -23.13 1.41
CA PRO I 97 21.87 -23.04 1.11
C PRO I 97 22.12 -23.09 -0.41
N ASP I 98 23.26 -22.56 -0.79
CA ASP I 98 23.74 -22.35 -2.17
C ASP I 98 24.51 -23.57 -2.73
N ILE I 99 24.39 -24.72 -2.10
CA ILE I 99 25.07 -25.94 -2.55
C ILE I 99 24.86 -26.19 -4.04
N THR I 100 25.94 -26.53 -4.74
CA THR I 100 25.86 -26.72 -6.18
C THR I 100 26.91 -27.70 -6.67
N ALA I 101 26.64 -28.35 -7.80
CA ALA I 101 27.60 -29.27 -8.38
C ALA I 101 28.65 -28.44 -9.07
N TYR I 102 29.90 -28.61 -8.69
CA TYR I 102 30.99 -27.79 -9.19
C TYR I 102 31.36 -28.09 -10.65
N SER I 103 31.11 -29.33 -11.07
CA SER I 103 31.38 -29.82 -12.42
C SER I 103 30.17 -30.08 -13.35
N SER I 104 29.04 -29.44 -13.12
CA SER I 104 27.91 -29.47 -14.05
C SER I 104 28.21 -28.76 -15.38
N THR I 105 27.74 -29.36 -16.48
CA THR I 105 27.85 -28.75 -17.80
C THR I 105 26.62 -28.06 -18.33
N ARG I 106 25.52 -28.13 -17.57
CA ARG I 106 24.22 -27.59 -17.95
C ARG I 106 23.50 -27.12 -16.70
N PRO I 107 22.53 -26.19 -16.82
CA PRO I 107 21.74 -25.86 -15.62
C PRO I 107 21.02 -27.10 -15.11
N VAL I 108 21.05 -27.32 -13.81
CA VAL I 108 20.33 -28.42 -13.18
C VAL I 108 18.83 -28.29 -13.49
N GLN I 109 18.19 -29.42 -13.82
CA GLN I 109 16.74 -29.41 -14.02
C GLN I 109 16.01 -29.96 -12.79
N VAL I 110 15.01 -29.22 -12.34
CA VAL I 110 14.31 -29.52 -11.10
C VAL I 110 13.17 -30.47 -11.42
N LEU I 111 13.21 -31.67 -10.85
CA LEU I 111 12.18 -32.66 -11.13
C LEU I 111 11.05 -32.76 -10.07
N SER I 112 11.14 -32.03 -8.97
CA SER I 112 10.09 -32.11 -7.94
C SER I 112 9.64 -30.72 -7.49
N PRO I 113 8.42 -30.61 -6.94
CA PRO I 113 7.93 -29.32 -6.45
C PRO I 113 8.91 -28.82 -5.41
N GLN I 114 9.17 -27.53 -5.32
CA GLN I 114 10.16 -27.17 -4.34
C GLN I 114 9.48 -26.60 -3.09
N ASN I 115 9.44 -27.45 -2.09
CA ASN I 115 8.78 -27.20 -0.83
C ASN I 115 9.71 -27.81 0.17
N ALA I 116 9.69 -27.29 1.38
CA ALA I 116 10.55 -27.82 2.42
C ALA I 116 9.72 -28.16 3.64
N LEU I 117 10.30 -28.96 4.53
CA LEU I 117 9.65 -29.28 5.79
C LEU I 117 10.37 -28.55 6.91
N VAL I 118 9.60 -27.91 7.79
CA VAL I 118 10.19 -27.18 8.91
C VAL I 118 9.59 -27.74 10.19
N ASN I 119 10.40 -27.95 11.22
CA ASN I 119 9.84 -28.43 12.47
C ASN I 119 10.17 -27.51 13.64
N SER I 120 9.41 -27.67 14.73
CA SER I 120 9.37 -26.71 15.84
C SER I 120 10.74 -26.33 16.43
N SER I 121 11.73 -27.22 16.31
CA SER I 121 13.05 -26.90 16.81
C SER I 121 13.91 -26.18 15.76
N GLY I 122 13.31 -25.86 14.61
CA GLY I 122 13.95 -24.98 13.64
C GLY I 122 14.80 -25.70 12.61
N HIS I 123 14.59 -27.01 12.52
CA HIS I 123 15.28 -27.83 11.55
C HIS I 123 14.50 -27.80 10.24
N VAL I 124 15.23 -27.77 9.15
CA VAL I 124 14.64 -27.76 7.81
C VAL I 124 15.11 -28.98 7.05
N GLN I 125 14.17 -29.66 6.41
CA GLN I 125 14.51 -30.74 5.50
C GLN I 125 14.07 -30.39 4.09
N TYR I 126 15.02 -30.35 3.18
CA TYR I 126 14.78 -29.96 1.81
C TYR I 126 15.29 -31.05 0.89
N LEU I 127 14.46 -31.50 -0.04
CA LEU I 127 14.78 -32.69 -0.84
C LEU I 127 14.61 -32.52 -2.35
N PRO I 128 15.41 -31.63 -2.95
CA PRO I 128 15.20 -31.47 -4.39
C PRO I 128 15.60 -32.72 -5.17
N ALA I 129 14.71 -33.16 -6.05
CA ALA I 129 15.05 -34.16 -7.04
C ALA I 129 15.53 -33.44 -8.30
N GLN I 130 16.61 -33.94 -8.89
CA GLN I 130 17.32 -33.23 -9.95
C GLN I 130 17.80 -34.15 -11.07
N ARG I 131 17.85 -33.63 -12.29
CA ARG I 131 18.63 -34.26 -13.35
C ARG I 131 19.85 -33.37 -13.58
N LEU I 132 21.03 -33.98 -13.58
CA LEU I 132 22.26 -33.21 -13.67
C LEU I 132 23.13 -33.77 -14.79
N SER I 133 23.60 -32.90 -15.67
CA SER I 133 24.70 -33.21 -16.61
C SER I 133 26.04 -32.74 -16.05
N PHE I 134 26.97 -33.66 -15.88
CA PHE I 134 28.28 -33.28 -15.37
C PHE I 134 29.45 -33.88 -16.17
N MET I 135 30.66 -33.36 -15.95
CA MET I 135 31.77 -33.72 -16.79
C MET I 135 32.22 -35.11 -16.36
N CYS I 136 32.12 -36.06 -17.27
CA CYS I 136 32.49 -37.43 -16.97
C CYS I 136 32.92 -38.12 -18.25
N ASP I 137 33.97 -38.92 -18.18
CA ASP I 137 34.48 -39.60 -19.36
C ASP I 137 34.02 -41.03 -19.21
N PRO I 138 33.05 -41.49 -20.00
CA PRO I 138 32.66 -42.85 -19.64
C PRO I 138 33.46 -43.93 -20.35
N THR I 139 34.77 -43.84 -20.43
CA THR I 139 35.52 -44.86 -21.14
C THR I 139 35.54 -46.06 -20.20
N GLY I 140 35.34 -47.25 -20.74
CA GLY I 140 35.34 -48.45 -19.93
C GLY I 140 33.97 -48.85 -19.41
N VAL I 141 32.96 -48.05 -19.73
CA VAL I 141 31.61 -48.35 -19.28
C VAL I 141 31.12 -49.71 -19.84
N ASP I 142 31.74 -50.15 -20.93
CA ASP I 142 31.43 -51.45 -21.53
C ASP I 142 32.35 -52.59 -21.07
N SER I 143 33.28 -52.30 -20.16
CA SER I 143 34.11 -53.38 -19.64
C SER I 143 33.52 -53.89 -18.32
N GLU I 144 34.14 -54.92 -17.75
CA GLU I 144 33.60 -55.46 -16.51
CA GLU I 144 33.68 -55.52 -16.50
C GLU I 144 34.01 -54.62 -15.32
N GLU I 145 35.11 -53.89 -15.46
CA GLU I 145 35.56 -52.96 -14.43
CA GLU I 145 35.55 -52.96 -14.44
CA GLU I 145 35.55 -52.96 -14.43
C GLU I 145 34.67 -51.73 -14.40
N GLY I 146 34.09 -51.41 -15.56
CA GLY I 146 33.22 -50.26 -15.72
C GLY I 146 33.96 -48.92 -15.76
N ALA I 147 33.21 -47.85 -15.56
CA ALA I 147 33.75 -46.51 -15.63
C ALA I 147 33.60 -45.87 -14.28
N THR I 148 34.43 -44.88 -14.01
CA THR I 148 34.42 -44.16 -12.75
C THR I 148 34.31 -42.64 -12.94
N CYS I 149 33.33 -42.03 -12.30
CA CYS I 149 33.20 -40.57 -12.33
C CYS I 149 32.99 -39.97 -10.95
N ALA I 150 33.33 -38.70 -10.83
CA ALA I 150 33.23 -37.98 -9.58
C ALA I 150 32.70 -36.57 -9.83
N VAL I 151 31.82 -36.11 -8.95
CA VAL I 151 31.39 -34.73 -8.96
C VAL I 151 31.37 -34.25 -7.52
N LYS I 152 31.98 -33.08 -7.28
CA LYS I 152 32.01 -32.48 -5.96
C LYS I 152 30.88 -31.46 -5.81
N PHE I 153 30.21 -31.47 -4.65
CA PHE I 153 29.15 -30.54 -4.34
C PHE I 153 29.58 -29.69 -3.15
N GLY I 154 29.20 -28.43 -3.14
CA GLY I 154 29.40 -27.60 -1.97
C GLY I 154 28.88 -26.19 -2.18
N SER I 155 29.00 -25.36 -1.16
CA SER I 155 28.59 -23.96 -1.28
C SER I 155 29.39 -23.27 -2.36
N TRP I 156 28.72 -22.47 -3.18
CA TRP I 156 29.43 -21.75 -4.21
C TRP I 156 30.13 -20.52 -3.61
N SER I 157 29.38 -19.76 -2.82
CA SER I 157 29.88 -18.53 -2.23
C SER I 157 30.34 -18.47 -0.76
N TYR I 158 30.18 -19.55 -0.01
CA TYR I 158 30.49 -19.51 1.42
C TYR I 158 31.62 -20.49 1.73
N GLY I 159 32.61 -20.05 2.50
CA GLY I 159 33.66 -20.94 2.96
C GLY I 159 33.24 -21.78 4.15
N GLY I 160 34.11 -22.70 4.58
CA GLY I 160 33.86 -23.56 5.72
C GLY I 160 33.73 -22.89 7.08
N TRP I 161 34.08 -21.62 7.19
CA TRP I 161 33.87 -20.89 8.43
C TRP I 161 32.46 -20.30 8.51
N GLU I 162 31.77 -20.32 7.36
CA GLU I 162 30.38 -19.88 7.25
C GLU I 162 29.44 -21.08 7.12
N ILE I 163 29.66 -21.88 6.09
CA ILE I 163 28.94 -23.15 5.99
C ILE I 163 29.85 -24.36 6.19
N ASP I 164 29.61 -25.11 7.24
CA ASP I 164 30.28 -26.39 7.40
C ASP I 164 29.39 -27.44 6.75
N LEU I 165 29.97 -28.37 6.03
CA LEU I 165 29.20 -29.35 5.28
C LEU I 165 29.43 -30.72 5.92
N LYS I 166 28.38 -31.54 6.03
CA LYS I 166 28.52 -32.84 6.68
C LYS I 166 27.70 -33.95 6.02
N THR I 167 28.14 -35.21 6.23
CA THR I 167 27.35 -36.36 5.82
C THR I 167 27.12 -37.31 7.00
N ASP I 168 26.00 -38.04 6.97
CA ASP I 168 25.74 -39.04 7.99
CA ASP I 168 25.73 -39.06 7.99
C ASP I 168 26.44 -40.38 7.73
N THR I 169 26.54 -40.73 6.45
CA THR I 169 27.14 -41.99 6.01
C THR I 169 27.98 -41.65 4.78
N ASP I 170 28.99 -42.46 4.48
CA ASP I 170 29.77 -42.26 3.26
CA ASP I 170 29.77 -42.26 3.26
C ASP I 170 29.22 -43.12 2.12
N GLN I 171 28.11 -43.81 2.40
CA GLN I 171 27.43 -44.62 1.40
C GLN I 171 26.24 -43.90 0.79
N VAL I 172 26.30 -43.70 -0.52
CA VAL I 172 25.16 -43.20 -1.27
C VAL I 172 24.01 -44.20 -1.24
N ASP I 173 22.80 -43.70 -1.10
CA ASP I 173 21.65 -44.59 -0.98
C ASP I 173 21.26 -45.08 -2.38
N LEU I 174 21.36 -46.38 -2.57
CA LEU I 174 20.97 -47.02 -3.82
C LEU I 174 19.61 -47.72 -3.81
N SER I 175 18.93 -47.64 -2.68
CA SER I 175 17.75 -48.47 -2.49
C SER I 175 16.66 -48.16 -3.51
N SER I 176 16.65 -46.93 -4.02
CA SER I 176 15.69 -46.53 -5.05
C SER I 176 16.23 -46.58 -6.49
N TYR I 177 17.46 -47.06 -6.68
CA TYR I 177 18.06 -47.04 -8.02
C TYR I 177 17.26 -47.88 -8.99
N TYR I 178 17.03 -47.34 -10.19
CA TYR I 178 16.19 -48.03 -11.18
C TYR I 178 16.83 -49.32 -11.71
N ALA I 179 16.13 -50.43 -11.54
CA ALA I 179 16.70 -51.76 -11.71
C ALA I 179 16.88 -52.08 -13.17
N SER I 180 16.04 -51.46 -13.99
CA SER I 180 16.10 -51.57 -15.44
C SER I 180 16.91 -50.51 -16.20
N SER I 181 17.62 -49.67 -15.45
CA SER I 181 18.49 -48.66 -16.05
C SER I 181 19.50 -49.28 -17.02
N LYS I 182 19.88 -48.52 -18.04
CA LYS I 182 20.93 -48.96 -18.97
C LYS I 182 22.27 -49.20 -18.27
N TYR I 183 22.42 -48.66 -17.07
CA TYR I 183 23.68 -48.77 -16.36
C TYR I 183 23.49 -49.31 -14.94
N GLU I 184 24.32 -50.28 -14.58
CA GLU I 184 24.30 -50.77 -13.21
C GLU I 184 25.37 -50.07 -12.39
N ILE I 185 25.07 -49.85 -11.12
CA ILE I 185 25.98 -49.21 -10.18
C ILE I 185 26.88 -50.22 -9.46
N LEU I 186 28.20 -50.12 -9.65
CA LEU I 186 29.16 -50.94 -8.92
C LEU I 186 29.40 -50.44 -7.50
N SER I 187 29.67 -49.15 -7.36
CA SER I 187 29.70 -48.51 -6.05
C SER I 187 29.40 -47.02 -6.16
N ALA I 188 28.84 -46.46 -5.09
CA ALA I 188 28.62 -45.02 -5.03
C ALA I 188 28.94 -44.53 -3.63
N THR I 189 29.87 -43.57 -3.52
CA THR I 189 30.26 -43.06 -2.21
C THR I 189 30.16 -41.57 -2.17
N GLN I 190 29.87 -41.04 -0.98
CA GLN I 190 29.80 -39.61 -0.76
C GLN I 190 30.70 -39.26 0.41
N THR I 191 31.76 -38.53 0.14
CA THR I 191 32.83 -38.33 1.12
C THR I 191 33.09 -36.85 1.34
N ARG I 192 33.01 -36.43 2.59
CA ARG I 192 33.33 -35.05 2.94
C ARG I 192 34.83 -34.84 2.76
N GLN I 193 35.21 -33.71 2.17
CA GLN I 193 36.62 -33.38 1.98
C GLN I 193 36.89 -31.94 2.40
N VAL I 194 38.07 -31.71 2.96
CA VAL I 194 38.52 -30.36 3.30
C VAL I 194 39.65 -29.93 2.36
N GLN I 195 39.61 -28.69 1.93
CA GLN I 195 40.58 -28.17 0.96
C GLN I 195 41.09 -26.83 1.44
N HIS I 196 42.32 -26.49 1.07
CA HIS I 196 42.84 -25.16 1.35
C HIS I 196 43.37 -24.49 0.10
N TYR I 197 43.29 -23.17 0.07
CA TYR I 197 43.82 -22.38 -1.04
C TYR I 197 44.90 -21.43 -0.55
N SER I 198 45.90 -21.19 -1.39
CA SER I 198 47.03 -20.34 -1.03
C SER I 198 46.63 -18.87 -0.94
N CYS I 199 45.40 -18.57 -1.35
CA CYS I 199 44.87 -17.22 -1.23
C CYS I 199 44.44 -16.88 0.20
N CYS I 200 43.94 -17.88 0.93
CA CYS I 200 43.30 -17.64 2.22
C CYS I 200 43.54 -18.77 3.24
N PRO I 201 43.45 -18.44 4.53
CA PRO I 201 43.50 -19.42 5.64
C PRO I 201 42.23 -20.28 5.74
N GLU I 202 41.09 -19.78 5.26
CA GLU I 202 39.81 -20.47 5.45
C GLU I 202 39.75 -21.84 4.77
N PRO I 203 39.34 -22.87 5.52
CA PRO I 203 39.12 -24.19 4.89
C PRO I 203 37.86 -24.19 4.00
N TYR I 204 37.92 -24.89 2.88
CA TYR I 204 36.76 -25.04 2.01
C TYR I 204 36.32 -26.50 1.97
N ILE I 205 35.02 -26.72 2.07
CA ILE I 205 34.47 -28.04 2.27
C ILE I 205 33.62 -28.47 1.08
N ASP I 206 33.64 -29.75 0.76
CA ASP I 206 32.80 -30.28 -0.32
C ASP I 206 32.47 -31.72 -0.02
N VAL I 207 31.42 -32.22 -0.65
CA VAL I 207 31.11 -33.63 -0.60
C VAL I 207 31.41 -34.20 -1.98
N ASN I 208 32.28 -35.21 -2.02
CA ASN I 208 32.72 -35.80 -3.26
C ASN I 208 31.89 -37.04 -3.53
N LEU I 209 31.08 -36.99 -4.58
CA LEU I 209 30.25 -38.12 -4.98
C LEU I 209 31.00 -38.89 -6.06
N VAL I 210 31.41 -40.12 -5.74
CA VAL I 210 32.17 -40.97 -6.64
C VAL I 210 31.32 -42.17 -7.07
N VAL I 211 31.14 -42.37 -8.37
CA VAL I 211 30.31 -43.47 -8.86
C VAL I 211 31.06 -44.34 -9.86
N LYS I 212 31.02 -45.65 -9.60
CA LYS I 212 31.57 -46.63 -10.52
C LYS I 212 30.40 -47.35 -11.18
N PHE I 213 30.40 -47.44 -12.50
CA PHE I 213 29.20 -47.95 -13.18
C PHE I 213 29.52 -48.57 -14.51
N ARG I 214 28.58 -49.38 -15.02
CA ARG I 214 28.79 -50.07 -16.27
C ARG I 214 27.46 -50.42 -16.93
N GLU I 215 27.53 -50.73 -18.22
CA GLU I 215 26.37 -51.15 -18.98
C GLU I 215 25.79 -52.44 -18.42
N ARG I 216 24.49 -52.44 -18.16
CA ARG I 216 23.81 -53.66 -17.69
CA ARG I 216 23.83 -53.66 -17.69
C ARG I 216 24.06 -54.76 -18.71
N ARG I 217 24.47 -55.93 -18.23
CA ARG I 217 24.71 -57.06 -19.11
C ARG I 217 23.97 -58.32 -18.65
N ASP J 1 -33.27 -6.70 -25.38
CA ASP J 1 -31.93 -6.91 -24.84
C ASP J 1 -31.62 -5.94 -23.70
N TYR J 2 -32.58 -5.09 -23.34
CA TYR J 2 -32.35 -4.13 -22.27
C TYR J 2 -32.40 -4.76 -20.88
N LYS J 3 -33.46 -5.53 -20.63
CA LYS J 3 -33.55 -6.29 -19.40
C LYS J 3 -32.45 -7.34 -19.39
N ASP J 4 -32.11 -7.84 -20.58
CA ASP J 4 -31.11 -8.89 -20.74
C ASP J 4 -29.71 -8.41 -20.40
N ASP J 5 -29.33 -7.25 -20.93
CA ASP J 5 -28.01 -6.71 -20.68
C ASP J 5 -27.80 -6.46 -19.19
N ASP J 6 -28.82 -5.91 -18.53
CA ASP J 6 -28.77 -5.73 -17.10
C ASP J 6 -28.63 -7.08 -16.39
N ASP J 7 -29.38 -8.08 -16.85
CA ASP J 7 -29.27 -9.42 -16.30
C ASP J 7 -27.83 -9.90 -16.34
N LYS J 8 -27.23 -9.84 -17.54
CA LYS J 8 -25.83 -10.23 -17.71
C LYS J 8 -24.96 -9.51 -16.70
N LEU J 9 -25.09 -8.20 -16.65
CA LEU J 9 -24.36 -7.38 -15.70
C LEU J 9 -24.51 -7.89 -14.25
N HIS J 10 -25.74 -8.21 -13.84
CA HIS J 10 -25.98 -8.66 -12.47
C HIS J 10 -25.32 -10.02 -12.18
N SER J 11 -25.39 -10.96 -13.13
CA SER J 11 -24.75 -12.26 -12.93
C SER J 11 -23.23 -12.11 -12.79
N GLN J 12 -22.62 -11.35 -13.69
CA GLN J 12 -21.19 -11.05 -13.59
C GLN J 12 -20.83 -10.48 -12.22
N ALA J 13 -21.64 -9.56 -11.72
CA ALA J 13 -21.32 -8.92 -10.46
C ALA J 13 -21.41 -9.93 -9.34
N ASN J 14 -22.32 -10.88 -9.51
CA ASN J 14 -22.50 -11.93 -8.53
C ASN J 14 -21.29 -12.85 -8.47
N LEU J 15 -20.76 -13.25 -9.62
CA LEU J 15 -19.57 -14.11 -9.64
C LEU J 15 -18.35 -13.36 -9.12
N MET J 16 -18.20 -12.09 -9.50
CA MET J 16 -17.10 -11.28 -9.01
CA MET J 16 -17.05 -11.34 -9.01
C MET J 16 -17.15 -11.17 -7.49
N ARG J 17 -18.36 -11.05 -6.97
CA ARG J 17 -18.57 -10.93 -5.53
C ARG J 17 -18.20 -12.24 -4.79
N LEU J 18 -18.59 -13.38 -5.36
CA LEU J 18 -18.26 -14.67 -4.78
C LEU J 18 -16.75 -14.91 -4.73
N LYS J 19 -16.09 -14.69 -5.86
CA LYS J 19 -14.63 -14.87 -5.93
C LYS J 19 -13.90 -13.95 -4.97
N SER J 20 -14.37 -12.71 -4.87
CA SER J 20 -13.77 -11.75 -3.95
C SER J 20 -13.91 -12.19 -2.49
N ASP J 21 -15.04 -12.80 -2.14
CA ASP J 21 -15.22 -13.29 -0.78
C ASP J 21 -14.39 -14.54 -0.51
N LEU J 22 -14.31 -15.42 -1.50
CA LEU J 22 -13.54 -16.64 -1.33
C LEU J 22 -12.05 -16.33 -1.18
N PHE J 23 -11.51 -15.63 -2.18
CA PHE J 23 -10.08 -15.40 -2.31
C PHE J 23 -9.45 -14.26 -1.49
N ASN J 24 -10.12 -13.10 -1.45
CA ASN J 24 -9.50 -11.93 -0.85
C ASN J 24 -9.83 -11.62 0.60
N ARG J 25 -10.69 -12.42 1.22
CA ARG J 25 -11.06 -12.18 2.62
CA ARG J 25 -11.06 -12.18 2.62
C ARG J 25 -10.16 -12.92 3.59
N SER J 26 -9.39 -13.88 3.09
CA SER J 26 -8.59 -14.72 3.97
C SER J 26 -7.21 -15.00 3.40
N PRO J 27 -6.27 -15.40 4.28
CA PRO J 27 -5.02 -15.95 3.75
C PRO J 27 -5.36 -17.26 3.05
N MET J 28 -4.59 -17.61 2.01
CA MET J 28 -4.83 -18.84 1.30
C MET J 28 -4.65 -20.03 2.25
N TYR J 29 -5.36 -21.10 1.96
CA TYR J 29 -5.25 -22.36 2.67
C TYR J 29 -3.77 -22.74 2.75
N PRO J 30 -3.28 -22.96 3.98
CA PRO J 30 -1.90 -23.28 4.35
C PRO J 30 -1.46 -24.69 3.90
N GLY J 31 -2.42 -25.54 3.52
CA GLY J 31 -2.11 -26.93 3.26
C GLY J 31 -2.58 -27.80 4.41
N PRO J 32 -2.67 -29.12 4.18
CA PRO J 32 -3.21 -30.00 5.22
C PRO J 32 -2.23 -30.26 6.35
N THR J 33 -2.76 -30.72 7.48
CA THR J 33 -1.97 -31.09 8.65
C THR J 33 -2.45 -32.43 9.19
N LYS J 34 -1.66 -33.02 10.08
CA LYS J 34 -2.05 -34.23 10.80
C LYS J 34 -3.47 -34.11 11.35
N ASP J 35 -3.82 -32.93 11.87
CA ASP J 35 -5.10 -32.73 12.53
C ASP J 35 -6.20 -32.34 11.56
N ASP J 36 -5.82 -32.04 10.34
CA ASP J 36 -6.79 -31.66 9.31
C ASP J 36 -6.39 -32.26 7.96
N PRO J 37 -6.47 -33.59 7.84
CA PRO J 37 -5.98 -34.24 6.61
C PRO J 37 -6.85 -34.00 5.37
N LEU J 38 -6.28 -34.25 4.21
CA LEU J 38 -6.95 -34.00 2.95
C LEU J 38 -6.94 -35.28 2.14
N THR J 39 -8.06 -35.62 1.51
CA THR J 39 -8.08 -36.72 0.56
C THR J 39 -8.02 -36.20 -0.87
N VAL J 40 -7.01 -36.61 -1.62
CA VAL J 40 -6.93 -36.25 -3.03
C VAL J 40 -7.25 -37.45 -3.90
N TYR J 41 -8.17 -37.26 -4.84
CA TYR J 41 -8.52 -38.32 -5.79
C TYR J 41 -7.78 -38.14 -7.11
N LEU J 42 -7.11 -39.20 -7.55
CA LEU J 42 -6.39 -39.23 -8.83
C LEU J 42 -7.01 -40.22 -9.80
N SER J 43 -7.00 -39.82 -11.06
CA SER J 43 -7.42 -40.71 -12.12
C SER J 43 -6.64 -40.32 -13.37
N PHE J 44 -6.29 -41.30 -14.17
CA PHE J 44 -5.48 -41.05 -15.36
C PHE J 44 -6.23 -41.39 -16.66
N SER J 45 -6.01 -40.57 -17.66
CA SER J 45 -6.46 -40.85 -19.01
CA SER J 45 -6.47 -40.85 -19.02
C SER J 45 -5.26 -40.78 -19.94
N LEU J 46 -4.92 -41.90 -20.57
CA LEU J 46 -3.74 -41.99 -21.41
CA LEU J 46 -3.73 -41.95 -21.42
C LEU J 46 -4.01 -41.56 -22.87
N LEU J 47 -3.37 -40.48 -23.31
CA LEU J 47 -3.48 -39.99 -24.69
C LEU J 47 -2.55 -40.60 -25.73
N ASP J 48 -1.29 -40.85 -25.36
CA ASP J 48 -0.36 -41.36 -26.37
C ASP J 48 0.98 -41.63 -25.74
N ILE J 49 1.72 -42.55 -26.35
CA ILE J 49 3.05 -42.88 -25.94
C ILE J 49 3.82 -42.38 -27.13
N VAL J 50 4.56 -41.29 -26.94
CA VAL J 50 5.13 -40.60 -28.07
C VAL J 50 6.39 -41.28 -28.59
N LYS J 51 7.28 -41.63 -27.69
CA LYS J 51 8.42 -42.45 -28.07
C LYS J 51 8.99 -43.23 -26.90
N ALA J 52 9.72 -44.28 -27.22
CA ALA J 52 10.39 -45.12 -26.26
C ALA J 52 11.85 -45.14 -26.68
N ASP J 53 12.72 -44.62 -25.85
CA ASP J 53 14.13 -44.56 -26.20
C ASP J 53 14.88 -45.70 -25.49
N SER J 54 15.31 -46.69 -26.25
CA SER J 54 16.00 -47.86 -25.68
C SER J 54 17.48 -47.60 -25.53
N SER J 55 17.95 -46.44 -25.98
CA SER J 55 19.34 -46.08 -25.73
C SER J 55 19.53 -45.52 -24.32
N THR J 56 18.57 -44.72 -23.87
CA THR J 56 18.55 -44.22 -22.50
C THR J 56 17.59 -44.87 -21.48
N ASN J 57 16.73 -45.78 -21.96
CA ASN J 57 15.62 -46.30 -21.16
C ASN J 57 14.65 -45.28 -20.57
N GLU J 58 14.12 -44.43 -21.45
CA GLU J 58 13.13 -43.41 -21.13
C GLU J 58 11.95 -43.54 -22.07
N VAL J 59 10.75 -43.30 -21.55
CA VAL J 59 9.57 -43.25 -22.38
C VAL J 59 8.81 -41.96 -22.17
N ASP J 60 8.25 -41.43 -23.24
CA ASP J 60 7.53 -40.17 -23.21
C ASP J 60 6.04 -40.40 -23.39
N LEU J 61 5.29 -39.88 -22.43
CA LEU J 61 3.89 -40.20 -22.31
C LEU J 61 3.08 -38.92 -22.25
N VAL J 62 2.05 -38.81 -23.07
CA VAL J 62 1.06 -37.74 -22.93
C VAL J 62 -0.20 -38.29 -22.27
N TYR J 63 -0.65 -37.62 -21.22
CA TYR J 63 -1.81 -38.07 -20.46
C TYR J 63 -2.50 -36.88 -19.81
N TRP J 64 -3.74 -37.09 -19.40
CA TRP J 64 -4.43 -36.14 -18.54
C TRP J 64 -4.58 -36.79 -17.19
N GLU J 65 -4.32 -36.00 -16.16
CA GLU J 65 -4.41 -36.46 -14.80
C GLU J 65 -5.53 -35.73 -14.07
N GLN J 66 -6.60 -36.44 -13.70
CA GLN J 66 -7.66 -35.77 -12.96
C GLN J 66 -7.37 -35.76 -11.46
N GLN J 67 -7.26 -34.57 -10.90
CA GLN J 67 -7.09 -34.40 -9.46
C GLN J 67 -8.32 -33.73 -8.90
N SER J 68 -8.80 -34.20 -7.76
CA SER J 68 -9.89 -33.49 -7.09
C SER J 68 -9.78 -33.64 -5.60
N TRP J 69 -10.27 -32.63 -4.89
CA TRP J 69 -10.21 -32.62 -3.44
C TRP J 69 -11.26 -31.63 -2.98
N LYS J 70 -11.44 -31.51 -1.66
CA LYS J 70 -12.45 -30.64 -1.08
C LYS J 70 -11.90 -29.80 0.05
N LEU J 71 -12.12 -28.48 0.02
CA LEU J 71 -11.77 -27.65 1.17
C LEU J 71 -13.01 -26.99 1.75
N ASN J 72 -13.09 -26.94 3.08
CA ASN J 72 -14.20 -26.24 3.70
C ASN J 72 -14.15 -24.74 3.42
N SER J 73 -12.95 -24.18 3.24
CA SER J 73 -12.82 -22.75 2.96
C SER J 73 -13.27 -22.34 1.54
N LEU J 74 -13.53 -23.30 0.67
CA LEU J 74 -14.05 -23.01 -0.67
C LEU J 74 -15.56 -23.14 -0.77
N MET J 75 -16.23 -23.40 0.35
CA MET J 75 -17.67 -23.63 0.34
C MET J 75 -18.48 -22.33 0.29
N TRP J 76 -19.66 -22.36 -0.34
CA TRP J 76 -20.59 -21.25 -0.19
C TRP J 76 -22.04 -21.67 -0.36
N ASP J 77 -22.93 -20.80 0.10
CA ASP J 77 -24.35 -20.95 -0.12
C ASP J 77 -24.75 -20.27 -1.44
N PRO J 78 -25.11 -21.07 -2.46
CA PRO J 78 -25.49 -20.52 -3.76
C PRO J 78 -26.59 -19.45 -3.65
N ASN J 79 -27.43 -19.57 -2.63
CA ASN J 79 -28.52 -18.63 -2.48
C ASN J 79 -28.03 -17.21 -2.21
N GLU J 80 -26.86 -17.08 -1.56
CA GLU J 80 -26.27 -15.77 -1.27
C GLU J 80 -25.50 -15.18 -2.45
N TYR J 81 -25.12 -16.05 -3.37
CA TYR J 81 -24.44 -15.70 -4.62
C TYR J 81 -25.23 -15.87 -5.91
N GLY J 82 -26.52 -15.58 -5.90
CA GLY J 82 -27.26 -15.45 -7.15
C GLY J 82 -27.46 -16.80 -7.78
N ASN J 83 -27.54 -17.82 -6.93
CA ASN J 83 -27.68 -19.21 -7.38
C ASN J 83 -26.51 -19.75 -8.19
N ILE J 84 -25.32 -19.18 -8.04
CA ILE J 84 -24.12 -19.75 -8.67
C ILE J 84 -23.76 -21.05 -7.90
N THR J 85 -23.74 -22.18 -8.59
CA THR J 85 -23.32 -23.42 -7.96
C THR J 85 -21.85 -23.84 -8.19
N ASP J 86 -21.20 -23.22 -9.17
CA ASP J 86 -19.80 -23.52 -9.51
C ASP J 86 -19.14 -22.41 -10.32
N PHE J 87 -17.82 -22.42 -10.43
CA PHE J 87 -17.13 -21.49 -11.31
C PHE J 87 -15.75 -22.03 -11.74
N ARG J 88 -15.21 -21.51 -12.84
CA ARG J 88 -13.86 -21.85 -13.27
C ARG J 88 -12.95 -20.71 -12.85
N THR J 89 -11.72 -21.04 -12.49
CA THR J 89 -10.75 -20.05 -12.05
C THR J 89 -9.33 -20.52 -12.37
N SER J 90 -8.40 -19.57 -12.43
CA SER J 90 -6.98 -19.87 -12.59
C SER J 90 -6.47 -20.75 -11.45
N ALA J 91 -5.66 -21.75 -11.78
CA ALA J 91 -5.09 -22.63 -10.77
C ALA J 91 -4.18 -21.88 -9.78
N ALA J 92 -3.71 -20.68 -10.19
CA ALA J 92 -2.89 -19.83 -9.33
C ALA J 92 -3.68 -19.21 -8.18
N ASP J 93 -4.99 -19.13 -8.33
CA ASP J 93 -5.84 -18.54 -7.29
C ASP J 93 -6.10 -19.45 -6.10
N ILE J 94 -5.75 -20.72 -6.23
CA ILE J 94 -6.10 -21.71 -5.21
C ILE J 94 -4.93 -22.61 -4.84
N TRP J 95 -4.98 -23.19 -3.66
CA TRP J 95 -4.02 -24.20 -3.29
C TRP J 95 -4.21 -25.42 -4.18
N THR J 96 -3.11 -25.96 -4.68
CA THR J 96 -3.16 -27.20 -5.42
C THR J 96 -2.21 -28.19 -4.72
N PRO J 97 -2.51 -29.48 -4.79
CA PRO J 97 -1.58 -30.43 -4.19
C PRO J 97 -0.30 -30.64 -5.03
N ASP J 98 0.71 -31.15 -4.35
CA ASP J 98 2.09 -31.31 -4.79
C ASP J 98 2.40 -32.64 -5.51
N ILE J 99 1.36 -33.30 -5.99
CA ILE J 99 1.46 -34.58 -6.69
C ILE J 99 2.51 -34.62 -7.80
N THR J 100 3.34 -35.64 -7.80
CA THR J 100 4.44 -35.70 -8.77
C THR J 100 4.83 -37.12 -9.14
N ALA J 101 5.35 -37.30 -10.34
CA ALA J 101 5.79 -38.62 -10.77
C ALA J 101 7.15 -38.88 -10.16
N TYR J 102 7.26 -39.95 -9.37
CA TYR J 102 8.49 -40.23 -8.63
C TYR J 102 9.71 -40.60 -9.52
N SER J 103 9.44 -41.20 -10.67
CA SER J 103 10.47 -41.64 -11.63
C SER J 103 10.58 -40.83 -12.93
N SER J 104 10.20 -39.55 -12.91
CA SER J 104 10.44 -38.69 -14.08
C SER J 104 11.93 -38.49 -14.32
N THR J 105 12.34 -38.46 -15.59
CA THR J 105 13.70 -38.05 -15.91
C THR J 105 13.89 -36.62 -16.42
N ARG J 106 12.79 -35.89 -16.63
CA ARG J 106 12.82 -34.50 -17.09
CA ARG J 106 12.82 -34.50 -17.10
C ARG J 106 11.65 -33.77 -16.46
N PRO J 107 11.78 -32.45 -16.28
CA PRO J 107 10.65 -31.71 -15.69
C PRO J 107 9.40 -32.00 -16.49
N VAL J 108 8.26 -32.21 -15.82
CA VAL J 108 7.02 -32.50 -16.54
C VAL J 108 6.59 -31.26 -17.31
N GLN J 109 6.00 -31.44 -18.49
CA GLN J 109 5.55 -30.30 -19.31
C GLN J 109 4.02 -30.21 -19.33
N VAL J 110 3.49 -29.04 -19.00
CA VAL J 110 2.04 -28.86 -18.94
C VAL J 110 1.54 -28.44 -20.31
N LEU J 111 0.60 -29.21 -20.85
CA LEU J 111 0.05 -29.00 -22.18
C LEU J 111 -1.27 -28.23 -22.26
N SER J 112 -1.88 -27.93 -21.11
CA SER J 112 -3.22 -27.35 -21.08
C SER J 112 -3.26 -26.09 -20.22
N PRO J 113 -4.22 -25.18 -20.50
CA PRO J 113 -4.38 -23.97 -19.69
C PRO J 113 -4.55 -24.41 -18.25
N GLN J 114 -3.98 -23.71 -17.27
CA GLN J 114 -4.10 -24.25 -15.93
C GLN J 114 -5.20 -23.52 -15.18
N ASN J 115 -6.33 -24.20 -15.11
CA ASN J 115 -7.57 -23.62 -14.62
C ASN J 115 -8.25 -24.79 -13.96
N ALA J 116 -9.13 -24.49 -13.02
CA ALA J 116 -9.79 -25.50 -12.25
C ALA J 116 -11.24 -25.12 -12.05
N LEU J 117 -12.04 -26.12 -11.72
CA LEU J 117 -13.47 -25.95 -11.47
C LEU J 117 -13.75 -26.10 -9.99
N VAL J 118 -14.41 -25.10 -9.41
CA VAL J 118 -14.78 -25.14 -7.99
C VAL J 118 -16.28 -25.20 -7.84
N ASN J 119 -16.77 -26.00 -6.91
CA ASN J 119 -18.22 -26.08 -6.67
C ASN J 119 -18.63 -25.68 -5.26
N SER J 120 -19.91 -25.37 -5.07
CA SER J 120 -20.41 -24.77 -3.82
C SER J 120 -20.11 -25.61 -2.56
N SER J 121 -19.94 -26.91 -2.73
CA SER J 121 -19.60 -27.76 -1.58
C SER J 121 -18.08 -27.74 -1.30
N GLY J 122 -17.34 -26.96 -2.08
CA GLY J 122 -15.93 -26.73 -1.80
C GLY J 122 -15.03 -27.71 -2.52
N HIS J 123 -15.61 -28.44 -3.47
CA HIS J 123 -14.84 -29.42 -4.22
CA HIS J 123 -14.86 -29.43 -4.24
C HIS J 123 -14.10 -28.73 -5.36
N VAL J 124 -12.87 -29.17 -5.60
CA VAL J 124 -12.06 -28.62 -6.67
C VAL J 124 -11.75 -29.74 -7.64
N GLN J 125 -11.88 -29.45 -8.92
CA GLN J 125 -11.52 -30.41 -9.95
CA GLN J 125 -11.53 -30.41 -9.95
C GLN J 125 -10.50 -29.77 -10.88
N TYR J 126 -9.38 -30.44 -11.05
CA TYR J 126 -8.25 -29.90 -11.78
C TYR J 126 -7.69 -30.96 -12.68
N LEU J 127 -7.50 -30.63 -13.96
CA LEU J 127 -7.26 -31.65 -14.98
C LEU J 127 -6.15 -31.24 -15.95
N PRO J 128 -4.92 -31.16 -15.45
CA PRO J 128 -3.80 -30.79 -16.31
C PRO J 128 -3.46 -31.87 -17.32
N ALA J 129 -3.32 -31.51 -18.59
CA ALA J 129 -2.77 -32.41 -19.59
C ALA J 129 -1.28 -32.24 -19.52
N GLN J 130 -0.54 -33.34 -19.61
CA GLN J 130 0.89 -33.22 -19.56
C GLN J 130 1.69 -34.24 -20.33
N ARG J 131 2.96 -33.92 -20.56
CA ARG J 131 3.88 -34.85 -21.19
C ARG J 131 4.99 -35.14 -20.19
N LEU J 132 5.24 -36.42 -19.97
CA LEU J 132 6.22 -36.88 -19.01
C LEU J 132 7.24 -37.83 -19.64
N SER J 133 8.52 -37.58 -19.37
CA SER J 133 9.55 -38.58 -19.62
C SER J 133 9.89 -39.27 -18.31
N PHE J 134 9.83 -40.60 -18.30
CA PHE J 134 10.09 -41.39 -17.11
C PHE J 134 10.92 -42.65 -17.40
N MET J 135 11.42 -43.27 -16.34
CA MET J 135 12.36 -44.39 -16.49
C MET J 135 11.60 -45.63 -16.87
N CYS J 136 11.86 -46.13 -18.06
CA CYS J 136 11.21 -47.32 -18.55
C CYS J 136 12.16 -48.06 -19.50
N ASP J 137 12.31 -49.36 -19.32
CA ASP J 137 13.07 -50.16 -20.26
C ASP J 137 12.08 -50.74 -21.24
N PRO J 138 12.09 -50.28 -22.50
CA PRO J 138 11.06 -50.81 -23.38
C PRO J 138 11.49 -52.09 -24.10
N THR J 139 12.08 -53.04 -23.37
CA THR J 139 12.52 -54.26 -24.00
C THR J 139 11.27 -55.07 -24.25
N GLY J 140 11.04 -55.45 -25.50
CA GLY J 140 9.86 -56.24 -25.82
C GLY J 140 8.75 -55.52 -26.56
N VAL J 141 8.83 -54.20 -26.73
CA VAL J 141 7.81 -53.53 -27.53
C VAL J 141 7.71 -54.14 -28.93
N ASP J 142 8.80 -54.74 -29.39
CA ASP J 142 8.86 -55.32 -30.73
C ASP J 142 8.40 -56.77 -30.74
N SER J 143 7.86 -57.23 -29.61
CA SER J 143 7.35 -58.60 -29.50
C SER J 143 5.86 -58.60 -29.11
N GLU J 144 5.20 -59.75 -29.27
CA GLU J 144 3.79 -59.89 -28.97
CA GLU J 144 3.78 -59.89 -28.97
C GLU J 144 3.44 -59.61 -27.51
N GLU J 145 4.32 -60.03 -26.61
CA GLU J 145 4.07 -59.87 -25.17
C GLU J 145 4.21 -58.40 -24.77
N GLY J 146 5.01 -57.69 -25.54
CA GLY J 146 5.17 -56.26 -25.34
C GLY J 146 6.05 -55.90 -24.17
N ALA J 147 6.11 -54.61 -23.85
CA ALA J 147 6.90 -54.16 -22.72
C ALA J 147 5.96 -53.68 -21.61
N THR J 148 6.42 -53.78 -20.37
CA THR J 148 5.65 -53.26 -19.26
C THR J 148 6.50 -52.24 -18.50
N CYS J 149 5.88 -51.12 -18.15
CA CYS J 149 6.53 -50.10 -17.32
C CYS J 149 5.57 -49.55 -16.30
N ALA J 150 6.10 -48.90 -15.27
CA ALA J 150 5.29 -48.40 -14.19
C ALA J 150 5.88 -47.09 -13.69
N VAL J 151 5.03 -46.16 -13.33
CA VAL J 151 5.48 -44.97 -12.63
C VAL J 151 4.54 -44.69 -11.46
N LYS J 152 5.11 -44.29 -10.33
CA LYS J 152 4.34 -43.94 -9.16
C LYS J 152 4.10 -42.43 -9.06
N PHE J 153 2.90 -42.05 -8.63
CA PHE J 153 2.53 -40.65 -8.45
C PHE J 153 2.13 -40.41 -7.00
N GLY J 154 2.59 -39.31 -6.42
CA GLY J 154 2.14 -38.97 -5.09
C GLY J 154 2.66 -37.63 -4.63
N SER J 155 2.25 -37.25 -3.43
CA SER J 155 2.75 -36.00 -2.85
C SER J 155 4.25 -36.13 -2.63
N TRP J 156 4.98 -35.09 -2.96
CA TRP J 156 6.41 -35.10 -2.71
C TRP J 156 6.77 -34.83 -1.24
N SER J 157 6.15 -33.81 -0.65
CA SER J 157 6.41 -33.44 0.75
C SER J 157 5.40 -33.82 1.85
N TYR J 158 4.25 -34.38 1.49
CA TYR J 158 3.23 -34.69 2.50
C TYR J 158 3.05 -36.20 2.63
N GLY J 159 3.23 -36.72 3.83
CA GLY J 159 2.97 -38.12 4.07
C GLY J 159 1.48 -38.44 4.20
N GLY J 160 1.19 -39.71 4.41
CA GLY J 160 -0.16 -40.23 4.45
C GLY J 160 -1.05 -39.73 5.56
N TRP J 161 -0.47 -39.12 6.60
CA TRP J 161 -1.30 -38.56 7.67
C TRP J 161 -1.80 -37.16 7.29
N GLU J 162 -1.28 -36.62 6.19
CA GLU J 162 -1.65 -35.28 5.72
C GLU J 162 -2.45 -35.34 4.42
N ILE J 163 -1.85 -35.91 3.40
CA ILE J 163 -2.58 -36.20 2.18
C ILE J 163 -2.81 -37.70 2.03
N ASP J 164 -4.07 -38.08 1.96
CA ASP J 164 -4.46 -39.44 1.62
C ASP J 164 -4.85 -39.44 0.14
N LEU J 165 -4.24 -40.32 -0.65
CA LEU J 165 -4.56 -40.47 -2.06
C LEU J 165 -5.57 -41.58 -2.30
N LYS J 166 -6.45 -41.39 -3.27
CA LYS J 166 -7.39 -42.44 -3.66
C LYS J 166 -7.65 -42.44 -5.17
N THR J 167 -8.16 -43.55 -5.69
CA THR J 167 -8.58 -43.61 -7.07
C THR J 167 -10.05 -43.96 -7.18
N ASP J 168 -10.70 -43.45 -8.23
CA ASP J 168 -12.09 -43.76 -8.52
CA ASP J 168 -12.09 -43.79 -8.49
C ASP J 168 -12.20 -45.22 -8.99
N THR J 169 -11.41 -45.56 -10.01
CA THR J 169 -11.38 -46.91 -10.54
C THR J 169 -9.93 -47.32 -10.54
N ASP J 170 -9.67 -48.60 -10.71
CA ASP J 170 -8.29 -49.03 -10.90
CA ASP J 170 -8.30 -49.08 -10.89
C ASP J 170 -7.98 -49.21 -12.38
N GLN J 171 -8.96 -48.84 -13.20
CA GLN J 171 -8.84 -48.92 -14.65
C GLN J 171 -8.56 -47.54 -15.23
N VAL J 172 -7.42 -47.44 -15.89
CA VAL J 172 -7.03 -46.24 -16.61
C VAL J 172 -7.96 -46.04 -17.80
N ASP J 173 -8.32 -44.80 -18.06
CA ASP J 173 -9.20 -44.49 -19.17
C ASP J 173 -8.38 -44.50 -20.45
N LEU J 174 -8.70 -45.41 -21.35
CA LEU J 174 -8.07 -45.47 -22.67
C LEU J 174 -8.88 -44.88 -23.81
N SER J 175 -10.05 -44.35 -23.50
CA SER J 175 -11.00 -44.02 -24.54
C SER J 175 -10.59 -42.83 -25.42
N SER J 176 -9.70 -41.99 -24.92
CA SER J 176 -9.16 -40.87 -25.70
C SER J 176 -7.79 -41.16 -26.36
N TYR J 177 -7.31 -42.39 -26.21
CA TYR J 177 -5.97 -42.77 -26.71
C TYR J 177 -5.82 -42.64 -28.24
N TYR J 178 -4.76 -41.97 -28.69
CA TYR J 178 -4.58 -41.72 -30.12
C TYR J 178 -4.47 -43.03 -30.91
N ALA J 179 -5.36 -43.21 -31.88
CA ALA J 179 -5.53 -44.52 -32.51
C ALA J 179 -4.37 -44.84 -33.45
N SER J 180 -3.70 -43.79 -33.90
CA SER J 180 -2.57 -43.88 -34.82
C SER J 180 -1.17 -43.85 -34.17
N SER J 181 -1.13 -43.89 -32.85
CA SER J 181 0.12 -43.90 -32.10
C SER J 181 1.04 -45.01 -32.57
N LYS J 182 2.36 -44.79 -32.49
CA LYS J 182 3.33 -45.83 -32.83
C LYS J 182 3.21 -47.04 -31.92
N TYR J 183 2.56 -46.85 -30.77
CA TYR J 183 2.42 -47.93 -29.79
C TYR J 183 0.96 -48.13 -29.44
N GLU J 184 0.57 -49.39 -29.24
CA GLU J 184 -0.77 -49.69 -28.80
C GLU J 184 -0.69 -50.15 -27.36
N ILE J 185 -1.76 -49.89 -26.60
CA ILE J 185 -1.83 -50.23 -25.19
C ILE J 185 -2.45 -51.62 -25.02
N LEU J 186 -1.68 -52.55 -24.43
CA LEU J 186 -2.20 -53.88 -24.10
C LEU J 186 -3.03 -53.83 -22.83
N SER J 187 -2.63 -52.97 -21.91
CA SER J 187 -3.45 -52.68 -20.73
C SER J 187 -2.80 -51.62 -19.87
N ALA J 188 -3.61 -50.98 -19.05
CA ALA J 188 -3.13 -49.95 -18.16
C ALA J 188 -3.95 -49.96 -16.86
N THR J 189 -3.27 -49.91 -15.73
CA THR J 189 -3.96 -49.96 -14.45
C THR J 189 -3.44 -48.85 -13.54
N GLN J 190 -4.28 -48.45 -12.59
CA GLN J 190 -3.92 -47.42 -11.61
C GLN J 190 -4.26 -47.92 -10.22
N THR J 191 -3.27 -48.05 -9.36
CA THR J 191 -3.48 -48.71 -8.09
C THR J 191 -2.88 -47.95 -6.92
N ARG J 192 -3.73 -47.62 -5.96
CA ARG J 192 -3.28 -47.05 -4.70
C ARG J 192 -2.34 -48.02 -3.99
N GLN J 193 -1.26 -47.50 -3.41
CA GLN J 193 -0.36 -48.32 -2.61
C GLN J 193 0.03 -47.58 -1.36
N VAL J 194 0.31 -48.34 -0.31
CA VAL J 194 0.75 -47.77 0.96
C VAL J 194 2.12 -48.33 1.36
N GLN J 195 3.08 -47.45 1.60
CA GLN J 195 4.44 -47.86 1.90
C GLN J 195 4.78 -47.42 3.30
N HIS J 196 5.57 -48.24 3.99
CA HIS J 196 6.14 -47.87 5.29
C HIS J 196 7.65 -48.10 5.26
N TYR J 197 8.38 -47.22 5.93
CA TYR J 197 9.83 -47.36 6.03
C TYR J 197 10.23 -47.54 7.49
N SER J 198 11.20 -48.44 7.73
CA SER J 198 11.63 -48.73 9.10
C SER J 198 12.02 -47.44 9.82
N CYS J 199 12.55 -46.49 9.06
CA CYS J 199 13.01 -45.22 9.62
C CYS J 199 11.88 -44.37 10.20
N CYS J 200 10.68 -44.48 9.64
CA CYS J 200 9.61 -43.54 10.00
C CYS J 200 8.26 -44.21 10.28
N PRO J 201 7.51 -43.66 11.25
CA PRO J 201 6.16 -44.15 11.61
C PRO J 201 5.08 -43.84 10.58
N GLU J 202 5.21 -42.73 9.86
CA GLU J 202 4.15 -42.28 8.96
C GLU J 202 4.09 -43.12 7.70
N PRO J 203 2.89 -43.55 7.30
CA PRO J 203 2.77 -44.27 6.03
C PRO J 203 2.86 -43.31 4.84
N TYR J 204 3.31 -43.82 3.71
CA TYR J 204 3.40 -43.01 2.49
C TYR J 204 2.52 -43.61 1.42
N ILE J 205 1.68 -42.78 0.83
CA ILE J 205 0.71 -43.24 -0.17
C ILE J 205 1.15 -42.84 -1.58
N ASP J 206 0.89 -43.69 -2.56
CA ASP J 206 1.15 -43.38 -3.95
C ASP J 206 0.11 -44.11 -4.78
N VAL J 207 0.00 -43.68 -6.04
CA VAL J 207 -0.80 -44.37 -7.04
C VAL J 207 0.16 -44.88 -8.12
N ASN J 208 0.08 -46.19 -8.36
CA ASN J 208 1.01 -46.85 -9.25
C ASN J 208 0.33 -47.02 -10.59
N LEU J 209 0.94 -46.47 -11.64
CA LEU J 209 0.39 -46.55 -12.99
C LEU J 209 1.20 -47.57 -13.77
N VAL J 210 0.55 -48.66 -14.16
CA VAL J 210 1.23 -49.72 -14.89
C VAL J 210 0.68 -49.83 -16.31
N VAL J 211 1.55 -49.64 -17.27
CA VAL J 211 1.15 -49.69 -18.66
C VAL J 211 1.94 -50.77 -19.38
N LYS J 212 1.22 -51.67 -20.04
CA LYS J 212 1.83 -52.69 -20.87
C LYS J 212 1.53 -52.28 -22.30
N PHE J 213 2.52 -52.30 -23.18
CA PHE J 213 2.35 -51.74 -24.52
C PHE J 213 3.31 -52.35 -25.54
N ARG J 214 3.03 -52.18 -26.82
CA ARG J 214 3.88 -52.68 -27.88
C ARG J 214 3.69 -51.86 -29.16
N GLU J 215 4.64 -52.01 -30.09
CA GLU J 215 4.56 -51.31 -31.37
C GLU J 215 3.33 -51.77 -32.10
N ARG J 216 2.69 -50.88 -32.87
CA ARG J 216 1.55 -51.32 -33.67
CA ARG J 216 1.53 -51.28 -33.67
C ARG J 216 1.93 -51.46 -35.13
C1 NAG K . -18.57 29.18 -14.03
C2 NAG K . -19.48 29.41 -15.25
C3 NAG K . -19.63 30.87 -15.69
C4 NAG K . -19.30 31.95 -14.65
C5 NAG K . -18.37 31.49 -13.54
C6 NAG K . -18.47 32.46 -12.37
C7 NAG K . -19.61 27.80 -17.09
C8 NAG K . -19.15 27.63 -18.51
N2 NAG K . -18.92 28.68 -16.38
O3 NAG K . -20.95 31.06 -16.12
O4 NAG K . -18.67 33.02 -15.33
O5 NAG K . -18.76 30.22 -13.10
O6 NAG K . -17.76 31.95 -11.24
O7 NAG K . -20.55 27.13 -16.63
C1 NAG K . -19.42 34.23 -15.13
C2 NAG K . -18.42 35.36 -15.09
C3 NAG K . -18.71 36.49 -16.09
C4 NAG K . -20.19 36.83 -16.27
C5 NAG K . -21.09 35.63 -15.99
C6 NAG K . -22.26 35.62 -16.97
C7 NAG K . -17.01 35.74 -13.18
C8 NAG K . -16.91 35.85 -11.69
N2 NAG K . -18.21 35.87 -13.73
O3 NAG K . -18.17 36.13 -17.35
O4 NAG K . -20.56 37.91 -15.44
O5 NAG K . -20.36 34.45 -16.17
O6 NAG K . -21.76 35.47 -18.28
O7 NAG K . -16.00 35.55 -13.87
C1 NAG L . -25.99 19.85 -22.24
C2 NAG L . -27.05 19.50 -23.27
C3 NAG L . -27.63 20.71 -24.01
C4 NAG L . -27.93 21.86 -23.05
C5 NAG L . -26.77 22.10 -22.07
C6 NAG L . -27.15 23.11 -20.99
C7 NAG L . -26.86 17.24 -24.17
C8 NAG L . -26.20 16.33 -25.17
N2 NAG L . -26.51 18.53 -24.21
O3 NAG L . -28.80 20.34 -24.71
O4 NAG L . -28.19 23.05 -23.79
O5 NAG L . -26.41 20.91 -21.40
O6 NAG L . -28.10 22.53 -20.12
O7 NAG L . -27.69 16.81 -23.37
C1 NAG L . -29.49 23.60 -23.46
C2 NAG L . -29.82 24.80 -24.35
C3 NAG L . -31.01 25.51 -23.72
C4 NAG L . -32.20 24.54 -23.84
C5 NAG L . -31.86 23.15 -23.28
C6 NAG L . -32.80 22.13 -23.91
C7 NAG L . -27.98 26.37 -23.73
C8 NAG L . -26.73 27.04 -24.23
N2 NAG L . -28.68 25.67 -24.62
O3 NAG L . -31.29 26.73 -24.36
O4 NAG L . -33.35 25.07 -23.21
O5 NAG L . -30.55 22.68 -23.58
O6 NAG L . -32.63 22.21 -25.31
O7 NAG L . -28.32 26.49 -22.55
C1 BMA L . -34.48 25.08 -24.13
C2 BMA L . -35.75 24.57 -23.43
C3 BMA L . -36.97 24.62 -24.35
C4 BMA L . -37.08 25.97 -25.05
C5 BMA L . -35.75 26.37 -25.69
C6 BMA L . -35.87 27.79 -26.22
O2 BMA L . -36.05 25.37 -22.27
O3 BMA L . -38.15 24.44 -23.56
O4 BMA L . -38.12 25.94 -26.05
O5 BMA L . -34.71 26.36 -24.72
O6 BMA L . -34.70 28.11 -26.99
C1 MAN L . -35.03 27.94 -28.37
C2 MAN L . -33.79 27.61 -29.20
C3 MAN L . -32.74 28.72 -29.08
C4 MAN L . -33.39 30.09 -29.30
C5 MAN L . -34.70 30.22 -28.52
C6 MAN L . -35.41 31.53 -28.86
O2 MAN L . -34.17 27.44 -30.54
O3 MAN L . -31.73 28.51 -30.05
O4 MAN L . -32.51 31.13 -28.92
O5 MAN L . -35.57 29.16 -28.85
O6 MAN L . -35.52 31.61 -30.26
C1 MAN L . -30.51 27.99 -29.50
C2 MAN L . -29.38 28.13 -30.53
C3 MAN L . -29.68 27.24 -31.73
C4 MAN L . -29.85 25.80 -31.25
C5 MAN L . -30.88 25.71 -30.13
C6 MAN L . -30.97 24.30 -29.55
O2 MAN L . -28.14 27.79 -29.96
O3 MAN L . -28.68 27.33 -32.73
O4 MAN L . -30.23 24.99 -32.33
O5 MAN L . -30.58 26.64 -29.09
O6 MAN L . -30.31 24.23 -28.30
C1 MAN L . -36.12 32.87 -30.62
C2 MAN L . -36.23 32.95 -32.14
C3 MAN L . -34.85 33.16 -32.78
C4 MAN L . -34.18 34.37 -32.14
C5 MAN L . -34.13 34.22 -30.62
C6 MAN L . -33.56 35.49 -29.97
O2 MAN L . -37.13 33.98 -32.51
O3 MAN L . -34.95 33.33 -34.18
O4 MAN L . -32.87 34.52 -32.66
O5 MAN L . -35.43 34.00 -30.10
O6 MAN L . -33.45 35.30 -28.58
C1 MAN L . -38.87 23.26 -23.96
C2 MAN L . -40.34 23.43 -23.55
C3 MAN L . -40.44 23.58 -22.03
C4 MAN L . -39.61 22.54 -21.29
C5 MAN L . -38.24 22.29 -21.93
C6 MAN L . -37.56 21.07 -21.33
O2 MAN L . -41.13 22.34 -24.00
O3 MAN L . -41.79 23.42 -21.65
O4 MAN L . -39.44 22.97 -19.96
O5 MAN L . -38.38 22.10 -23.33
O6 MAN L . -36.35 20.81 -21.99
C1 NAG M . -14.02 -11.83 32.25
C2 NAG M . -13.59 -12.71 33.43
C3 NAG M . -14.77 -13.42 34.05
C4 NAG M . -15.76 -12.37 34.56
C5 NAG M . -16.08 -11.34 33.48
C6 NAG M . -16.74 -10.13 34.13
C7 NAG M . -11.38 -13.61 33.66
C8 NAG M . -11.37 -12.93 35.00
N2 NAG M . -12.56 -13.66 33.05
O3 NAG M . -14.32 -14.27 35.08
O4 NAG M . -16.94 -12.98 35.03
O5 NAG M . -14.97 -10.87 32.72
O6 NAG M . -16.74 -9.06 33.21
O7 NAG M . -10.34 -14.05 33.17
C1 NAG M . -16.89 -13.09 36.47
C2 NAG M . -18.19 -12.69 37.15
C3 NAG M . -18.00 -12.59 38.66
C4 NAG M . -16.92 -13.51 39.24
C5 NAG M . -15.95 -14.16 38.25
C6 NAG M . -15.40 -15.49 38.78
C7 NAG M . -19.95 -11.05 36.73
C8 NAG M . -20.34 -9.82 35.96
N2 NAG M . -18.68 -11.42 36.62
O3 NAG M . -19.22 -12.86 39.31
O4 NAG M . -16.15 -12.74 40.14
O5 NAG M . -16.53 -14.36 36.97
O6 NAG M . -14.35 -15.26 39.69
O7 NAG M . -20.77 -11.63 37.43
C1 NAG N . 18.64 7.38 30.86
C2 NAG N . 20.01 7.05 31.44
C3 NAG N . 19.86 6.33 32.76
C4 NAG N . 19.04 7.18 33.74
C5 NAG N . 17.76 7.72 33.10
C6 NAG N . 17.23 8.89 33.91
C7 NAG N . 21.97 6.54 30.10
C8 NAG N . 22.69 5.48 29.32
N2 NAG N . 20.76 6.19 30.56
O3 NAG N . 21.14 6.00 33.26
O4 NAG N . 18.66 6.39 34.85
O5 NAG N . 17.92 8.20 31.76
O6 NAG N . 16.43 9.70 33.08
O7 NAG N . 22.45 7.66 30.29
C1 NAG N . 19.74 6.12 35.76
C2 NAG N . 19.22 6.19 37.18
C3 NAG N . 20.35 5.93 38.18
C4 NAG N . 21.05 4.61 37.82
C5 NAG N . 21.45 4.59 36.34
C6 NAG N . 22.06 3.24 35.96
C7 NAG N . 17.24 7.61 37.24
C8 NAG N . 16.42 6.38 37.01
N2 NAG N . 18.55 7.46 37.43
O3 NAG N . 19.84 5.90 39.50
O4 NAG N . 22.20 4.42 38.59
O5 NAG N . 20.34 4.86 35.52
O6 NAG N . 21.16 2.19 36.25
O7 NAG N . 16.69 8.72 37.26
C1 BMA N . 22.02 3.32 39.49
C2 BMA N . 23.39 2.70 39.78
C3 BMA N . 23.27 1.54 40.77
C4 BMA N . 22.45 1.95 41.98
C5 BMA N . 21.13 2.58 41.55
C6 BMA N . 20.30 3.01 42.76
O2 BMA N . 24.27 3.70 40.30
O3 BMA N . 24.58 1.15 41.19
O4 BMA N . 22.19 0.79 42.79
O5 BMA N . 21.40 3.70 40.71
O6 BMA N . 21.04 3.95 43.55
C1 MAN N . 20.54 5.26 43.25
C2 MAN N . 21.42 6.32 43.90
C3 MAN N . 21.65 5.92 45.35
C4 MAN N . 20.36 5.42 46.04
C5 MAN N . 19.20 4.99 45.11
C6 MAN N . 17.85 5.38 45.70
O2 MAN N . 20.76 7.56 43.87
O3 MAN N . 22.17 7.04 46.05
O4 MAN N . 20.69 4.31 46.85
O5 MAN N . 19.28 5.51 43.79
O6 MAN N . 17.00 5.89 44.70
C1 MAN N . 23.62 7.03 46.18
C2 MAN N . 24.04 8.30 46.92
C3 MAN N . 23.84 9.50 46.00
C4 MAN N . 24.67 9.31 44.74
C5 MAN N . 24.39 7.96 44.07
C6 MAN N . 25.48 7.72 43.00
O2 MAN N . 25.39 8.23 47.33
O3 MAN N . 24.27 10.67 46.70
O4 MAN N . 24.41 10.37 43.84
O5 MAN N . 24.39 6.88 44.99
O6 MAN N . 25.18 6.64 42.12
C1 MAN N . 25.69 0.39 40.82
C2 MAN N . 27.03 0.27 41.54
C3 MAN N . 28.00 1.37 41.11
C4 MAN N . 28.10 1.45 39.59
C5 MAN N . 26.69 1.51 38.97
C6 MAN N . 26.73 1.49 37.46
O2 MAN N . 27.61 -1.00 41.32
O3 MAN N . 29.28 1.13 41.65
O4 MAN N . 28.86 2.59 39.21
O5 MAN N . 25.91 0.41 39.41
O6 MAN N . 25.43 1.65 36.94
C1 NAG O . 19.61 11.96 -29.62
C2 NAG O . 20.54 13.13 -29.98
C3 NAG O . 20.36 13.65 -31.41
C4 NAG O . 20.19 12.54 -32.45
C5 NAG O . 19.29 11.43 -31.94
C6 NAG O . 19.34 10.20 -32.85
C7 NAG O . 21.21 14.44 -28.05
C8 NAG O . 20.93 15.60 -27.13
N2 NAG O . 20.35 14.24 -29.05
O3 NAG O . 21.48 14.44 -31.75
O4 NAG O . 19.65 13.11 -33.63
O5 NAG O . 19.68 11.00 -30.65
O6 NAG O . 20.60 10.16 -33.49
O7 NAG O . 22.18 13.72 -27.86
C1 NAG O . 20.47 12.87 -34.80
C2 NAG O . 19.64 13.02 -36.07
C3 NAG O . 20.44 12.49 -37.26
C4 NAG O . 21.77 13.22 -37.33
C5 NAG O . 22.47 13.35 -35.97
C6 NAG O . 23.54 14.44 -36.04
C7 NAG O . 18.04 11.12 -36.10
C8 NAG O . 16.57 10.76 -36.09
N2 NAG O . 18.31 12.42 -35.94
O3 NAG O . 19.75 12.70 -38.48
O4 NAG O . 22.62 12.53 -38.24
O5 NAG O . 21.58 13.72 -34.92
O6 NAG O . 22.91 15.70 -35.99
O7 NAG O . 18.89 10.24 -36.22
C1 NAG P . 27.04 20.34 -20.64
C2 NAG P . 28.10 21.43 -20.40
C3 NAG P . 28.71 21.97 -21.69
C4 NAG P . 28.96 20.89 -22.73
C5 NAG P . 27.75 19.96 -22.87
C6 NAG P . 28.03 18.81 -23.84
C7 NAG P . 27.68 22.64 -18.34
C8 NAG P . 26.88 23.73 -17.65
N2 NAG P . 27.51 22.51 -19.65
O3 NAG P . 29.93 22.62 -21.40
O4 NAG P . 29.25 21.50 -23.97
O5 NAG P . 27.42 19.41 -21.63
O6 NAG P . 28.99 17.94 -23.27
O7 NAG P . 28.44 21.91 -17.69
C1 NAG P . 30.62 21.24 -24.36
C2 NAG P . 30.85 21.67 -25.81
C3 NAG P . 32.26 21.25 -26.26
C4 NAG P . 33.32 21.61 -25.22
C5 NAG P . 32.86 21.37 -23.79
C6 NAG P . 33.83 21.98 -22.77
C7 NAG P . 29.63 19.84 -26.93
C8 NAG P . 28.31 19.48 -27.55
N2 NAG P . 29.84 21.14 -26.71
O3 NAG P . 32.56 21.87 -27.50
O4 NAG P . 34.47 20.84 -25.47
O5 NAG P . 31.57 21.88 -23.55
O6 NAG P . 34.23 20.99 -21.87
O7 NAG P . 30.46 18.95 -26.67
C1 BMA P . 35.61 21.71 -25.63
C2 BMA P . 36.90 21.01 -25.19
C3 BMA P . 38.11 21.94 -25.36
C4 BMA P . 38.11 22.60 -26.73
C5 BMA P . 36.75 23.25 -26.97
C6 BMA P . 36.67 23.99 -28.30
O2 BMA P . 37.11 19.81 -25.95
O3 BMA P . 39.32 21.15 -25.19
O4 BMA P . 39.17 23.58 -26.81
O5 BMA P . 35.75 22.23 -26.95
O6 BMA P . 37.05 25.36 -28.12
C1 MAN P . 36.50 26.09 -29.24
C2 MAN P . 35.25 26.84 -28.81
C3 MAN P . 34.14 26.75 -29.86
C4 MAN P . 34.69 26.78 -31.29
C5 MAN P . 35.89 25.85 -31.48
C6 MAN P . 37.15 26.62 -31.85
O2 MAN P . 35.58 28.20 -28.60
O3 MAN P . 33.27 27.86 -29.65
O4 MAN P . 33.68 26.39 -32.20
O5 MAN P . 36.17 25.19 -30.27
O6 MAN P . 36.77 27.79 -32.55
C1 MAN P . 31.90 27.45 -29.46
C2 MAN P . 31.00 28.68 -29.64
C3 MAN P . 30.27 29.13 -28.36
C4 MAN P . 31.10 28.91 -27.08
C5 MAN P . 31.92 27.63 -27.10
C6 MAN P . 31.68 26.77 -25.85
O2 MAN P . 30.05 28.43 -30.66
O3 MAN P . 29.03 28.46 -28.24
O4 MAN P . 31.90 30.05 -26.84
O5 MAN P . 31.63 26.83 -28.23
O6 MAN P . 32.03 27.48 -24.69
C1 MAN P . 37.50 27.90 -33.78
C2 MAN P . 37.49 29.37 -34.16
C3 MAN P . 36.04 29.81 -34.37
C4 MAN P . 35.36 28.88 -35.36
C5 MAN P . 35.54 27.41 -34.94
C6 MAN P . 34.87 26.41 -35.88
O2 MAN P . 38.26 29.60 -35.32
O3 MAN P . 36.00 31.15 -34.81
O4 MAN P . 33.98 29.20 -35.44
O5 MAN P . 36.92 27.13 -34.82
O6 MAN P . 35.40 26.55 -37.18
C1 MAN P . 40.04 21.60 -24.03
C2 MAN P . 41.47 21.05 -24.08
C3 MAN P . 41.44 19.52 -24.05
C4 MAN P . 40.56 19.01 -22.90
C5 MAN P . 39.26 19.79 -22.74
C6 MAN P . 38.60 19.43 -21.40
O2 MAN P . 42.23 21.53 -23.00
O3 MAN P . 42.76 19.05 -23.89
O4 MAN P . 40.27 17.64 -23.12
O5 MAN P . 39.46 21.19 -22.80
O6 MAN P . 37.35 20.08 -21.27
C1 NAG Q . -19.02 -30.92 -5.94
C2 NAG Q . -20.39 -31.49 -5.55
C3 NAG Q . -20.24 -32.74 -4.72
C4 NAG Q . -19.45 -33.79 -5.50
C5 NAG Q . -18.18 -33.21 -6.14
C6 NAG Q . -17.72 -34.14 -7.25
C7 NAG Q . -22.32 -30.04 -5.24
C8 NAG Q . -22.89 -30.68 -6.47
N2 NAG Q . -21.16 -30.53 -4.79
O3 NAG Q . -21.52 -33.22 -4.37
O4 NAG Q . -19.06 -34.85 -4.63
O5 NAG Q . -18.33 -31.90 -6.70
O6 NAG Q . -16.61 -33.55 -7.90
O7 NAG Q . -22.90 -29.11 -4.68
C1 NAG Q . -20.14 -35.78 -4.43
C2 NAG Q . -19.67 -37.21 -4.62
C3 NAG Q . -20.83 -38.18 -4.41
C4 NAG Q . -21.55 -37.86 -3.10
C5 NAG Q . -21.94 -36.38 -3.03
C6 NAG Q . -22.63 -35.98 -1.73
C7 NAG Q . -17.74 -37.43 -6.08
C8 NAG Q . -17.22 -37.91 -7.40
N2 NAG Q . -19.07 -37.41 -5.92
O3 NAG Q . -20.36 -39.52 -4.43
O4 NAG Q . -22.66 -38.71 -2.93
O5 NAG Q . -20.77 -35.61 -3.18
O6 NAG Q . -21.67 -35.89 -0.71
O7 NAG Q . -16.96 -37.08 -5.19
C1 BMA Q . -22.56 -39.36 -1.65
C2 BMA Q . -23.97 -39.64 -1.11
C3 BMA Q . -23.92 -40.41 0.20
C4 BMA Q . -23.02 -41.62 0.06
C5 BMA Q . -21.65 -41.18 -0.44
C6 BMA Q . -20.67 -42.34 -0.51
O2 BMA Q . -24.71 -40.39 -2.08
O3 BMA Q . -25.24 -40.85 0.62
O4 BMA Q . -22.87 -42.26 1.33
O5 BMA Q . -21.81 -40.58 -1.72
O6 BMA Q . -21.31 -43.48 -1.07
C1 MAN Q . -20.93 -43.59 -2.46
C2 MAN Q . -22.17 -43.91 -3.31
C3 MAN Q . -21.87 -45.07 -4.26
C4 MAN Q . -20.58 -44.77 -5.00
C5 MAN Q . -19.42 -44.72 -4.01
C6 MAN Q . -18.28 -43.76 -4.43
O2 MAN Q . -22.53 -42.75 -4.03
O3 MAN Q . -22.89 -45.24 -5.23
O4 MAN Q . -20.37 -45.77 -5.97
O5 MAN Q . -19.86 -44.50 -2.68
O6 MAN Q . -18.72 -42.42 -4.53
C1 MAN Q . -24.15 -45.74 -4.72
C2 MAN Q . -24.65 -46.79 -5.70
C3 MAN Q . -24.56 -46.20 -7.09
C4 MAN Q . -25.35 -44.88 -7.14
C5 MAN Q . -25.11 -43.98 -5.92
C6 MAN Q . -26.15 -42.88 -5.81
O2 MAN Q . -25.99 -47.14 -5.42
O3 MAN Q . -25.08 -47.11 -8.03
O4 MAN Q . -25.00 -44.19 -8.33
O5 MAN Q . -25.12 -44.72 -4.71
O6 MAN Q . -26.04 -42.18 -4.58
C1 MAN Q . -26.27 -39.80 0.14
C2 MAN Q . -26.50 -38.38 0.63
C3 MAN Q . -26.89 -38.46 2.10
C4 MAN Q . -28.13 -39.33 2.20
C5 MAN Q . -27.81 -40.69 1.60
C6 MAN Q . -28.98 -41.66 1.72
O2 MAN Q . -27.54 -37.78 -0.10
O3 MAN Q . -27.18 -37.17 2.59
O4 MAN Q . -28.51 -39.49 3.55
O5 MAN Q . -27.50 -40.48 0.24
O6 MAN Q . -30.03 -41.23 0.89
C1 NAG R . 15.93 33.85 2.03
C2 NAG R . 16.48 34.83 0.97
C3 NAG R . 17.63 35.72 1.46
C4 NAG R . 17.34 36.33 2.82
C5 NAG R . 16.80 35.28 3.79
C6 NAG R . 16.31 36.01 5.04
C7 NAG R . 18.08 33.85 -0.73
C8 NAG R . 19.27 33.71 0.19
N2 NAG R . 16.85 34.09 -0.24
O3 NAG R . 17.86 36.73 0.51
O4 NAG R . 18.54 36.83 3.36
O5 NAG R . 15.73 34.52 3.26
O6 NAG R . 15.64 35.04 5.82
O7 NAG R . 18.27 33.70 -1.94
O8 MLK S . 11.36 28.51 35.29
C8 MLK S . 10.55 29.33 34.91
C9 MLK S . 9.25 29.71 35.60
C10 MLK S . 8.54 30.60 34.58
C12 MLK S . 7.26 29.92 34.08
C11 MLK S . 9.57 30.76 33.47
O11 MLK S . 9.43 31.41 32.46
N7 MLK S . 10.68 30.06 33.78
C6 MLK S . 11.85 30.10 33.01
C5 MLK S . 12.73 31.17 33.15
C4 MLK S . 13.89 31.24 32.39
C3 MLK S . 14.20 30.26 31.48
C2 MLK S . 13.35 29.18 31.33
C1 MLK S . 12.17 29.08 32.08
C13 MLK S . 11.28 27.91 31.88
O13 MLK S . 10.18 27.85 32.39
O14 MLK S . 11.74 26.88 31.14
C15 MLK S . 11.08 25.58 31.24
C16 MLK S . 12.01 24.53 30.64
C21 MLK S . 12.63 25.09 29.36
C20 MLK S . 14.14 24.78 29.26
C19 MLK S . 14.45 23.35 29.68
O19 MLK S . 13.95 22.46 28.67
C22 MLK S . 14.89 22.43 27.59
C18 MLK S . 13.95 23.01 31.08
C17 MLK S . 13.12 24.16 31.67
C26 MLK S . 12.91 21.85 31.16
N23 MLK S . 11.89 22.10 30.14
C24 MLK S . 11.01 20.94 29.94
C25 MLK S . 11.81 19.76 29.39
C23 MLK S . 11.13 23.33 30.28
C30 MLK S . 15.16 22.63 31.94
C33 MLK S . 15.91 21.39 31.40
C34 MLK S . 16.20 20.49 32.62
C35 MLK S . 15.04 19.46 32.68
O35 MLK S . 15.44 18.25 33.30
C37 MLK S . 15.93 17.42 32.24
C36 MLK S . 13.73 19.99 33.24
C31 MLK S . 14.86 22.31 33.42
C38 MLK S . 16.09 21.44 33.84
O38 MLK S . 15.96 20.72 35.07
C39 MLK S . 16.31 21.55 36.17
C32 MLK S . 13.59 21.47 33.57
O32 MLK S . 13.14 21.58 34.94
C27 MLK S . 12.45 22.00 32.64
O27 MLK S . 11.19 21.34 32.93
C28 MLK S . 12.29 23.54 32.82
O28 MLK S . 12.72 23.99 34.10
C29 MLK S . 12.17 25.29 34.33
C1 MRD T . -1.75 25.85 1.29
C2 MRD T . -0.80 26.59 0.35
O2 MRD T . -1.54 27.50 -0.51
CM MRD T . 0.17 27.43 1.19
C3 MRD T . -0.05 25.60 -0.54
C4 MRD T . -0.73 24.23 -0.55
O4 MRD T . -0.02 23.36 0.31
C5 MRD T . -0.82 23.63 -1.96
O8 MLK U . -0.66 45.54 9.44
C8 MLK U . -1.81 45.50 9.81
C9 MLK U . -2.30 45.72 11.23
C10 MLK U . -3.82 45.48 11.14
C12 MLK U . -4.25 44.35 12.06
C11 MLK U . -4.03 45.11 9.68
O11 MLK U . -5.08 44.73 9.21
N7 MLK U . -2.87 45.26 9.01
C6 MLK U . -2.76 45.18 7.60
C5 MLK U . -3.09 46.27 6.81
C4 MLK U . -3.00 46.21 5.43
C3 MLK U . -2.56 45.06 4.79
C2 MLK U . -2.22 43.97 5.55
C1 MLK U . -2.31 44.01 6.95
C13 MLK U . -1.94 42.81 7.71
O13 MLK U . -2.11 42.74 8.92
O14 MLK U . -1.39 41.78 7.04
C15 MLK U . -0.62 40.80 7.76
C16 MLK U . 0.35 40.21 6.74
C21 MLK U . -0.45 39.89 5.47
C20 MLK U . 0.29 40.38 4.23
C19 MLK U . 1.77 40.03 4.27
O19 MLK U . 1.91 38.60 4.19
C22 MLK U . 1.45 38.18 2.90
C18 MLK U . 2.49 40.59 5.48
C17 MLK U . 1.48 41.25 6.45
C26 MLK U . 3.10 39.51 6.44
N23 MLK U . 2.10 38.46 6.69
C24 MLK U . 2.67 37.32 7.40
C25 MLK U . 3.54 36.48 6.46
C23 MLK U . 0.87 38.90 7.33
C30 MLK U . 3.59 41.54 5.00
C33 MLK U . 4.59 40.88 4.04
C34 MLK U . 6.01 41.23 4.57
C35 MLK U . 6.38 40.07 5.53
O35 MLK U . 7.80 39.86 5.59
C37 MLK U . 8.10 38.82 4.64
C36 MLK U . 5.78 40.15 6.93
C31 MLK U . 4.45 42.18 6.12
C38 MLK U . 5.80 42.52 5.40
O38 MLK U . 6.89 42.79 6.29
C39 MLK U . 6.96 44.21 6.48
C32 MLK U . 4.73 41.21 7.26
O32 MLK U . 5.15 41.96 8.42
C27 MLK U . 3.44 40.42 7.65
O27 MLK U . 3.64 39.74 8.91
C28 MLK U . 2.23 41.36 7.80
O28 MLK U . 2.61 42.71 8.11
C29 MLK U . 1.47 43.45 8.55
C1 NAG V . -37.57 1.20 5.01
C2 NAG V . -38.73 0.22 4.76
C3 NAG V . -39.89 0.88 4.02
C4 NAG V . -40.28 2.18 4.68
C5 NAG V . -39.05 3.08 4.74
C6 NAG V . -39.42 4.42 5.36
C7 NAG V . -38.02 -2.12 4.60
C8 NAG V . -37.89 -3.30 3.67
N2 NAG V . -38.27 -0.94 4.02
O3 NAG V . -40.99 0.01 3.97
O4 NAG V . -41.36 2.80 3.99
O5 NAG V . -38.02 2.45 5.49
O6 NAG V . -40.13 4.16 6.56
O7 NAG V . -37.90 -2.26 5.83
C1 MRD W . -20.96 17.96 -1.13
C2 MRD W . -21.33 16.50 -0.90
O2 MRD W . -22.76 16.35 -1.13
CM MRD W . -20.61 15.62 -1.91
C3 MRD W . -20.98 16.06 0.52
C4 MRD W . -19.50 16.31 0.83
O4 MRD W . -18.71 15.30 0.24
C5 MRD W . -19.23 16.36 2.33
O8 MLK X . -31.56 34.96 3.54
C8 MLK X . -31.63 34.54 4.67
C9 MLK X . -30.97 35.16 5.89
C10 MLK X . -31.55 34.35 7.06
C12 MLK X . -30.41 33.83 7.97
C11 MLK X . -32.31 33.23 6.37
O11 MLK X . -32.86 32.31 6.93
N7 MLK X . -32.30 33.44 5.05
C6 MLK X . -32.94 32.58 4.12
C5 MLK X . -34.31 32.70 3.92
C4 MLK X . -34.98 31.88 3.02
C3 MLK X . -34.28 30.91 2.30
C2 MLK X . -32.93 30.77 2.47
C1 MLK X . -32.24 31.61 3.38
C13 MLK X . -30.79 31.41 3.53
O13 MLK X . -30.18 31.83 4.49
O14 MLK X . -30.16 30.75 2.53
C15 MLK X . -28.72 30.71 2.43
C16 MLK X . -28.37 30.01 1.10
C21 MLK X . -29.16 28.69 0.99
C20 MLK X . -29.69 28.43 -0.44
C19 MLK X . -28.72 28.88 -1.53
O19 MLK X . -27.61 27.95 -1.64
C22 MLK X . -28.13 26.65 -1.92
C18 MLK X . -28.21 30.29 -1.37
C17 MLK X . -28.72 30.96 -0.08
C26 MLK X . -26.67 30.42 -1.16
N23 MLK X . -26.28 29.48 -0.11
C24 MLK X . -24.83 29.39 0.02
C25 MLK X . -24.19 28.66 -1.17
C23 MLK X . -26.88 29.67 1.18
C30 MLK X . -28.62 31.08 -2.62
C33 MLK X . -28.06 30.49 -3.92
C34 MLK X . -27.47 31.68 -4.74
C35 MLK X . -25.97 31.71 -4.39
O35 MLK X . -25.17 32.32 -5.42
C37 MLK X . -24.47 31.25 -6.06
C36 MLK X . -25.65 32.27 -3.02
C31 MLK X . -28.18 32.56 -2.62
C38 MLK X . -28.17 32.93 -4.14
O38 MLK X . -27.49 34.16 -4.40
C39 MLK X . -28.46 35.22 -4.35
C32 MLK X . -26.75 32.74 -2.09
O32 MLK X . -26.51 34.15 -1.76
C27 MLK X . -26.58 31.93 -0.78
O27 MLK X . -25.36 32.30 -0.10
C28 MLK X . -27.80 32.19 0.14
O28 MLK X . -28.45 33.44 -0.09
C29 MLK X . -29.42 33.75 0.92
C1 MPD Y . -21.63 2.48 15.88
C2 MPD Y . -22.38 1.32 15.20
O2 MPD Y . -22.79 0.33 16.19
CM MPD Y . -23.66 1.85 14.56
C3 MPD Y . -21.48 0.68 14.14
C4 MPD Y . -20.13 1.39 14.02
O4 MPD Y . -19.08 0.57 14.49
C5 MPD Y . -19.85 1.82 12.57
C1 MRD Z . -39.00 12.94 38.49
C2 MRD Z . -38.18 14.08 37.89
O2 MRD Z . -38.94 15.32 38.05
CM MRD Z . -36.90 14.22 38.70
C3 MRD Z . -37.89 13.74 36.42
C4 MRD Z . -37.52 14.91 35.48
O4 MRD Z . -37.67 14.53 34.12
C5 MRD Z . -36.08 15.35 35.68
O8 MLK AA . -38.73 10.67 25.36
C8 MLK AA . -37.91 11.14 26.13
C9 MLK AA . -37.66 12.62 26.32
C10 MLK AA . -36.68 12.67 27.50
C12 MLK AA . -35.46 13.54 27.17
C11 MLK AA . -36.28 11.22 27.68
O11 MLK AA . -35.37 10.85 28.40
N7 MLK AA . -37.10 10.44 26.94
C6 MLK AA . -37.10 9.03 27.01
C5 MLK AA . -37.79 8.41 28.07
C4 MLK AA . -37.82 7.03 28.17
C3 MLK AA . -37.18 6.23 27.22
C2 MLK AA . -36.52 6.82 26.18
C1 MLK AA . -36.47 8.21 26.05
C13 MLK AA . -35.73 8.79 24.91
O13 MLK AA . -35.42 9.97 24.91
O14 MLK AA . -35.38 7.99 23.88
C15 MLK AA . -34.74 8.57 22.71
C16 MLK AA . -34.70 7.51 21.61
C21 MLK AA . -34.02 6.27 22.20
C20 MLK AA . -34.76 4.97 21.86
C19 MLK AA . -35.22 4.95 20.41
O19 MLK AA . -34.08 4.80 19.53
C22 MLK AA . -33.53 3.49 19.74
C18 MLK AA . -36.05 6.15 20.01
C17 MLK AA . -36.15 7.21 21.13
C26 MLK AA . -35.43 7.02 18.88
N23 MLK AA . -34.04 7.34 19.22
C24 MLK AA . -33.36 8.03 18.11
C25 MLK AA . -33.31 7.13 16.88
C23 MLK AA . -33.83 8.05 20.46
C30 MLK AA . -37.42 5.62 19.59
C33 MLK AA . -37.37 4.57 18.46
C34 MLK AA . -38.45 5.02 17.44
C35 MLK AA . -37.74 5.91 16.39
O35 MLK AA . -38.45 5.93 15.14
C37 MLK AA . -37.70 5.10 14.24
C36 MLK AA . -37.38 7.31 16.85
C31 MLK AA . -38.41 6.71 19.12
C38 MLK AA . -39.43 5.91 18.25
O38 MLK AA . -40.24 6.74 17.42
C39 MLK AA . -41.54 6.77 17.99
C32 MLK AA . -37.73 7.77 18.26
O32 MLK AA . -38.58 8.95 18.16
C27 MLK AA . -36.40 8.24 18.92
O27 MLK AA . -35.90 9.42 18.27
C28 MLK AA . -36.63 8.50 20.43
O28 MLK AA . -38.00 8.83 20.74
C29 MLK AA . -38.09 9.38 22.06
C1 MRD BA . -3.04 3.11 25.33
C2 MRD BA . -2.92 1.66 25.77
O2 MRD BA . -1.97 1.55 26.88
CM MRD BA . -4.27 1.18 26.30
C3 MRD BA . -2.51 0.75 24.60
C4 MRD BA . -1.96 1.54 23.40
O4 MRD BA . -3.00 1.78 22.48
C5 MRD BA . -0.82 0.79 22.71
C1 NAG CA . 32.24 7.45 18.56
C2 NAG CA . 32.82 8.01 17.25
C3 NAG CA . 34.21 7.43 16.93
C4 NAG CA . 35.13 7.47 18.14
C5 NAG CA . 34.43 6.93 19.38
C6 NAG CA . 35.32 7.09 20.60
C7 NAG CA . 31.53 8.84 15.37
C8 NAG CA . 30.58 8.55 14.24
N2 NAG CA . 31.90 7.81 16.13
O3 NAG CA . 34.83 8.15 15.89
O4 NAG CA . 36.29 6.73 17.86
O5 NAG CA . 33.19 7.58 19.61
O6 NAG CA . 34.85 6.30 21.67
O7 NAG CA . 31.94 9.99 15.55
O8 MLK DA . -12.30 6.95 44.54
C8 MLK DA . -11.85 8.07 44.38
C9 MLK DA . -12.69 9.33 44.27
C10 MLK DA . -11.67 10.44 43.92
C12 MLK DA . -11.95 11.05 42.55
C11 MLK DA . -10.35 9.69 43.96
O11 MLK DA . -9.25 10.20 43.76
N7 MLK DA . -10.55 8.40 44.26
C6 MLK DA . -9.50 7.48 44.45
C5 MLK DA . -8.92 7.41 45.71
C4 MLK DA . -7.88 6.54 45.97
C3 MLK DA . -7.39 5.72 44.97
C2 MLK DA . -7.95 5.76 43.71
C1 MLK DA . -9.01 6.64 43.42
C13 MLK DA . -9.55 6.63 42.04
O13 MLK DA . -10.38 7.43 41.67
O14 MLK DA . -9.12 5.69 41.15
C15 MLK DA . -9.92 5.44 39.97
C16 MLK DA . -9.61 4.07 39.35
C21 MLK DA . -8.11 3.97 39.11
C20 MLK DA . -7.56 2.56 39.41
C19 MLK DA . -8.51 1.43 39.03
O19 MLK DA . -8.50 1.25 37.60
C22 MLK DA . -7.24 0.69 37.22
C18 MLK DA . -9.92 1.58 39.58
C17 MLK DA . -10.10 2.93 40.30
C26 MLK DA . -11.01 1.72 38.48
N23 MLK DA . -10.54 2.70 37.50
C24 MLK DA . -11.34 2.67 36.28
C25 MLK DA . -10.92 1.48 35.40
C23 MLK DA . -10.34 4.03 38.00
C30 MLK DA . -10.27 0.38 40.46
C33 MLK DA . -10.24 -0.96 39.71
C34 MLK DA . -11.51 -1.76 40.15
C35 MLK DA . -12.54 -1.54 39.01
O35 MLK DA . -13.59 -2.52 39.01
C37 MLK DA . -13.95 -2.73 37.64
C36 MLK DA . -13.08 -0.12 38.97
C31 MLK DA . -11.69 0.44 41.07
C38 MLK DA . -12.02 -1.04 41.43
O38 MLK DA . -13.41 -1.23 41.68
C39 MLK DA . -13.62 -1.23 43.09
C32 MLK DA . -12.74 0.89 40.06
O32 MLK DA . -13.95 1.22 40.80
C27 MLK DA . -12.24 2.16 39.33
O27 MLK DA . -13.29 2.79 38.57
C28 MLK DA . -11.65 3.16 40.35
O28 MLK DA . -12.16 3.02 41.68
C29 MLK DA . -11.92 4.24 42.39
C1 NAG EA . -15.25 -4.04 -33.92
C2 NAG EA . -15.98 -3.12 -34.90
C3 NAG EA . -17.15 -3.80 -35.60
C4 NAG EA . -16.70 -5.10 -36.25
C5 NAG EA . -15.95 -5.96 -35.22
C6 NAG EA . -15.41 -7.24 -35.87
C7 NAG EA . -16.32 -0.74 -34.68
C8 NAG EA . -17.27 0.30 -34.17
N2 NAG EA . -16.48 -1.97 -34.19
O3 NAG EA . -17.72 -2.94 -36.56
O4 NAG EA . -17.82 -5.78 -36.78
O5 NAG EA . -14.90 -5.25 -34.59
O6 NAG EA . -15.24 -7.07 -37.26
O7 NAG EA . -15.45 -0.49 -35.52
O8 MLK FA . -11.31 -36.97 -26.70
C8 MLK FA . -10.45 -36.52 -27.41
C9 MLK FA . -9.05 -37.10 -27.56
C10 MLK FA . -8.36 -36.13 -28.55
C12 MLK FA . -7.14 -35.46 -27.90
C11 MLK FA . -9.45 -35.13 -28.87
O11 MLK FA . -9.36 -34.18 -29.64
N7 MLK FA . -10.57 -35.42 -28.18
C6 MLK FA . -11.76 -34.67 -28.32
C5 MLK FA . -12.59 -34.88 -29.40
C4 MLK FA . -13.75 -34.15 -29.57
C3 MLK FA . -14.11 -33.15 -28.66
C2 MLK FA . -13.30 -32.92 -27.58
C1 MLK FA . -12.12 -33.66 -27.39
C13 MLK FA . -11.29 -33.36 -26.21
O13 MLK FA . -10.18 -33.86 -26.08
O14 MLK FA . -11.75 -32.54 -25.26
C15 MLK FA . -11.14 -32.58 -23.94
C16 MLK FA . -12.06 -31.89 -22.94
C21 MLK FA . -12.65 -30.63 -23.58
C20 MLK FA . -14.13 -30.44 -23.24
C19 MLK FA . -14.47 -30.80 -21.81
O19 MLK FA . -13.99 -29.76 -20.93
C22 MLK FA . -14.91 -28.66 -20.95
C18 MLK FA . -14.01 -32.18 -21.39
C17 MLK FA . -13.17 -32.88 -22.50
C26 MLK FA . -12.97 -32.19 -20.22
N23 MLK FA . -11.94 -31.21 -20.55
C24 MLK FA . -11.04 -30.95 -19.43
C25 MLK FA . -11.79 -30.37 -18.23
C23 MLK FA . -11.18 -31.49 -21.75
C30 MLK FA . -15.24 -32.99 -20.97
C33 MLK FA . -16.03 -32.39 -19.80
C34 MLK FA . -16.36 -33.56 -18.83
C35 MLK FA . -15.24 -33.54 -17.75
O35 MLK FA . -15.67 -34.17 -16.55
C37 MLK FA . -16.52 -33.22 -15.90
C36 MLK FA . -13.88 -34.04 -18.21
C31 MLK FA . -14.94 -34.45 -20.54
C38 MLK FA . -16.20 -34.83 -19.70
O38 MLK FA . -16.06 -36.02 -18.93
C39 MLK FA . -16.52 -37.14 -19.70
C32 MLK FA . -13.69 -34.55 -19.65
O32 MLK FA . -13.28 -35.93 -19.59
C27 MLK FA . -12.53 -33.69 -20.24
O27 MLK FA . -11.28 -33.94 -19.56
C28 MLK FA . -12.37 -33.98 -21.76
O28 MLK FA . -12.80 -35.28 -22.13
C29 MLK FA . -12.21 -35.61 -23.40
C1 MRD GA . 0.81 -2.91 -27.49
C2 MRD GA . 1.93 -2.01 -26.94
O2 MRD GA . 3.22 -2.40 -27.53
CM MRD GA . 1.69 -0.57 -27.33
C3 MRD GA . 2.01 -2.09 -25.41
C4 MRD GA . 0.76 -1.49 -24.75
O4 MRD GA . 0.92 -0.10 -24.52
C5 MRD GA . 0.43 -2.20 -23.44
O8 MLK HA . 1.50 -12.38 -44.93
C8 MLK HA . 2.65 -12.76 -44.88
C9 MLK HA . 3.11 -14.20 -45.00
C10 MLK HA . 4.59 -14.14 -44.60
C12 MLK HA . 4.84 -14.87 -43.28
C11 MLK HA . 4.85 -12.65 -44.44
O11 MLK HA . 5.91 -12.15 -44.12
N7 MLK HA . 3.72 -11.97 -44.71
C6 MLK HA . 3.68 -10.55 -44.73
C5 MLK HA . 4.08 -9.87 -45.89
C4 MLK HA . 4.04 -8.49 -45.96
C3 MLK HA . 3.60 -7.74 -44.88
C2 MLK HA . 3.20 -8.38 -43.72
C1 MLK HA . 3.23 -9.78 -43.65
C13 MLK HA . 2.79 -10.40 -42.38
O13 MLK HA . 2.94 -11.58 -42.16
O14 MLK HA . 2.18 -9.62 -41.46
C15 MLK HA . 1.40 -10.26 -40.42
C16 MLK HA . 0.45 -9.21 -39.85
C21 MLK HA . 1.25 -7.95 -39.54
C20 MLK HA . 0.54 -6.69 -40.06
C19 MLK HA . -0.95 -6.71 -39.73
O19 MLK HA . -1.14 -6.56 -38.31
C22 MLK HA . -0.71 -5.26 -37.90
C18 MLK HA . -1.66 -7.94 -40.26
C17 MLK HA . -0.68 -8.96 -40.89
C26 MLK HA . -2.29 -8.82 -39.14
N23 MLK HA . -1.29 -9.08 -38.10
C24 MLK HA . -1.89 -9.72 -36.94
C25 MLK HA . -2.86 -8.75 -36.25
C23 MLK HA . -0.07 -9.76 -38.52
C30 MLK HA . -2.74 -7.46 -41.24
C33 MLK HA . -3.72 -6.44 -40.64
C34 MLK HA . -5.14 -6.93 -41.01
C35 MLK HA . -5.61 -7.84 -39.83
O35 MLK HA . -7.04 -7.87 -39.74
C37 MLK HA . -7.40 -7.18 -38.54
C36 MLK HA . -5.01 -9.25 -39.80
C31 MLK HA . -3.61 -8.59 -41.84
C38 MLK HA . -4.92 -7.83 -42.25
O38 MLK HA . -6.04 -8.69 -42.51
C39 MLK HA . -6.03 -8.97 -43.91
C32 MLK HA . -3.95 -9.66 -40.82
O32 MLK HA . -4.39 -10.85 -41.51
C27 MLK HA . -2.69 -10.07 -39.98
O27 MLK HA . -2.94 -11.26 -39.21
C28 MLK HA . -1.47 -10.31 -40.91
O28 MLK HA . -1.86 -10.75 -42.21
C29 MLK HA . -0.72 -11.14 -42.97
C1 NAG IA . 37.58 -6.03 -0.05
C2 NAG IA . 38.69 -5.68 0.95
C3 NAG IA . 39.87 -4.96 0.30
C4 NAG IA . 40.29 -5.62 -1.01
C5 NAG IA . 39.06 -5.76 -1.89
C6 NAG IA . 39.41 -6.35 -3.24
C7 NAG IA . 37.97 -5.27 3.26
C8 NAG IA . 37.78 -4.19 4.29
N2 NAG IA . 38.17 -4.83 2.01
O3 NAG IA . 40.97 -4.96 1.19
O4 NAG IA . 41.29 -4.86 -1.66
O5 NAG IA . 38.13 -6.59 -1.23
O6 NAG IA . 40.04 -7.60 -3.06
O7 NAG IA . 37.92 -6.46 3.57
C1 MRD JA . 21.81 -0.43 -17.78
C2 MRD JA . 21.98 -0.48 -16.25
O2 MRD JA . 23.38 -0.28 -15.93
CM MRD JA . 21.17 0.63 -15.59
C3 MRD JA . 21.54 -1.83 -15.72
C4 MRD JA . 20.02 -1.97 -15.78
O4 MRD JA . 19.47 -1.60 -14.53
C5 MRD JA . 19.60 -3.39 -16.13
O8 MLK KA . 32.19 -6.41 -34.12
C8 MLK KA . 32.27 -7.48 -33.58
C9 MLK KA . 31.61 -8.75 -34.09
C10 MLK KA . 32.20 -9.85 -33.18
C12 MLK KA . 31.10 -10.74 -32.59
C11 MLK KA . 32.94 -9.05 -32.12
O11 MLK KA . 33.45 -9.53 -31.13
N7 MLK KA . 32.92 -7.74 -32.43
C6 MLK KA . 33.56 -6.74 -31.66
C5 MLK KA . 34.93 -6.53 -31.78
C4 MLK KA . 35.58 -5.57 -31.03
C3 MLK KA . 34.87 -4.77 -30.14
C2 MLK KA . 33.51 -4.95 -30.00
C1 MLK KA . 32.84 -5.92 -30.75
C13 MLK KA . 31.38 -6.04 -30.55
O13 MLK KA . 30.76 -7.00 -30.97
O14 MLK KA . 30.78 -5.04 -29.88
C15 MLK KA . 29.34 -4.84 -29.93
C16 MLK KA . 29.00 -3.48 -29.31
C21 MLK KA . 29.77 -3.31 -28.00
C20 MLK KA . 30.34 -1.89 -27.83
C19 MLK KA . 29.40 -0.80 -28.34
O19 MLK KA . 28.29 -0.64 -27.44
C22 MLK KA . 28.78 -0.14 -26.20
C18 MLK KA . 28.91 -1.01 -29.75
C17 MLK KA . 29.38 -2.36 -30.33
C26 MLK KA . 27.36 -1.20 -29.90
N23 MLK KA . 26.89 -2.17 -28.92
C24 MLK KA . 25.44 -2.29 -28.93
C25 MLK KA . 24.76 -1.14 -28.16
C23 MLK KA . 27.50 -3.49 -29.01
C30 MLK KA . 29.37 0.18 -30.60
C33 MLK KA . 28.85 1.53 -30.09
C34 MLK KA . 28.27 2.29 -31.32
C35 MLK KA . 26.75 1.96 -31.33
O35 MLK KA . 25.94 3.00 -31.90
C37 MLK KA . 25.58 3.85 -30.81
C36 MLK KA . 26.41 0.58 -31.87
C31 MLK KA . 28.94 0.13 -32.09
C38 MLK KA . 28.96 1.62 -32.53
O38 MLK KA . 28.29 1.87 -33.77
C39 MLK KA . 29.25 1.78 -34.84
C32 MLK KA . 27.51 -0.40 -32.27
O32 MLK KA . 27.30 -0.80 -33.65
C27 MLK KA . 27.29 -1.66 -31.38
O27 MLK KA . 26.06 -2.31 -31.76
C28 MLK KA . 28.46 -2.65 -31.54
O28 MLK KA . 29.13 -2.56 -32.80
C29 MLK KA . 30.16 -3.57 -32.90
C1 NAG LA . 13.16 -31.75 13.89
C2 NAG LA . 12.70 -32.71 14.98
C3 NAG LA . 13.87 -33.45 15.62
C4 NAG LA . 14.71 -34.13 14.53
C5 NAG LA . 15.14 -33.12 13.47
C6 NAG LA . 15.81 -33.84 12.31
C7 NAG LA . 10.67 -32.16 16.18
C8 NAG LA . 9.96 -31.10 16.97
N2 NAG LA . 11.98 -31.99 16.01
O3 NAG LA . 13.39 -34.37 16.57
O4 NAG LA . 15.85 -34.73 15.10
O5 NAG LA . 14.06 -32.34 12.96
O6 NAG LA . 15.79 -33.00 11.18
O7 NAG LA . 10.05 -33.13 15.72
C1 MPD MA . 23.44 -15.37 -0.63
C2 MPD MA . 22.54 -16.06 0.39
O2 MPD MA . 22.94 -17.44 0.51
CM MPD MA . 22.72 -15.43 1.77
C3 MPD MA . 21.06 -16.03 -0.01
C4 MPD MA . 20.50 -14.69 -0.46
O4 MPD MA . 19.17 -14.87 -0.87
C5 MPD MA . 20.53 -13.66 0.68
O8 MLK NA . 38.47 -26.79 -8.28
C8 MLK NA . 37.65 -27.55 -8.74
C9 MLK NA . 37.43 -27.78 -10.22
C10 MLK NA . 36.40 -28.93 -10.25
C12 MLK NA . 35.22 -28.58 -11.15
C11 MLK NA . 36.00 -29.09 -8.80
O11 MLK NA . 35.09 -29.79 -8.41
N7 MLK NA . 36.80 -28.32 -8.03
C6 MLK NA . 36.78 -28.32 -6.61
C5 MLK NA . 37.39 -29.36 -5.92
C4 MLK NA . 37.40 -29.38 -4.53
C3 MLK NA . 36.80 -28.37 -3.80
C2 MLK NA . 36.19 -27.32 -4.46
C1 MLK NA . 36.17 -27.29 -5.87
C13 MLK NA . 35.49 -26.16 -6.52
O13 MLK NA . 35.26 -26.17 -7.73
O14 MLK NA . 35.12 -25.10 -5.79
C15 MLK NA . 34.67 -23.90 -6.47
C16 MLK NA . 34.63 -22.77 -5.46
C21 MLK NA . 33.94 -23.31 -4.19
C20 MLK NA . 34.65 -22.85 -2.91
C19 MLK NA . 35.11 -21.40 -2.99
O19 MLK NA . 33.97 -20.53 -2.89
C22 MLK NA . 33.40 -20.72 -1.59
C18 MLK NA . 35.97 -21.08 -4.19
C17 MLK NA . 36.07 -22.30 -5.15
C26 MLK NA . 35.38 -20.02 -5.19
N23 MLK NA . 34.00 -20.35 -5.50
C24 MLK NA . 33.38 -19.34 -6.35
C25 MLK NA . 33.21 -18.02 -5.59
C23 MLK NA . 33.76 -21.65 -6.07
C30 MLK NA . 37.35 -20.65 -3.68
C33 MLK NA . 37.28 -19.44 -2.72
C34 MLK NA . 38.38 -18.45 -3.21
C35 MLK NA . 37.68 -17.47 -4.17
O35 MLK NA . 38.41 -16.24 -4.31
C37 MLK NA . 37.65 -15.26 -3.60
C36 MLK NA . 37.29 -18.05 -5.52
C31 MLK NA . 38.36 -20.25 -4.78
C38 MLK NA . 39.36 -19.33 -4.03
O38 MLK NA . 40.21 -18.58 -4.91
C39 MLK NA . 41.41 -19.32 -5.08
C32 MLK NA . 37.70 -19.46 -5.91
O32 MLK NA . 38.60 -19.36 -7.04
C27 MLK NA . 36.39 -20.19 -6.37
O27 MLK NA . 35.95 -19.71 -7.64
C28 MLK NA . 36.60 -21.72 -6.49
O28 MLK NA . 37.94 -22.11 -6.80
C29 MLK NA . 37.94 -23.50 -7.19
C1 MRD OA . 2.68 -27.10 -1.75
C2 MRD OA . 2.56 -26.13 -0.58
O2 MRD OA . 1.53 -26.71 0.30
CM MRD OA . 3.86 -26.06 0.21
C3 MRD OA . 2.20 -24.75 -1.17
C4 MRD OA . 1.92 -23.59 -0.20
O4 MRD OA . 3.09 -22.80 0.00
C5 MRD OA . 1.32 -23.99 1.15
C1 NAG PA . -32.36 -18.39 -7.07
C2 NAG PA . -33.00 -17.17 -7.75
C3 NAG PA . -34.41 -16.87 -7.20
C4 NAG PA . -35.25 -18.13 -7.18
C5 NAG PA . -34.52 -19.29 -6.51
C6 NAG PA . -35.32 -20.59 -6.60
C7 NAG PA . -31.71 -15.33 -8.69
C8 NAG PA . -30.68 -14.27 -8.47
N2 NAG PA . -32.13 -16.01 -7.62
O3 NAG PA . -35.05 -15.89 -7.99
O4 NAG PA . -36.48 -17.86 -6.53
O5 NAG PA . -33.25 -19.50 -7.11
O6 NAG PA . -35.07 -21.24 -7.83
O7 NAG PA . -32.14 -15.55 -9.83
O8 MLK QA . 11.62 -45.41 -4.04
C8 MLK QA . 11.22 -45.13 -5.15
C9 MLK QA . 12.11 -44.98 -6.37
C10 MLK QA . 11.12 -44.72 -7.53
C12 MLK QA . 11.43 -43.39 -8.22
C11 MLK QA . 9.78 -44.70 -6.82
O11 MLK QA . 8.71 -44.51 -7.37
N7 MLK QA . 9.95 -44.92 -5.50
C6 MLK QA . 8.87 -44.96 -4.60
C5 MLK QA . 8.18 -46.17 -4.44
C4 MLK QA . 7.11 -46.29 -3.58
C3 MLK QA . 6.70 -45.21 -2.83
C2 MLK QA . 7.35 -44.00 -2.95
C1 MLK QA . 8.43 -43.84 -3.82
C13 MLK QA . 9.06 -42.50 -3.87
O13 MLK QA . 9.94 -42.22 -4.68
O14 MLK QA . 8.65 -41.56 -3.00
C15 MLK QA . 9.39 -40.33 -2.85
C16 MLK QA . 9.08 -39.69 -1.50
C21 MLK QA . 7.58 -39.42 -1.41
C20 MLK QA . 7.00 -39.76 -0.03
C19 MLK QA . 7.92 -39.36 1.11
O19 MLK QA . 7.88 -37.93 1.26
C22 MLK QA . 6.52 -37.53 1.48
C18 MLK QA . 9.33 -39.88 1.00
C17 MLK QA . 9.55 -40.62 -0.34
C26 MLK QA . 10.42 -38.78 0.88
N23 MLK QA . 9.99 -37.82 -0.12
C24 MLK QA . 10.80 -36.60 -0.09
C25 MLK QA . 10.24 -35.61 0.94
C23 MLK QA . 9.82 -38.34 -1.45
C30 MLK QA . 9.66 -40.77 2.21
C33 MLK QA . 9.59 -40.04 3.55
C34 MLK QA . 10.83 -40.48 4.38
C35 MLK QA . 11.87 -39.35 4.20
O35 MLK QA . 12.89 -39.36 5.20
C37 MLK QA . 13.16 -37.99 5.52
C36 MLK QA . 12.44 -39.27 2.79
C31 MLK QA . 11.08 -41.39 2.19
C38 MLK QA . 11.33 -41.78 3.68
O38 MLK QA . 12.72 -42.07 3.92
C39 MLK QA . 12.87 -43.50 3.96
C32 MLK QA . 12.14 -40.38 1.77
O32 MLK QA . 13.37 -41.09 1.47
C27 MLK QA . 11.66 -39.66 0.48
O27 MLK QA . 12.74 -38.91 -0.13
C28 MLK QA . 11.09 -40.70 -0.51
O28 MLK QA . 11.60 -42.02 -0.31
C29 MLK QA . 11.31 -42.81 -1.47
#